data_1DXR
#
_entry.id   1DXR
#
_cell.length_a   223.500
_cell.length_b   223.500
_cell.length_c   113.600
_cell.angle_alpha   90.00
_cell.angle_beta   90.00
_cell.angle_gamma   90.00
#
_symmetry.space_group_name_H-M   'P 43 21 2'
#
loop_
_entity.id
_entity.type
_entity.pdbx_description
1 polymer 'PHOTOSYNTHETIC REACTION CENTER CYTOCHROME C SUBUNIT'
2 polymer 'PHOTOSYNTHETIC REACTION CENTER H SUBUNIT'
3 polymer 'PHOTOSYNTHETIC REACTION CENTER L SUBUNIT'
4 polymer 'PHOTOSYNTHETIC REACTION CENTER M SUBUNIT'
5 non-polymer 'HEME C'
6 non-polymer 'LAURYL DIMETHYLAMINE-N-OXIDE'
7 non-polymer 'SULFATE ION'
8 non-polymer 'BACTERIOCHLOROPHYLL B'
9 non-polymer 'BACTERIOPHEOPHYTIN B'
10 non-polymer 'FE (II) ION'
11 non-polymer MENAQUINONE-9
12 non-polymer 2-T-BUTYLAMINO-4-ETHYLAMINO-6-METHYLTHIO-S-TRIAZINE
13 non-polymer 15-cis-1,2-dihydroneurosporene
14 water water
#
loop_
_entity_poly.entity_id
_entity_poly.type
_entity_poly.pdbx_seq_one_letter_code
_entity_poly.pdbx_strand_id
1 'polypeptide(L)'
;CFEPPPATTTQTGFRGLSMGEVLHPATVKAKKERDAQYPPALAAVKAEGPPVSQVYKNVKVLGNLTEAEFLRTMTAITEW
VSPQEGCTYCHDENNLASEAKYPYVVARRMLEMTRAINTNWTQHVAQTGVTCYTCHRGTPLPPYVRYLEPTLPLNNRETP
THVERVETRSGYVVRLAKYTAYSALNYDPFTMFLANDKRQVRVVPQTALPLVGVSRGKERRPLSDAYATFALMMSISDSL
GTNCTFCHNAQTFESWGKKSTPQRAIAWWGIRMVRDLNMNYLAPLNASLPASRLGRQGEAPQADCRTCHQGVTKPLFGAS
RLKDYPELGPIKAAAK
;
C
2 'polypeptide(L)'
;(FME)YHGALAQHLDIAQLVWYAQWLVIWTVVLLYLRREDRREGYPLVEPLGLVKLAPEDGQVYELPYPKTFVLPHGGTV
TVPRRRPETRELKLAQTDGFEGAPLQPTGNPLVDAVGPASYAERAEVVDATVDGKAKIVPLRVATDFSIAEGDVDPRGLP
VVAADGVEAGTVTDLWVDRSEHYFRYLELSVAGSARTALIPLGFCDVKKDKIVVTSILSEQFANVPRLQSRDQITLREED
KVSAYYAGGLLYATPERAESLL
;
H
3 'polypeptide(L)'
;ALLSFERKYRVRGGTLIGGDLFDFWVGPYFVGFFGVSAIFFIFLGVSLIGYAASQGPTWDPFAISINPPDLKYGLGAAPL
LEGGFWQAITVCALGAFISWMLREVEISRKLGIGWHVPLAFCVPIFMFCVLQVFRPLLLGSWGHAFPYGILSHLDWVNNF
GYQYLNWFYNPGHMSSVSFLFVNAMALGLHGGLILSVANPGDGDKVKTAEHENQYFRDVVGYSIGALSIHRLGLFLASNI
FLTGAFGTIASGPFWTRGWPEWWGWWLDIPFWS
;
L
4 'polypeptide(L)'
;ADYQTIYTQIQARGPHITVSGEWGDNDRVGKPFYSYWLGKIGDAQIGPIYLGASGIAAFAFGSTAILIILFNMAAEVHFD
PLQFFRQFFWLGLYPPKAQYGMGIPPLHDGGWWLMAGLFMTLSLGSWWIRVYSRARALGLGTHIAWNFAAAIFFVLCIGC
IHPTLVGSWSEGVPFGIWPHIDWLTAFSIRYGNFYYCPWHGFSIGFAYGCGLLFAAHGATILAVARFGGDREIEQITDRG
TAVERAALFWRWTIGFNATIESVHRWGWFFSLMVMVSASVGILLTGTFVDNWYLWCVKHGAAPDYPAYLPATPDPASLPG
APK
;
M
#
loop_
_chem_comp.id
_chem_comp.type
_chem_comp.name
_chem_comp.formula
BCB non-polymer 'BACTERIOCHLOROPHYLL B' 'C55 H72 Mg N4 O6 2'
BPB non-polymer 'BACTERIOPHEOPHYTIN B' 'C55 H74 N4 O6'
FE2 non-polymer 'FE (II) ION' 'Fe 2'
HEC non-polymer 'HEME C' 'C34 H34 Fe N4 O4'
LDA non-polymer 'LAURYL DIMETHYLAMINE-N-OXIDE' 'C14 H31 N O'
MQ9 non-polymer MENAQUINONE-9 'C56 H80 O2'
MST non-polymer 2-T-BUTYLAMINO-4-ETHYLAMINO-6-METHYLTHIO-S-TRIAZINE 'C10 H19 N5 S'
NS5 non-polymer 15-cis-1,2-dihydroneurosporene 'C40 H60'
SO4 non-polymer 'SULFATE ION' 'O4 S -2'
#
# COMPACT_ATOMS: atom_id res chain seq x y z
N CYS A 1 19.29 -1.04 11.38
CA CYS A 1 18.63 -2.12 12.19
C CYS A 1 18.22 -3.32 11.28
N PHE A 2 19.16 -4.15 10.82
CA PHE A 2 18.80 -5.29 9.95
C PHE A 2 19.54 -6.59 10.23
N GLU A 3 19.02 -7.69 9.72
CA GLU A 3 19.57 -9.01 10.01
C GLU A 3 19.95 -9.69 8.70
N PRO A 4 21.24 -10.01 8.54
CA PRO A 4 21.74 -10.50 7.25
C PRO A 4 21.25 -11.91 6.94
N PRO A 5 21.03 -12.19 5.66
CA PRO A 5 20.62 -13.52 5.22
C PRO A 5 21.76 -14.52 5.43
N PRO A 6 21.47 -15.82 5.39
CA PRO A 6 20.18 -16.48 5.12
C PRO A 6 19.22 -16.49 6.33
N ALA A 7 17.94 -16.58 6.03
CA ALA A 7 16.92 -16.81 7.02
C ALA A 7 16.61 -18.31 6.99
N THR A 8 16.31 -18.88 8.15
CA THR A 8 15.79 -20.24 8.22
C THR A 8 14.28 -20.14 8.14
N THR A 9 13.65 -20.82 7.18
CA THR A 9 12.19 -20.79 7.09
C THR A 9 11.63 -22.20 7.14
N THR A 10 10.46 -22.37 7.78
CA THR A 10 9.77 -23.66 7.77
C THR A 10 8.42 -23.48 7.10
N GLN A 11 7.72 -24.59 6.88
CA GLN A 11 6.39 -24.56 6.29
C GLN A 11 5.42 -25.15 7.29
N THR A 12 4.34 -24.45 7.57
CA THR A 12 3.37 -24.92 8.56
C THR A 12 1.96 -24.95 7.96
N GLY A 13 1.88 -24.68 6.67
CA GLY A 13 0.60 -24.72 6.00
C GLY A 13 0.77 -25.20 4.58
N PHE A 14 -0.34 -25.47 3.94
CA PHE A 14 -0.36 -25.92 2.55
C PHE A 14 0.48 -24.97 1.69
N ARG A 15 1.17 -25.50 0.69
CA ARG A 15 2.04 -24.68 -0.14
C ARG A 15 1.32 -23.49 -0.79
N GLY A 16 1.99 -22.33 -0.82
CA GLY A 16 1.40 -21.12 -1.39
C GLY A 16 0.60 -20.24 -0.43
N LEU A 17 0.58 -20.60 0.86
CA LEU A 17 -0.13 -19.83 1.86
C LEU A 17 0.81 -18.94 2.69
N SER A 18 2.12 -19.05 2.47
CA SER A 18 3.11 -18.28 3.24
C SER A 18 2.98 -18.43 4.75
N MET A 19 2.80 -19.67 5.21
CA MET A 19 2.74 -20.01 6.62
C MET A 19 4.01 -20.74 7.05
N GLY A 20 4.61 -20.28 8.15
CA GLY A 20 5.71 -21.03 8.74
C GLY A 20 6.57 -20.10 9.57
N GLU A 21 7.62 -20.66 10.15
CA GLU A 21 8.58 -19.89 10.94
C GLU A 21 9.60 -19.17 10.07
N VAL A 22 10.04 -18.01 10.54
CA VAL A 22 11.15 -17.28 9.91
C VAL A 22 12.17 -16.94 11.01
N LEU A 23 13.34 -17.58 10.96
CA LEU A 23 14.31 -17.56 12.07
C LEU A 23 15.66 -16.99 11.62
N HIS A 24 16.31 -16.23 12.48
CA HIS A 24 17.64 -15.72 12.19
C HIS A 24 18.62 -16.69 12.80
N PRO A 25 19.45 -17.30 11.98
CA PRO A 25 20.25 -18.43 12.49
C PRO A 25 21.11 -18.07 13.71
N ALA A 26 21.61 -16.85 13.77
CA ALA A 26 22.46 -16.44 14.91
C ALA A 26 21.68 -16.32 16.21
N THR A 27 20.43 -15.86 16.11
CA THR A 27 19.59 -15.71 17.28
C THR A 27 19.27 -17.09 17.86
N VAL A 28 18.98 -18.04 16.99
CA VAL A 28 18.65 -19.39 17.40
C VAL A 28 19.85 -20.02 18.09
N LYS A 29 21.04 -19.79 17.53
CA LYS A 29 22.29 -20.31 18.08
C LYS A 29 22.55 -19.75 19.48
N ALA A 30 22.31 -18.46 19.64
CA ALA A 30 22.52 -17.79 20.90
C ALA A 30 21.58 -18.35 21.95
N LYS A 31 20.32 -18.57 21.57
CA LYS A 31 19.36 -19.18 22.49
C LYS A 31 19.68 -20.63 22.80
N LYS A 32 20.16 -21.38 21.80
CA LYS A 32 20.51 -22.78 21.99
C LYS A 32 21.58 -22.86 23.05
N GLU A 33 22.54 -21.95 22.96
CA GLU A 33 23.67 -21.93 23.90
C GLU A 33 23.26 -21.58 25.33
N ARG A 34 22.42 -20.55 25.47
CA ARG A 34 21.85 -20.21 26.76
C ARG A 34 21.13 -21.42 27.35
N ASP A 35 20.33 -22.09 26.53
CA ASP A 35 19.51 -23.15 27.05
C ASP A 35 20.30 -24.42 27.26
N ALA A 36 21.45 -24.50 26.61
CA ALA A 36 22.35 -25.64 26.77
C ALA A 36 23.01 -25.70 28.14
N GLN A 37 22.88 -24.62 28.91
CA GLN A 37 23.38 -24.61 30.27
C GLN A 37 22.57 -25.46 31.24
N TYR A 38 21.42 -25.97 30.81
CA TYR A 38 20.63 -26.92 31.61
C TYR A 38 21.57 -28.02 32.15
N PRO A 39 21.77 -28.06 33.47
CA PRO A 39 22.60 -29.10 34.08
C PRO A 39 22.10 -30.47 33.72
N PRO A 40 23.02 -31.43 33.55
CA PRO A 40 22.64 -32.81 33.28
C PRO A 40 22.05 -33.44 34.50
N ALA A 41 21.33 -34.53 34.28
CA ALA A 41 20.81 -35.30 35.38
C ALA A 41 21.97 -35.77 36.25
N LEU A 42 21.77 -35.67 37.57
CA LEU A 42 22.67 -36.31 38.52
C LEU A 42 22.56 -37.80 38.29
N ALA A 43 23.66 -38.50 38.51
CA ALA A 43 23.67 -39.96 38.43
C ALA A 43 22.56 -40.60 39.27
N ALA A 44 22.02 -41.70 38.77
CA ALA A 44 20.95 -42.39 39.46
C ALA A 44 21.53 -43.04 40.70
N VAL A 45 20.71 -43.17 41.73
CA VAL A 45 21.11 -43.82 42.97
C VAL A 45 20.21 -45.02 43.18
N LYS A 46 20.71 -46.03 43.90
CA LYS A 46 19.88 -47.18 44.21
C LYS A 46 18.98 -46.89 45.41
N ALA A 47 17.72 -47.28 45.29
CA ALA A 47 16.75 -47.08 46.36
C ALA A 47 16.96 -48.11 47.47
N GLU A 48 17.80 -47.74 48.43
CA GLU A 48 18.07 -48.58 49.58
C GLU A 48 17.49 -47.87 50.83
N GLY A 49 16.79 -48.64 51.67
CA GLY A 49 16.46 -48.15 53.00
C GLY A 49 15.00 -47.86 53.13
N PRO A 50 14.55 -47.32 54.27
CA PRO A 50 13.17 -46.87 54.46
C PRO A 50 12.86 -45.60 53.67
N PRO A 51 11.57 -45.35 53.38
CA PRO A 51 11.19 -44.01 52.93
C PRO A 51 11.59 -42.99 53.98
N VAL A 52 12.00 -41.83 53.51
CA VAL A 52 12.41 -40.76 54.38
C VAL A 52 11.22 -40.25 55.17
N SER A 53 10.02 -40.76 54.87
CA SER A 53 8.84 -40.47 55.69
C SER A 53 9.06 -40.98 57.11
N GLN A 54 9.82 -42.06 57.20
CA GLN A 54 10.27 -42.61 58.47
C GLN A 54 11.60 -41.96 58.87
N VAL A 55 12.60 -42.11 58.02
CA VAL A 55 13.92 -41.56 58.26
C VAL A 55 13.94 -40.10 58.74
N TYR A 56 13.28 -39.20 58.02
CA TYR A 56 13.41 -37.77 58.32
C TYR A 56 12.22 -37.27 59.11
N LYS A 57 12.26 -35.99 59.47
CA LYS A 57 11.30 -35.43 60.42
C LYS A 57 10.16 -34.64 59.80
N ASN A 58 10.46 -33.83 58.79
CA ASN A 58 9.49 -32.87 58.28
C ASN A 58 9.39 -32.97 56.76
N VAL A 59 9.21 -34.18 56.25
CA VAL A 59 9.09 -34.36 54.82
C VAL A 59 7.64 -34.63 54.45
N LYS A 60 7.04 -33.65 53.79
CA LYS A 60 5.60 -33.64 53.51
C LYS A 60 5.25 -34.07 52.09
N VAL A 61 6.14 -33.80 51.14
CA VAL A 61 5.83 -34.06 49.74
C VAL A 61 6.56 -35.30 49.22
N LEU A 62 7.86 -35.41 49.53
CA LEU A 62 8.70 -36.45 48.93
C LEU A 62 8.98 -37.60 49.89
N GLY A 63 8.03 -37.84 50.80
CA GLY A 63 8.22 -38.80 51.86
C GLY A 63 8.44 -40.23 51.40
N ASN A 64 8.05 -40.53 50.18
CA ASN A 64 8.16 -41.90 49.69
C ASN A 64 9.55 -42.22 49.16
N LEU A 65 10.40 -41.20 49.02
CA LEU A 65 11.75 -41.42 48.48
C LEU A 65 12.63 -42.08 49.55
N THR A 66 13.56 -42.92 49.13
CA THR A 66 14.61 -43.39 50.05
C THR A 66 15.59 -42.24 50.30
N GLU A 67 16.43 -42.37 51.32
CA GLU A 67 17.40 -41.33 51.65
C GLU A 67 18.29 -40.88 50.47
N ALA A 68 18.91 -41.84 49.78
CA ALA A 68 19.79 -41.54 48.66
C ALA A 68 19.04 -40.80 47.57
N GLU A 69 17.82 -41.25 47.27
CA GLU A 69 16.98 -40.62 46.27
C GLU A 69 16.60 -39.18 46.64
N PHE A 70 16.19 -38.98 47.89
CA PHE A 70 15.81 -37.68 48.40
C PHE A 70 16.95 -36.66 48.35
N LEU A 71 18.15 -37.12 48.73
CA LEU A 71 19.28 -36.22 48.81
C LEU A 71 19.76 -35.86 47.41
N ARG A 72 19.55 -36.77 46.47
CA ARG A 72 19.73 -36.48 45.05
C ARG A 72 18.79 -35.37 44.59
N THR A 73 17.55 -35.40 45.04
CA THR A 73 16.59 -34.38 44.69
C THR A 73 17.03 -33.04 45.26
N MET A 74 17.43 -33.02 46.52
CA MET A 74 17.84 -31.78 47.14
C MET A 74 19.06 -31.18 46.44
N THR A 75 19.94 -32.06 45.98
CA THR A 75 21.12 -31.61 45.26
C THR A 75 20.71 -31.03 43.90
N ALA A 76 19.74 -31.65 43.24
CA ALA A 76 19.27 -31.18 41.94
C ALA A 76 18.57 -29.84 42.09
N ILE A 77 17.69 -29.74 43.08
CA ILE A 77 17.00 -28.50 43.39
C ILE A 77 17.97 -27.33 43.66
N THR A 78 19.05 -27.61 44.39
CA THR A 78 20.00 -26.55 44.79
C THR A 78 20.72 -26.03 43.55
N GLU A 79 20.99 -26.95 42.65
CA GLU A 79 21.62 -26.62 41.40
C GLU A 79 20.73 -25.83 40.42
N TRP A 80 19.43 -26.13 40.42
CA TRP A 80 18.49 -25.45 39.53
C TRP A 80 18.06 -24.07 40.02
N VAL A 81 17.95 -23.90 41.33
CA VAL A 81 17.29 -22.73 41.90
C VAL A 81 18.28 -21.83 42.62
N SER A 82 19.12 -22.40 43.46
CA SER A 82 19.98 -21.58 44.28
C SER A 82 21.40 -22.14 44.34
N PRO A 83 22.04 -22.31 43.16
CA PRO A 83 23.40 -22.85 43.09
C PRO A 83 24.44 -21.95 43.76
N GLN A 84 24.27 -20.63 43.63
N GLN A 84 24.28 -20.64 43.63
CA GLN A 84 25.22 -19.69 44.21
CA GLN A 84 25.23 -19.71 44.21
C GLN A 84 25.08 -19.56 45.71
C GLN A 84 25.10 -19.67 45.72
N GLU A 85 23.89 -19.88 46.22
CA GLU A 85 23.63 -19.71 47.63
C GLU A 85 23.80 -21.02 48.41
N GLY A 86 23.53 -22.15 47.76
CA GLY A 86 23.73 -23.43 48.41
C GLY A 86 22.52 -23.89 49.20
N CYS A 87 22.65 -25.00 49.93
CA CYS A 87 21.56 -25.58 50.70
C CYS A 87 20.98 -24.60 51.69
N THR A 88 21.80 -23.72 52.22
CA THR A 88 21.33 -22.84 53.30
C THR A 88 20.43 -21.74 52.80
N TYR A 89 20.22 -21.65 51.51
CA TYR A 89 19.26 -20.71 50.98
C TYR A 89 17.91 -21.00 51.61
N CYS A 90 17.61 -22.28 51.80
CA CYS A 90 16.33 -22.72 52.33
C CYS A 90 16.42 -23.31 53.73
N HIS A 91 17.59 -23.80 54.11
CA HIS A 91 17.72 -24.53 55.34
C HIS A 91 18.44 -23.74 56.41
N ASP A 92 17.97 -23.90 57.64
CA ASP A 92 18.80 -23.65 58.79
C ASP A 92 19.85 -24.77 58.80
N GLU A 93 21.12 -24.40 58.78
N GLU A 93 21.12 -24.39 58.77
CA GLU A 93 22.19 -25.39 58.68
CA GLU A 93 22.23 -25.34 58.73
C GLU A 93 22.38 -26.21 59.95
C GLU A 93 22.13 -26.34 59.87
N ASN A 94 21.62 -25.87 60.99
CA ASN A 94 21.62 -26.67 62.21
C ASN A 94 20.32 -27.39 62.45
N ASN A 95 19.28 -27.04 61.70
CA ASN A 95 18.04 -27.80 61.76
C ASN A 95 17.40 -27.90 60.38
N LEU A 96 17.57 -29.05 59.75
CA LEU A 96 17.15 -29.20 58.37
C LEU A 96 15.65 -29.41 58.24
N ALA A 97 14.98 -29.61 59.36
CA ALA A 97 13.54 -29.70 59.35
C ALA A 97 12.92 -28.34 59.62
N SER A 98 13.76 -27.36 59.94
CA SER A 98 13.27 -26.03 60.23
C SER A 98 12.62 -25.42 59.00
N GLU A 99 11.44 -24.84 59.21
CA GLU A 99 10.71 -24.14 58.16
C GLU A 99 10.86 -22.64 58.28
N ALA A 100 11.94 -22.22 58.95
CA ALA A 100 12.10 -20.84 59.36
C ALA A 100 12.34 -19.89 58.20
N LYS A 101 13.08 -20.34 57.18
CA LYS A 101 13.39 -19.44 56.08
C LYS A 101 12.30 -19.55 55.03
N TYR A 102 11.81 -18.41 54.55
CA TYR A 102 10.70 -18.45 53.60
C TYR A 102 10.95 -19.27 52.31
N PRO A 103 12.22 -19.31 51.80
CA PRO A 103 12.37 -20.13 50.60
C PRO A 103 12.00 -21.57 50.84
N TYR A 104 12.07 -22.02 52.08
CA TYR A 104 11.76 -23.40 52.39
C TYR A 104 10.29 -23.63 52.12
N VAL A 105 9.44 -22.80 52.68
CA VAL A 105 8.01 -23.04 52.56
C VAL A 105 7.54 -22.78 51.15
N VAL A 106 8.12 -21.78 50.50
CA VAL A 106 7.82 -21.53 49.10
C VAL A 106 8.26 -22.73 48.24
N ALA A 107 9.42 -23.30 48.55
CA ALA A 107 9.95 -24.44 47.80
C ALA A 107 9.07 -25.66 47.93
N ARG A 108 8.46 -25.84 49.09
CA ARG A 108 7.57 -26.99 49.29
C ARG A 108 6.35 -26.87 48.38
N ARG A 109 5.81 -25.66 48.30
CA ARG A 109 4.70 -25.31 47.40
C ARG A 109 5.09 -25.50 45.94
N MET A 110 6.35 -25.22 45.62
CA MET A 110 6.89 -25.36 44.28
C MET A 110 7.12 -26.79 43.87
N LEU A 111 7.41 -27.66 44.83
CA LEU A 111 7.47 -29.09 44.56
C LEU A 111 6.09 -29.60 44.18
N GLU A 112 5.07 -29.11 44.89
CA GLU A 112 3.68 -29.44 44.58
C GLU A 112 3.22 -28.91 43.22
N MET A 113 3.48 -27.62 42.98
CA MET A 113 3.20 -27.02 41.69
C MET A 113 3.89 -27.74 40.54
N THR A 114 5.16 -28.09 40.72
CA THR A 114 5.91 -28.78 39.69
C THR A 114 5.35 -30.18 39.42
N ARG A 115 5.01 -30.89 40.48
CA ARG A 115 4.40 -32.21 40.32
C ARG A 115 3.00 -32.10 39.70
N ALA A 116 2.35 -30.96 39.91
CA ALA A 116 1.05 -30.71 39.33
C ALA A 116 1.16 -30.47 37.82
N ILE A 117 2.13 -29.68 37.40
CA ILE A 117 2.30 -29.41 35.98
C ILE A 117 2.56 -30.70 35.24
N ASN A 118 3.42 -31.53 35.80
CA ASN A 118 3.84 -32.74 35.11
C ASN A 118 2.78 -33.84 35.17
N THR A 119 1.88 -33.74 36.14
CA THR A 119 0.86 -34.76 36.30
C THR A 119 -0.45 -34.36 35.65
N ASN A 120 -0.84 -33.12 35.85
CA ASN A 120 -2.17 -32.66 35.47
C ASN A 120 -2.21 -31.82 34.22
N TRP A 121 -1.05 -31.41 33.71
CA TRP A 121 -1.03 -30.56 32.52
C TRP A 121 -0.21 -31.19 31.43
N THR A 122 -0.35 -32.49 31.26
CA THR A 122 0.32 -33.20 30.20
C THR A 122 -0.18 -32.84 28.81
N GLN A 123 -1.36 -32.23 28.78
N GLN A 123 -1.39 -32.29 28.71
CA GLN A 123 -1.95 -31.73 27.55
CA GLN A 123 -1.87 -31.83 27.40
C GLN A 123 -1.02 -30.68 26.96
C GLN A 123 -1.11 -30.58 26.93
N HIS A 124 -0.39 -29.94 27.84
CA HIS A 124 0.56 -28.93 27.44
C HIS A 124 1.99 -29.44 27.44
N VAL A 125 2.49 -29.92 28.58
CA VAL A 125 3.92 -30.21 28.72
C VAL A 125 4.26 -31.59 28.21
N ALA A 126 3.23 -32.38 27.92
CA ALA A 126 3.38 -33.73 27.40
C ALA A 126 4.37 -34.54 28.22
N GLN A 127 5.32 -35.18 27.56
CA GLN A 127 6.30 -36.00 28.25
C GLN A 127 7.66 -35.28 28.31
N THR A 128 7.69 -34.01 27.91
CA THR A 128 8.86 -33.19 28.12
C THR A 128 8.89 -32.73 29.57
N GLY A 129 7.78 -32.22 30.07
CA GLY A 129 7.69 -31.89 31.47
C GLY A 129 8.51 -30.66 31.82
N VAL A 130 8.41 -30.20 33.07
CA VAL A 130 9.21 -29.10 33.55
C VAL A 130 9.96 -29.50 34.84
N THR A 131 11.10 -28.86 35.09
CA THR A 131 11.78 -28.97 36.38
C THR A 131 11.85 -27.56 36.92
N CYS A 132 12.37 -27.39 38.13
CA CYS A 132 12.57 -26.06 38.66
C CYS A 132 13.40 -25.21 37.72
N TYR A 133 14.32 -25.82 36.98
CA TYR A 133 15.23 -25.07 36.13
C TYR A 133 14.51 -24.37 34.98
N THR A 134 13.46 -24.99 34.46
CA THR A 134 12.69 -24.43 33.35
C THR A 134 12.31 -22.96 33.58
N CYS A 135 11.86 -22.62 34.79
CA CYS A 135 11.60 -21.22 35.13
C CYS A 135 12.78 -20.51 35.76
N HIS A 136 13.37 -21.11 36.79
CA HIS A 136 14.38 -20.42 37.61
C HIS A 136 15.72 -20.15 36.93
N ARG A 137 16.14 -21.08 36.09
CA ARG A 137 17.39 -20.94 35.36
C ARG A 137 18.57 -20.62 36.31
N GLY A 138 18.64 -21.26 37.47
CA GLY A 138 19.79 -21.07 38.34
C GLY A 138 19.76 -19.88 39.30
N THR A 139 18.66 -19.16 39.36
CA THR A 139 18.49 -18.17 40.39
C THR A 139 17.16 -18.35 41.10
N PRO A 140 17.11 -17.99 42.38
CA PRO A 140 15.87 -18.05 43.17
C PRO A 140 14.72 -17.25 42.57
N LEU A 141 15.00 -16.02 42.11
CA LEU A 141 14.05 -15.24 41.35
C LEU A 141 14.15 -15.63 39.88
N PRO A 142 13.06 -16.17 39.31
CA PRO A 142 13.12 -16.56 37.89
C PRO A 142 13.29 -15.31 37.03
N PRO A 143 14.06 -15.42 35.94
CA PRO A 143 14.39 -14.25 35.13
C PRO A 143 13.19 -13.53 34.48
N TYR A 144 12.13 -14.25 34.14
CA TYR A 144 11.01 -13.65 33.45
C TYR A 144 9.73 -13.87 34.19
N VAL A 145 9.32 -12.86 34.98
CA VAL A 145 8.10 -12.96 35.76
C VAL A 145 7.24 -11.73 35.47
N ARG A 146 5.99 -11.78 35.92
CA ARG A 146 5.05 -10.70 35.63
C ARG A 146 4.40 -10.21 36.91
N TYR A 147 4.32 -8.89 37.06
CA TYR A 147 3.50 -8.27 38.09
C TYR A 147 2.18 -7.86 37.47
N LEU A 148 1.35 -7.18 38.26
CA LEU A 148 0.05 -6.74 37.79
C LEU A 148 0.14 -5.42 37.05
N GLU A 149 1.36 -4.98 36.78
CA GLU A 149 1.59 -3.90 35.84
C GLU A 149 2.82 -4.26 35.03
N PRO A 150 2.92 -3.77 33.79
CA PRO A 150 4.10 -4.15 33.00
C PRO A 150 5.40 -3.57 33.59
N THR A 151 6.44 -4.39 33.63
CA THR A 151 7.73 -3.94 34.12
C THR A 151 8.82 -4.16 33.07
N LEU A 152 9.91 -3.41 33.18
CA LEU A 152 11.03 -3.51 32.23
C LEU A 152 12.34 -3.45 33.04
N PRO A 153 13.41 -4.10 32.54
CA PRO A 153 13.55 -5.02 31.41
C PRO A 153 12.76 -6.31 31.63
N LEU A 154 12.44 -7.00 30.54
CA LEU A 154 11.68 -8.24 30.63
C LEU A 154 12.48 -9.22 31.46
N ASN A 155 13.78 -9.25 31.22
CA ASN A 155 14.66 -10.07 32.04
C ASN A 155 15.09 -9.27 33.24
N ASN A 156 14.70 -9.72 34.42
CA ASN A 156 14.91 -8.95 35.64
C ASN A 156 16.36 -9.05 36.17
N ARG A 157 17.19 -9.83 35.49
CA ARG A 157 18.61 -9.85 35.77
C ARG A 157 19.28 -8.61 35.19
N GLU A 158 18.56 -7.90 34.33
CA GLU A 158 19.08 -6.68 33.74
C GLU A 158 18.68 -5.51 34.60
N THR A 159 19.49 -4.47 34.58
CA THR A 159 19.28 -3.31 35.44
C THR A 159 18.44 -2.27 34.72
N PRO A 160 17.33 -1.82 35.34
CA PRO A 160 16.44 -0.87 34.68
C PRO A 160 17.06 0.50 34.57
N THR A 161 16.77 1.18 33.48
CA THR A 161 17.02 2.61 33.42
C THR A 161 15.97 3.27 34.31
N HIS A 162 16.08 4.58 34.49
CA HIS A 162 15.16 5.31 35.35
C HIS A 162 13.76 5.30 34.73
N VAL A 163 13.69 5.55 33.42
CA VAL A 163 12.44 5.55 32.66
C VAL A 163 11.74 4.18 32.66
N GLU A 164 12.54 3.12 32.67
CA GLU A 164 12.03 1.76 32.76
C GLU A 164 11.42 1.46 34.10
N ARG A 165 11.84 2.19 35.12
CA ARG A 165 11.36 1.92 36.47
C ARG A 165 9.86 2.17 36.54
N VAL A 166 9.18 1.25 37.20
CA VAL A 166 7.74 1.21 37.19
C VAL A 166 7.18 2.46 37.86
N GLU A 167 8.00 3.12 38.67
CA GLU A 167 7.60 4.37 39.32
C GLU A 167 7.59 5.55 38.37
N THR A 168 8.43 5.47 37.34
CA THR A 168 8.50 6.54 36.36
C THR A 168 7.31 6.47 35.39
N ARG A 169 6.32 7.34 35.64
CA ARG A 169 5.06 7.33 34.91
C ARG A 169 5.25 7.54 33.42
N SER A 170 6.27 8.32 33.05
CA SER A 170 6.48 8.69 31.67
C SER A 170 6.96 7.53 30.83
N GLY A 171 7.38 6.46 31.49
CA GLY A 171 7.88 5.28 30.80
C GLY A 171 6.82 4.19 30.61
N TYR A 172 5.59 4.50 30.98
CA TYR A 172 4.51 3.53 30.93
C TYR A 172 4.27 2.96 29.53
N VAL A 173 4.17 3.84 28.53
CA VAL A 173 3.83 3.42 27.17
C VAL A 173 4.90 2.50 26.59
N VAL A 174 6.15 2.68 27.00
CA VAL A 174 7.24 1.81 26.57
C VAL A 174 7.25 0.50 27.32
N ARG A 175 6.87 0.50 28.59
CA ARG A 175 6.78 -0.74 29.34
C ARG A 175 5.70 -1.65 28.74
N LEU A 176 4.60 -1.04 28.31
CA LEU A 176 3.52 -1.75 27.66
C LEU A 176 3.93 -2.23 26.27
N ALA A 177 4.53 -1.34 25.47
CA ALA A 177 4.95 -1.68 24.13
C ALA A 177 5.92 -2.84 24.12
N LYS A 178 6.84 -2.88 25.06
CA LYS A 178 7.84 -3.92 25.00
C LYS A 178 7.32 -5.26 25.50
N TYR A 179 6.11 -5.25 26.06
CA TYR A 179 5.43 -6.50 26.39
C TYR A 179 4.54 -7.02 25.24
N THR A 180 4.26 -6.16 24.26
CA THR A 180 3.41 -6.51 23.13
C THR A 180 4.17 -6.40 21.82
N ALA A 181 5.40 -6.91 21.82
CA ALA A 181 6.28 -6.93 20.65
C ALA A 181 6.45 -5.57 19.97
N TYR A 182 6.52 -4.51 20.79
CA TYR A 182 6.72 -3.14 20.35
C TYR A 182 5.52 -2.50 19.70
N SER A 183 4.35 -3.13 19.79
CA SER A 183 3.17 -2.53 19.19
C SER A 183 2.75 -1.36 20.06
N ALA A 184 1.81 -0.55 19.58
CA ALA A 184 1.24 0.48 20.41
C ALA A 184 -0.08 0.07 21.09
N LEU A 185 -0.39 -1.21 21.13
CA LEU A 185 -1.69 -1.65 21.64
C LEU A 185 -1.81 -1.29 23.10
N ASN A 186 -2.88 -0.60 23.44
CA ASN A 186 -2.95 0.06 24.73
C ASN A 186 -3.53 -0.86 25.80
N TYR A 187 -3.08 -2.11 25.84
CA TYR A 187 -3.69 -3.11 26.71
C TYR A 187 -2.60 -3.99 27.29
N ASP A 188 -2.79 -4.43 28.52
CA ASP A 188 -1.86 -5.36 29.13
C ASP A 188 -2.50 -6.75 29.09
N PRO A 189 -1.99 -7.64 28.23
CA PRO A 189 -2.68 -8.92 28.08
C PRO A 189 -2.42 -9.87 29.24
N PHE A 190 -1.42 -9.57 30.08
CA PHE A 190 -1.17 -10.43 31.23
C PHE A 190 -2.29 -10.32 32.25
N THR A 191 -2.57 -9.10 32.69
CA THR A 191 -3.55 -8.95 33.75
C THR A 191 -4.97 -9.17 33.20
N MET A 192 -5.13 -8.91 31.91
CA MET A 192 -6.41 -9.16 31.27
C MET A 192 -6.71 -10.64 31.06
N PHE A 193 -5.71 -11.41 30.67
CA PHE A 193 -5.96 -12.78 30.22
C PHE A 193 -5.31 -13.86 31.03
N LEU A 194 -4.10 -13.62 31.52
CA LEU A 194 -3.30 -14.72 32.07
C LEU A 194 -3.27 -14.82 33.61
N ALA A 195 -3.62 -13.73 34.29
CA ALA A 195 -3.61 -13.71 35.76
C ALA A 195 -4.77 -14.51 36.31
N ASN A 196 -5.88 -14.56 35.57
CA ASN A 196 -7.04 -15.32 35.99
C ASN A 196 -7.86 -15.71 34.77
N ASP A 197 -9.02 -16.31 35.03
CA ASP A 197 -9.87 -16.86 33.98
C ASP A 197 -11.12 -16.05 33.72
N LYS A 198 -11.06 -14.76 33.99
CA LYS A 198 -12.24 -13.90 33.89
C LYS A 198 -12.63 -13.53 32.47
N ARG A 199 -11.69 -13.55 31.55
N ARG A 199 -11.67 -13.29 31.60
CA ARG A 199 -11.86 -12.90 30.27
CA ARG A 199 -12.01 -12.82 30.27
C ARG A 199 -11.88 -13.95 29.18
C ARG A 199 -11.89 -13.90 29.21
N GLN A 200 -12.67 -13.71 28.14
CA GLN A 200 -12.74 -14.65 27.05
C GLN A 200 -11.81 -14.09 25.96
N VAL A 201 -10.90 -14.92 25.46
CA VAL A 201 -9.96 -14.50 24.42
C VAL A 201 -10.60 -14.35 23.04
N ARG A 202 -11.60 -15.18 22.74
CA ARG A 202 -12.23 -15.16 21.42
C ARG A 202 -13.13 -13.96 21.26
N VAL A 203 -12.98 -13.26 20.14
CA VAL A 203 -13.75 -12.05 19.87
C VAL A 203 -14.49 -12.10 18.52
N VAL A 204 -14.16 -13.07 17.67
CA VAL A 204 -14.68 -13.07 16.30
C VAL A 204 -16.01 -13.81 16.28
N PRO A 205 -17.03 -13.24 15.62
CA PRO A 205 -18.32 -13.91 15.47
C PRO A 205 -18.23 -15.24 14.74
N GLN A 206 -19.10 -16.17 15.11
CA GLN A 206 -19.11 -17.46 14.46
C GLN A 206 -20.29 -17.63 13.49
N THR A 207 -20.95 -16.53 13.16
CA THR A 207 -21.97 -16.50 12.12
C THR A 207 -21.62 -15.43 11.10
N ALA A 208 -22.09 -15.59 9.87
CA ALA A 208 -21.89 -14.62 8.83
C ALA A 208 -22.60 -13.28 9.12
N LEU A 209 -23.86 -13.34 9.55
CA LEU A 209 -24.66 -12.13 9.79
C LEU A 209 -24.71 -11.85 11.27
N PRO A 210 -24.92 -10.59 11.66
CA PRO A 210 -25.05 -10.27 13.08
C PRO A 210 -26.34 -10.84 13.70
N LEU A 211 -26.21 -11.64 14.74
CA LEU A 211 -27.37 -12.16 15.47
C LEU A 211 -28.09 -11.06 16.22
N VAL A 212 -29.38 -10.94 15.97
CA VAL A 212 -30.23 -9.98 16.68
C VAL A 212 -30.25 -10.34 18.16
N GLY A 213 -29.93 -9.36 19.00
CA GLY A 213 -29.90 -9.62 20.42
C GLY A 213 -28.53 -9.51 21.04
N VAL A 214 -27.48 -9.56 20.24
CA VAL A 214 -26.12 -9.32 20.75
C VAL A 214 -25.35 -8.29 19.90
N SER A 215 -26.03 -7.63 18.98
CA SER A 215 -25.30 -6.91 17.96
C SER A 215 -25.49 -5.43 17.98
N ARG A 216 -26.12 -4.89 19.00
CA ARG A 216 -26.35 -3.45 19.01
C ARG A 216 -26.13 -2.85 20.37
N GLY A 217 -25.52 -1.66 20.41
CA GLY A 217 -25.41 -0.91 21.65
C GLY A 217 -24.68 -1.64 22.76
N LYS A 218 -25.20 -1.53 23.98
CA LYS A 218 -24.55 -2.15 25.13
C LYS A 218 -24.60 -3.68 25.09
N GLU A 219 -25.32 -4.27 24.13
CA GLU A 219 -25.34 -5.72 24.02
C GLU A 219 -23.99 -6.19 23.53
N ARG A 220 -23.27 -5.30 22.85
CA ARG A 220 -22.03 -5.66 22.15
C ARG A 220 -20.82 -5.61 23.06
N ARG A 221 -19.89 -6.53 22.85
CA ARG A 221 -18.53 -6.33 23.36
C ARG A 221 -17.90 -5.11 22.69
N PRO A 222 -17.15 -4.31 23.48
CA PRO A 222 -16.50 -3.14 22.88
C PRO A 222 -15.36 -3.56 21.95
N LEU A 223 -15.04 -2.73 20.97
CA LEU A 223 -14.00 -3.07 19.98
C LEU A 223 -12.66 -3.23 20.68
N SER A 224 -12.56 -2.65 21.88
CA SER A 224 -11.38 -2.75 22.68
C SER A 224 -11.02 -4.19 22.96
N ASP A 225 -12.00 -5.08 23.00
CA ASP A 225 -11.72 -6.50 23.20
C ASP A 225 -10.91 -7.12 22.10
N ALA A 226 -11.13 -6.69 20.87
CA ALA A 226 -10.37 -7.20 19.76
C ALA A 226 -8.92 -6.69 19.79
N TYR A 227 -8.70 -5.43 20.16
CA TYR A 227 -7.32 -4.94 20.41
C TYR A 227 -6.61 -5.78 21.47
N ALA A 228 -7.28 -6.04 22.59
CA ALA A 228 -6.66 -6.75 23.69
C ALA A 228 -6.24 -8.13 23.28
N THR A 229 -7.10 -8.82 22.54
CA THR A 229 -6.77 -10.14 22.04
C THR A 229 -5.57 -10.08 21.08
N PHE A 230 -5.52 -9.07 20.21
CA PHE A 230 -4.39 -8.93 19.30
C PHE A 230 -3.12 -8.70 20.15
N ALA A 231 -3.26 -7.90 21.22
CA ALA A 231 -2.16 -7.64 22.14
C ALA A 231 -1.69 -8.93 22.81
N LEU A 232 -2.61 -9.75 23.29
CA LEU A 232 -2.22 -11.04 23.82
C LEU A 232 -1.47 -11.87 22.80
N MET A 233 -1.92 -11.81 21.55
CA MET A 233 -1.33 -12.65 20.53
C MET A 233 0.03 -12.14 20.07
N MET A 234 0.23 -10.83 20.12
CA MET A 234 1.57 -10.25 19.88
C MET A 234 2.52 -10.74 20.99
N SER A 235 2.01 -10.78 22.21
CA SER A 235 2.79 -11.16 23.34
C SER A 235 3.17 -12.63 23.29
N ILE A 236 2.20 -13.50 22.97
CA ILE A 236 2.42 -14.94 22.84
C ILE A 236 3.47 -15.22 21.76
N SER A 237 3.33 -14.53 20.63
CA SER A 237 4.29 -14.67 19.54
C SER A 237 5.70 -14.31 20.00
N ASP A 238 5.88 -13.15 20.60
CA ASP A 238 7.20 -12.75 21.07
C ASP A 238 7.76 -13.69 22.15
N SER A 239 6.89 -14.14 23.05
CA SER A 239 7.28 -15.05 24.11
C SER A 239 7.82 -16.35 23.61
N LEU A 240 7.28 -16.86 22.51
CA LEU A 240 7.76 -18.12 21.99
C LEU A 240 8.76 -17.92 20.85
N GLY A 241 9.06 -16.67 20.49
CA GLY A 241 9.95 -16.44 19.37
C GLY A 241 9.40 -16.91 18.04
N THR A 242 8.11 -16.66 17.81
CA THR A 242 7.46 -17.14 16.60
C THR A 242 6.44 -16.12 16.09
N ASN A 243 5.72 -16.48 15.04
CA ASN A 243 4.76 -15.58 14.41
C ASN A 243 3.39 -16.28 14.34
N CYS A 244 2.35 -15.52 13.99
CA CYS A 244 0.98 -16.00 13.99
C CYS A 244 0.78 -17.30 13.23
N THR A 245 1.50 -17.46 12.12
CA THR A 245 1.29 -18.60 11.25
C THR A 245 1.87 -19.88 11.81
N PHE A 246 2.52 -19.80 12.96
CA PHE A 246 2.94 -20.98 13.67
C PHE A 246 1.68 -21.69 14.17
N CYS A 247 0.61 -20.92 14.36
CA CYS A 247 -0.61 -21.47 14.92
C CYS A 247 -1.85 -21.31 14.09
N HIS A 248 -1.91 -20.23 13.29
CA HIS A 248 -3.12 -19.87 12.57
C HIS A 248 -2.86 -19.92 11.07
N ASN A 249 -3.89 -20.22 10.28
CA ASN A 249 -3.96 -19.74 8.90
C ASN A 249 -4.71 -18.42 8.97
N ALA A 250 -4.07 -17.30 8.64
CA ALA A 250 -4.67 -16.01 8.86
C ALA A 250 -5.92 -15.82 8.02
N GLN A 251 -6.15 -16.68 7.03
CA GLN A 251 -7.41 -16.67 6.30
C GLN A 251 -8.60 -16.58 7.26
N THR A 252 -8.53 -17.34 8.35
CA THR A 252 -9.57 -17.32 9.35
C THR A 252 -8.99 -17.70 10.72
N PHE A 253 -8.64 -16.68 11.49
CA PHE A 253 -8.03 -16.83 12.81
C PHE A 253 -8.94 -17.58 13.74
N GLU A 254 -10.23 -17.41 13.54
CA GLU A 254 -11.21 -17.96 14.46
C GLU A 254 -11.52 -19.43 14.20
N SER A 255 -11.08 -19.97 13.08
CA SER A 255 -11.39 -21.36 12.72
C SER A 255 -10.33 -22.36 13.17
N TRP A 256 -10.77 -23.57 13.44
CA TRP A 256 -9.86 -24.64 13.80
C TRP A 256 -9.90 -25.66 12.68
N GLY A 257 -9.69 -26.93 12.98
CA GLY A 257 -9.64 -27.92 11.92
C GLY A 257 -8.42 -27.72 11.05
N LYS A 258 -8.63 -27.61 9.73
CA LYS A 258 -7.54 -27.38 8.79
C LYS A 258 -6.95 -25.97 8.88
N LYS A 259 -7.67 -25.06 9.49
CA LYS A 259 -7.25 -23.67 9.55
C LYS A 259 -6.35 -23.40 10.75
N SER A 260 -6.13 -24.43 11.57
CA SER A 260 -5.27 -24.29 12.72
C SER A 260 -4.29 -25.47 12.80
N THR A 261 -3.08 -25.18 13.30
CA THR A 261 -2.03 -26.19 13.45
C THR A 261 -2.17 -26.87 14.83
N PRO A 262 -1.54 -28.04 14.99
CA PRO A 262 -1.54 -28.72 16.29
C PRO A 262 -0.98 -27.85 17.44
N GLN A 263 -0.06 -26.95 17.10
CA GLN A 263 0.50 -26.05 18.09
C GLN A 263 -0.51 -25.07 18.67
N ARG A 264 -1.56 -24.76 17.91
CA ARG A 264 -2.57 -23.85 18.45
C ARG A 264 -3.36 -24.49 19.58
N ALA A 265 -3.61 -25.79 19.47
CA ALA A 265 -4.34 -26.48 20.51
C ALA A 265 -3.44 -26.64 21.73
N ILE A 266 -2.14 -26.86 21.51
CA ILE A 266 -1.21 -26.93 22.64
C ILE A 266 -1.13 -25.58 23.36
N ALA A 267 -1.16 -24.49 22.59
CA ALA A 267 -1.21 -23.15 23.16
C ALA A 267 -2.50 -22.88 23.96
N TRP A 268 -3.63 -23.38 23.47
CA TRP A 268 -4.91 -23.28 24.20
C TRP A 268 -4.77 -23.87 25.61
N TRP A 269 -4.23 -25.08 25.70
CA TRP A 269 -3.97 -25.70 26.99
C TRP A 269 -2.98 -24.93 27.84
N GLY A 270 -1.99 -24.31 27.21
CA GLY A 270 -1.05 -23.48 27.92
C GLY A 270 -1.69 -22.28 28.60
N ILE A 271 -2.64 -21.65 27.93
CA ILE A 271 -3.40 -20.56 28.55
C ILE A 271 -4.12 -21.05 29.82
N ARG A 272 -4.71 -22.25 29.76
CA ARG A 272 -5.43 -22.79 30.91
C ARG A 272 -4.43 -23.17 32.01
N MET A 273 -3.30 -23.77 31.62
CA MET A 273 -2.27 -24.12 32.57
C MET A 273 -1.69 -22.89 33.29
N VAL A 274 -1.36 -21.85 32.54
CA VAL A 274 -0.85 -20.62 33.15
C VAL A 274 -1.84 -20.00 34.14
N ARG A 275 -3.13 -19.96 33.80
CA ARG A 275 -4.14 -19.42 34.69
C ARG A 275 -4.23 -20.23 36.00
N ASP A 276 -4.17 -21.55 35.89
CA ASP A 276 -4.14 -22.43 37.06
C ASP A 276 -2.93 -22.15 37.98
N LEU A 277 -1.75 -22.04 37.39
CA LEU A 277 -0.52 -21.80 38.14
C LEU A 277 -0.64 -20.49 38.85
N ASN A 278 -1.11 -19.47 38.15
CA ASN A 278 -1.25 -18.13 38.71
C ASN A 278 -2.32 -18.02 39.81
N MET A 279 -3.50 -18.54 39.54
CA MET A 279 -4.57 -18.42 40.50
C MET A 279 -4.31 -19.28 41.70
N ASN A 280 -3.76 -20.45 41.49
CA ASN A 280 -3.76 -21.47 42.52
C ASN A 280 -2.42 -21.74 43.20
N TYR A 281 -1.31 -21.35 42.58
CA TYR A 281 0.00 -21.59 43.18
C TYR A 281 0.78 -20.33 43.46
N LEU A 282 0.87 -19.45 42.47
CA LEU A 282 1.79 -18.32 42.53
C LEU A 282 1.21 -17.09 43.19
N ALA A 283 -0.01 -16.72 42.85
CA ALA A 283 -0.60 -15.52 43.43
C ALA A 283 -0.75 -15.59 44.94
N PRO A 284 -1.16 -16.76 45.49
CA PRO A 284 -1.24 -16.93 46.94
C PRO A 284 0.10 -16.79 47.70
N LEU A 285 1.22 -16.85 46.98
CA LEU A 285 2.50 -16.85 47.64
C LEU A 285 2.79 -15.50 48.23
N ASN A 286 1.96 -14.51 47.97
CA ASN A 286 2.25 -13.20 48.52
C ASN A 286 2.13 -13.22 50.03
N ALA A 287 1.40 -14.21 50.55
CA ALA A 287 1.32 -14.45 51.98
C ALA A 287 2.66 -14.89 52.55
N SER A 288 3.49 -15.53 51.74
CA SER A 288 4.73 -16.12 52.21
C SER A 288 6.00 -15.39 51.78
N LEU A 289 5.89 -14.38 50.94
CA LEU A 289 7.10 -13.78 50.41
C LEU A 289 7.42 -12.51 51.18
N PRO A 290 8.70 -12.17 51.27
CA PRO A 290 9.06 -10.87 51.83
C PRO A 290 8.42 -9.77 51.02
N ALA A 291 8.21 -8.63 51.66
CA ALA A 291 7.62 -7.51 50.98
C ALA A 291 8.46 -7.09 49.80
N SER A 292 9.77 -7.32 49.90
CA SER A 292 10.68 -6.93 48.82
C SER A 292 10.41 -7.70 47.52
N ARG A 293 9.73 -8.84 47.63
CA ARG A 293 9.40 -9.64 46.48
C ARG A 293 8.13 -9.13 45.78
N LEU A 294 7.31 -8.38 46.49
CA LEU A 294 5.96 -8.10 46.01
C LEU A 294 5.89 -6.87 45.14
N GLY A 295 4.90 -6.81 44.27
CA GLY A 295 4.73 -5.67 43.38
C GLY A 295 4.04 -4.52 44.09
N ARG A 296 3.76 -3.46 43.35
CA ARG A 296 3.17 -2.28 43.97
C ARG A 296 1.74 -2.49 44.45
N GLN A 297 1.11 -3.60 44.10
CA GLN A 297 -0.20 -3.91 44.65
C GLN A 297 -0.17 -5.09 45.63
N GLY A 298 1.03 -5.43 46.09
CA GLY A 298 1.19 -6.54 47.02
C GLY A 298 1.02 -7.89 46.38
N GLU A 299 1.20 -7.95 45.05
CA GLU A 299 1.09 -9.20 44.26
C GLU A 299 2.43 -9.93 44.27
N ALA A 300 2.41 -11.25 44.36
CA ALA A 300 3.62 -12.05 44.15
C ALA A 300 3.91 -12.01 42.66
N PRO A 301 5.20 -12.19 42.27
CA PRO A 301 5.51 -12.35 40.85
C PRO A 301 4.83 -13.60 40.31
N GLN A 302 4.25 -13.52 39.12
CA GLN A 302 3.54 -14.67 38.54
C GLN A 302 4.07 -14.98 37.14
N ALA A 303 3.46 -15.99 36.50
CA ALA A 303 3.97 -16.59 35.26
C ALA A 303 3.16 -16.22 34.02
N ASP A 304 3.86 -16.03 32.92
CA ASP A 304 3.25 -15.99 31.60
C ASP A 304 3.94 -17.04 30.72
N CYS A 305 3.78 -16.97 29.41
CA CYS A 305 4.37 -17.97 28.53
C CYS A 305 5.89 -17.83 28.51
N ARG A 306 6.37 -16.61 28.60
CA ARG A 306 7.79 -16.38 28.53
C ARG A 306 8.51 -16.98 29.74
N THR A 307 7.84 -17.08 30.90
CA THR A 307 8.48 -17.60 32.10
C THR A 307 9.18 -18.94 31.87
N CYS A 308 8.54 -19.82 31.11
CA CYS A 308 9.15 -21.07 30.70
C CYS A 308 9.86 -20.98 29.36
N HIS A 309 9.19 -20.38 28.40
CA HIS A 309 9.61 -20.51 27.01
C HIS A 309 10.82 -19.66 26.68
N GLN A 310 10.87 -18.46 27.25
CA GLN A 310 12.01 -17.57 27.13
C GLN A 310 12.44 -17.43 25.67
N GLY A 311 11.47 -17.23 24.80
CA GLY A 311 11.74 -16.92 23.41
C GLY A 311 11.92 -18.11 22.49
N VAL A 312 11.58 -19.30 22.96
CA VAL A 312 11.74 -20.52 22.16
C VAL A 312 10.39 -21.23 22.13
N THR A 313 10.03 -21.80 20.98
CA THR A 313 8.74 -22.44 20.84
C THR A 313 8.53 -23.63 21.79
N LYS A 314 9.61 -24.30 22.16
CA LYS A 314 9.58 -25.21 23.30
C LYS A 314 10.63 -24.74 24.27
N PRO A 315 10.31 -24.74 25.57
CA PRO A 315 11.29 -24.31 26.58
C PRO A 315 12.54 -25.17 26.45
N LEU A 316 13.70 -24.51 26.46
CA LEU A 316 15.00 -25.18 26.41
C LEU A 316 15.10 -26.13 25.23
N PHE A 317 14.46 -25.74 24.14
CA PHE A 317 14.47 -26.50 22.89
C PHE A 317 14.02 -27.94 23.09
N GLY A 318 13.14 -28.16 24.07
CA GLY A 318 12.54 -29.46 24.25
C GLY A 318 13.33 -30.39 25.16
N ALA A 319 14.38 -29.88 25.80
CA ALA A 319 15.15 -30.68 26.73
C ALA A 319 14.26 -31.19 27.85
N SER A 320 14.55 -32.38 28.36
CA SER A 320 13.71 -33.01 29.38
C SER A 320 14.55 -33.68 30.46
N ARG A 321 14.05 -33.66 31.69
CA ARG A 321 14.66 -34.46 32.75
C ARG A 321 13.61 -35.32 33.42
N LEU A 322 12.50 -35.54 32.71
CA LEU A 322 11.34 -36.16 33.32
C LEU A 322 11.61 -37.60 33.78
N LYS A 323 12.33 -38.35 32.97
CA LYS A 323 12.70 -39.71 33.34
C LYS A 323 13.74 -39.73 34.45
N ASP A 324 14.55 -38.69 34.50
CA ASP A 324 15.62 -38.60 35.49
C ASP A 324 15.11 -38.30 36.88
N TYR A 325 14.02 -37.55 36.97
CA TYR A 325 13.48 -37.17 38.25
C TYR A 325 11.99 -37.45 38.31
N PRO A 326 11.61 -38.72 38.50
CA PRO A 326 10.21 -39.14 38.60
C PRO A 326 9.47 -38.48 39.76
N GLU A 327 10.21 -38.11 40.80
CA GLU A 327 9.66 -37.40 41.96
C GLU A 327 8.82 -36.22 41.55
N LEU A 328 9.20 -35.63 40.43
CA LEU A 328 8.61 -34.38 40.00
C LEU A 328 7.42 -34.60 39.09
N GLY A 329 7.06 -35.86 38.89
CA GLY A 329 5.88 -36.15 38.11
C GLY A 329 6.24 -36.84 36.81
N PRO A 330 5.24 -37.44 36.15
CA PRO A 330 3.85 -37.55 36.62
C PRO A 330 3.72 -38.43 37.84
N ILE A 331 2.84 -38.02 38.74
CA ILE A 331 2.62 -38.71 40.00
C ILE A 331 1.36 -39.58 39.89
N LYS A 332 1.55 -40.91 39.85
CA LYS A 332 0.44 -41.89 39.86
C LYS A 332 -0.16 -42.07 41.26
N FME B 1 -32.43 -14.69 15.31
CN FME B 1 -32.12 -16.03 15.30
O1 FME B 1 -32.47 -16.61 14.27
CA FME B 1 -32.64 -14.03 14.02
CB FME B 1 -33.92 -13.22 14.09
CG FME B 1 -35.14 -14.09 14.36
SD FME B 1 -36.52 -13.12 15.03
CE FME B 1 -36.21 -11.42 14.61
C FME B 1 -31.45 -13.14 13.68
O FME B 1 -30.68 -12.79 14.57
N TYR B 2 -31.30 -12.78 12.40
CA TYR B 2 -30.14 -12.03 11.95
C TYR B 2 -30.45 -10.69 11.32
N HIS B 3 -29.65 -9.69 11.67
CA HIS B 3 -29.66 -8.43 10.95
C HIS B 3 -29.19 -8.70 9.55
N GLY B 4 -29.91 -8.17 8.58
CA GLY B 4 -29.52 -8.29 7.20
C GLY B 4 -30.14 -9.46 6.46
N ALA B 5 -30.65 -10.45 7.18
CA ALA B 5 -31.20 -11.64 6.55
C ALA B 5 -32.52 -11.28 5.87
N LEU B 6 -32.62 -11.61 4.58
CA LEU B 6 -33.78 -11.21 3.80
C LEU B 6 -34.74 -12.36 3.60
N ALA B 7 -34.23 -13.59 3.57
CA ALA B 7 -35.09 -14.71 3.21
C ALA B 7 -34.31 -16.01 2.95
N GLN B 8 -34.02 -16.23 1.66
CA GLN B 8 -33.80 -17.57 1.13
C GLN B 8 -32.36 -17.96 1.35
N HIS B 9 -31.68 -17.14 2.15
CA HIS B 9 -30.29 -16.78 1.93
C HIS B 9 -30.30 -15.75 0.81
N LEU B 10 -31.16 -14.76 1.01
CA LEU B 10 -30.88 -13.44 0.51
C LEU B 10 -30.46 -12.70 1.74
N ASP B 11 -29.43 -11.90 1.59
CA ASP B 11 -29.13 -10.93 2.61
C ASP B 11 -28.76 -9.65 1.92
N ILE B 12 -28.89 -8.57 2.66
CA ILE B 12 -28.66 -7.24 2.16
C ILE B 12 -27.33 -7.11 1.41
N ALA B 13 -26.23 -7.51 2.03
CA ALA B 13 -24.91 -7.34 1.42
C ALA B 13 -24.82 -8.05 0.07
N GLN B 14 -25.46 -9.20 -0.03
CA GLN B 14 -25.46 -9.95 -1.27
C GLN B 14 -26.15 -9.19 -2.39
N LEU B 15 -27.26 -8.53 -2.08
CA LEU B 15 -27.96 -7.77 -3.08
C LEU B 15 -27.17 -6.54 -3.50
N VAL B 16 -26.54 -5.88 -2.53
CA VAL B 16 -25.72 -4.69 -2.80
C VAL B 16 -24.50 -5.03 -3.67
N TRP B 17 -24.01 -6.26 -3.55
CA TRP B 17 -22.97 -6.71 -4.43
C TRP B 17 -23.39 -6.63 -5.90
N TYR B 18 -24.57 -7.13 -6.21
CA TYR B 18 -25.12 -7.03 -7.56
C TYR B 18 -25.33 -5.61 -7.97
N ALA B 19 -25.87 -4.80 -7.08
CA ALA B 19 -26.08 -3.40 -7.41
C ALA B 19 -24.77 -2.71 -7.70
N GLN B 20 -23.73 -3.07 -6.96
CA GLN B 20 -22.45 -2.42 -7.13
C GLN B 20 -21.90 -2.69 -8.54
N TRP B 21 -21.95 -3.95 -8.97
CA TRP B 21 -21.49 -4.28 -10.31
C TRP B 21 -22.27 -3.61 -11.38
N LEU B 22 -23.57 -3.56 -11.18
CA LEU B 22 -24.42 -2.91 -12.14
C LEU B 22 -24.09 -1.44 -12.33
N VAL B 23 -23.92 -0.73 -11.22
CA VAL B 23 -23.55 0.66 -11.26
C VAL B 23 -22.22 0.88 -12.00
N ILE B 24 -21.24 0.01 -11.74
CA ILE B 24 -19.94 0.13 -12.38
C ILE B 24 -20.02 -0.09 -13.88
N TRP B 25 -20.70 -1.15 -14.31
CA TRP B 25 -20.81 -1.43 -15.74
C TRP B 25 -21.63 -0.43 -16.51
N THR B 26 -22.68 0.09 -15.88
CA THR B 26 -23.45 1.16 -16.45
C THR B 26 -22.61 2.40 -16.69
N VAL B 27 -21.92 2.87 -15.67
CA VAL B 27 -21.09 4.04 -15.82
C VAL B 27 -19.99 3.81 -16.85
N VAL B 28 -19.36 2.66 -16.80
CA VAL B 28 -18.26 2.39 -17.71
C VAL B 28 -18.71 2.30 -19.18
N LEU B 29 -19.74 1.50 -19.48
CA LEU B 29 -20.17 1.25 -20.87
C LEU B 29 -21.06 2.33 -21.44
N LEU B 30 -22.05 2.73 -20.67
CA LEU B 30 -23.05 3.66 -21.17
C LEU B 30 -22.62 5.13 -21.06
N TYR B 31 -21.74 5.44 -20.12
CA TYR B 31 -21.24 6.81 -19.99
C TYR B 31 -19.79 7.01 -20.49
N LEU B 32 -18.83 6.40 -19.79
CA LEU B 32 -17.42 6.66 -20.06
C LEU B 32 -16.99 6.24 -21.47
N ARG B 33 -17.42 5.06 -21.90
CA ARG B 33 -17.05 4.58 -23.22
C ARG B 33 -17.68 5.38 -24.35
N ARG B 34 -18.76 6.10 -24.07
CA ARG B 34 -19.28 7.01 -25.06
C ARG B 34 -18.63 8.39 -25.03
N GLU B 35 -18.27 8.86 -23.84
CA GLU B 35 -17.40 10.04 -23.74
C GLU B 35 -16.08 9.81 -24.51
N ASP B 36 -15.59 8.56 -24.51
CA ASP B 36 -14.37 8.21 -25.24
C ASP B 36 -14.49 8.39 -26.76
N ARG B 37 -15.71 8.54 -27.28
CA ARG B 37 -15.90 8.59 -28.72
C ARG B 37 -16.25 9.99 -29.25
N ARG B 38 -15.91 11.04 -28.51
CA ARG B 38 -16.17 12.41 -28.95
C ARG B 38 -15.13 12.93 -29.93
N GLU B 39 -14.09 12.14 -30.19
CA GLU B 39 -13.10 12.47 -31.22
C GLU B 39 -12.89 11.25 -32.09
N GLY B 40 -12.82 11.46 -33.40
CA GLY B 40 -12.37 10.39 -34.27
C GLY B 40 -13.47 9.47 -34.79
N TYR B 41 -14.69 9.64 -34.29
CA TYR B 41 -15.85 8.84 -34.69
C TYR B 41 -16.83 9.66 -35.55
N PRO B 42 -17.53 8.99 -36.46
CA PRO B 42 -17.44 7.53 -36.66
C PRO B 42 -16.17 7.07 -37.37
N LEU B 43 -15.79 5.84 -37.05
CA LEU B 43 -14.68 5.18 -37.70
C LEU B 43 -14.85 5.28 -39.20
N VAL B 44 -13.75 5.40 -39.93
CA VAL B 44 -13.80 5.42 -41.39
C VAL B 44 -13.27 4.13 -42.06
N GLU B 45 -13.66 3.91 -43.32
CA GLU B 45 -13.27 2.72 -44.12
C GLU B 45 -12.94 3.12 -45.55
N PRO B 46 -11.84 2.58 -46.10
CA PRO B 46 -11.51 2.73 -47.52
C PRO B 46 -12.60 2.16 -48.43
N LEU B 47 -13.18 3.04 -49.26
CA LEU B 47 -14.12 2.64 -50.29
C LEU B 47 -15.31 1.85 -49.76
N GLY B 48 -16.11 2.49 -48.92
CA GLY B 48 -17.35 1.88 -48.48
C GLY B 48 -18.26 1.61 -49.67
N LEU B 49 -18.38 0.33 -50.02
CA LEU B 49 -19.18 -0.12 -51.16
C LEU B 49 -20.46 0.68 -51.35
N VAL B 50 -21.25 0.77 -50.28
CA VAL B 50 -22.42 1.61 -50.23
C VAL B 50 -22.94 1.63 -48.81
N LYS B 51 -23.45 2.79 -48.38
CA LYS B 51 -24.11 2.89 -47.09
C LYS B 51 -25.27 3.87 -47.24
N LEU B 52 -26.45 3.32 -47.51
CA LEU B 52 -27.66 4.13 -47.65
C LEU B 52 -27.97 4.86 -46.35
N ALA B 53 -27.51 4.29 -45.25
CA ALA B 53 -27.59 4.92 -43.94
C ALA B 53 -26.35 4.52 -43.15
N PRO B 54 -25.87 5.38 -42.24
CA PRO B 54 -25.02 4.86 -41.15
C PRO B 54 -25.69 3.68 -40.44
N GLU B 55 -24.91 2.64 -40.20
CA GLU B 55 -25.28 1.60 -39.27
C GLU B 55 -25.95 2.22 -38.04
N ASP B 56 -26.99 1.55 -37.57
CA ASP B 56 -27.55 1.88 -36.28
C ASP B 56 -26.43 2.01 -35.24
N GLY B 57 -25.48 1.08 -35.28
CA GLY B 57 -24.42 1.04 -34.29
C GLY B 57 -23.58 2.28 -34.21
N GLN B 58 -23.45 2.98 -35.34
CA GLN B 58 -22.72 4.22 -35.36
C GLN B 58 -23.48 5.31 -34.66
N VAL B 59 -24.79 5.19 -34.59
CA VAL B 59 -25.60 6.14 -33.86
C VAL B 59 -25.59 5.78 -32.37
N TYR B 60 -25.63 4.49 -32.06
CA TYR B 60 -25.79 4.07 -30.67
C TYR B 60 -24.55 4.34 -29.82
N GLU B 61 -23.36 4.26 -30.43
CA GLU B 61 -22.13 4.37 -29.67
C GLU B 61 -21.76 5.80 -29.32
N LEU B 62 -22.42 6.77 -29.94
CA LEU B 62 -22.04 8.17 -29.77
C LEU B 62 -22.84 8.78 -28.66
N PRO B 63 -22.23 9.69 -27.90
CA PRO B 63 -23.02 10.53 -27.01
C PRO B 63 -23.73 11.65 -27.77
N TYR B 64 -24.65 12.31 -27.11
CA TYR B 64 -25.20 13.53 -27.65
C TYR B 64 -24.10 14.55 -27.75
N PRO B 65 -24.13 15.39 -28.78
CA PRO B 65 -23.07 16.40 -28.89
C PRO B 65 -23.04 17.34 -27.69
N LYS B 66 -21.85 17.82 -27.31
CA LYS B 66 -21.70 18.88 -26.33
C LYS B 66 -21.07 20.08 -27.04
N THR B 67 -21.36 21.29 -26.56
CA THR B 67 -20.79 22.51 -27.13
C THR B 67 -19.99 23.25 -26.07
N PHE B 68 -18.72 23.46 -26.32
CA PHE B 68 -17.92 24.31 -25.46
C PHE B 68 -18.11 25.75 -25.92
N VAL B 69 -18.34 26.68 -25.01
CA VAL B 69 -18.26 28.06 -25.45
C VAL B 69 -16.92 28.67 -25.08
N LEU B 70 -16.20 29.06 -26.12
CA LEU B 70 -14.78 29.33 -26.02
C LEU B 70 -14.55 30.66 -25.31
N PRO B 71 -13.41 30.81 -24.60
CA PRO B 71 -13.25 31.99 -23.75
C PRO B 71 -13.15 33.29 -24.54
N HIS B 72 -12.61 33.24 -25.76
CA HIS B 72 -12.49 34.46 -26.56
C HIS B 72 -13.41 34.45 -27.77
N GLY B 73 -14.57 33.79 -27.63
CA GLY B 73 -15.61 33.85 -28.65
C GLY B 73 -15.70 32.60 -29.51
N GLY B 74 -16.92 32.24 -29.86
CA GLY B 74 -17.13 31.05 -30.67
C GLY B 74 -17.47 29.83 -29.81
N THR B 75 -17.75 28.72 -30.48
CA THR B 75 -18.12 27.50 -29.81
C THR B 75 -17.50 26.36 -30.56
N VAL B 76 -17.44 25.21 -29.93
CA VAL B 76 -16.96 24.00 -30.58
C VAL B 76 -17.91 22.90 -30.15
N THR B 77 -18.36 22.09 -31.09
CA THR B 77 -19.28 21.02 -30.77
C THR B 77 -18.63 19.70 -31.06
N VAL B 78 -18.66 18.77 -30.10
CA VAL B 78 -18.11 17.45 -30.31
C VAL B 78 -19.13 16.41 -29.81
N PRO B 79 -19.24 15.25 -30.49
CA PRO B 79 -18.53 14.88 -31.73
C PRO B 79 -19.08 15.67 -32.89
N ARG B 80 -18.27 15.76 -33.94
CA ARG B 80 -18.76 16.29 -35.18
C ARG B 80 -17.95 15.67 -36.28
N ARG B 81 -18.53 15.67 -37.46
CA ARG B 81 -17.91 15.04 -38.62
C ARG B 81 -16.73 15.90 -39.06
N ARG B 82 -15.54 15.29 -39.07
CA ARG B 82 -14.30 15.97 -39.46
C ARG B 82 -13.48 15.10 -40.42
N PRO B 83 -13.97 14.90 -41.66
CA PRO B 83 -13.11 14.17 -42.59
C PRO B 83 -11.80 14.91 -42.83
N GLU B 84 -10.75 14.16 -43.13
CA GLU B 84 -9.49 14.80 -43.48
C GLU B 84 -9.35 14.79 -45.00
N THR B 85 -9.66 15.93 -45.60
CA THR B 85 -9.67 16.08 -47.05
C THR B 85 -8.24 16.07 -47.62
N ARG B 86 -7.30 16.57 -46.81
CA ARG B 86 -5.91 16.75 -47.22
C ARG B 86 -5.27 15.49 -47.83
N GLU B 87 -4.61 15.66 -48.98
CA GLU B 87 -4.02 14.54 -49.71
C GLU B 87 -2.79 14.04 -48.99
N LEU B 88 -2.68 12.73 -48.85
CA LEU B 88 -1.59 12.11 -48.14
C LEU B 88 -0.71 11.39 -49.12
N LYS B 89 0.55 11.79 -49.17
CA LYS B 89 1.51 11.13 -50.02
C LYS B 89 2.01 9.84 -49.39
N LEU B 90 1.12 8.85 -49.42
CA LEU B 90 1.34 7.51 -48.86
C LEU B 90 0.81 6.48 -49.86
N ALA B 91 1.44 5.31 -49.89
CA ALA B 91 0.96 4.20 -50.71
C ALA B 91 0.85 2.96 -49.85
N GLN B 92 -0.11 2.10 -50.17
CA GLN B 92 -0.27 0.83 -49.50
C GLN B 92 0.94 -0.04 -49.81
N THR B 93 1.61 -0.57 -48.78
CA THR B 93 2.72 -1.49 -49.02
C THR B 93 2.16 -2.83 -49.52
N ASP B 94 0.94 -3.14 -49.13
CA ASP B 94 0.25 -4.36 -49.53
C ASP B 94 -1.26 -4.13 -49.54
N GLY B 95 -1.99 -5.05 -50.17
CA GLY B 95 -3.43 -4.89 -50.32
C GLY B 95 -4.21 -5.22 -49.05
N PHE B 96 -3.67 -6.15 -48.26
CA PHE B 96 -4.17 -6.43 -46.91
C PHE B 96 -4.58 -5.14 -46.12
N GLU B 97 -5.75 -5.21 -45.49
CA GLU B 97 -6.36 -4.06 -44.82
C GLU B 97 -5.52 -3.46 -43.66
N GLY B 98 -4.76 -4.30 -42.96
CA GLY B 98 -3.94 -3.80 -41.87
C GLY B 98 -2.52 -3.51 -42.29
N ALA B 99 -2.26 -3.48 -43.59
CA ALA B 99 -0.91 -3.25 -44.11
C ALA B 99 -0.51 -1.83 -43.81
N PRO B 100 0.75 -1.61 -43.47
CA PRO B 100 1.24 -0.24 -43.32
C PRO B 100 1.29 0.54 -44.65
N LEU B 101 1.09 1.85 -44.57
CA LEU B 101 1.29 2.74 -45.71
C LEU B 101 2.74 3.20 -45.74
N GLN B 102 3.16 3.78 -46.85
CA GLN B 102 4.50 4.33 -46.87
C GLN B 102 4.66 5.53 -47.76
N PRO B 103 5.52 6.47 -47.36
CA PRO B 103 5.65 7.76 -48.04
C PRO B 103 6.11 7.60 -49.47
N THR B 104 5.35 8.21 -50.35
CA THR B 104 5.71 8.22 -51.76
C THR B 104 6.66 9.40 -52.06
N GLY B 105 6.72 10.40 -51.17
CA GLY B 105 7.56 11.56 -51.38
C GLY B 105 8.55 11.78 -50.25
N ASN B 106 8.73 13.03 -49.82
CA ASN B 106 9.55 13.34 -48.66
C ASN B 106 8.59 13.44 -47.47
N PRO B 107 8.64 12.46 -46.54
CA PRO B 107 7.62 12.37 -45.48
C PRO B 107 7.63 13.57 -44.56
N LEU B 108 8.79 14.21 -44.41
CA LEU B 108 8.94 15.38 -43.52
C LEU B 108 8.22 16.58 -44.11
N VAL B 109 8.42 16.77 -45.40
CA VAL B 109 7.79 17.86 -46.11
C VAL B 109 6.33 17.51 -46.40
N ASP B 110 6.08 16.25 -46.75
CA ASP B 110 4.72 15.79 -47.02
C ASP B 110 3.86 15.62 -45.76
N ALA B 111 4.49 15.69 -44.59
CA ALA B 111 3.81 15.62 -43.30
C ALA B 111 2.94 14.37 -43.16
N VAL B 112 3.58 13.20 -43.24
CA VAL B 112 2.87 11.94 -43.08
C VAL B 112 3.63 11.09 -42.05
N GLY B 113 2.96 10.09 -41.46
CA GLY B 113 3.60 9.24 -40.47
C GLY B 113 3.86 10.04 -39.21
N PRO B 114 5.04 9.88 -38.57
CA PRO B 114 5.34 10.71 -37.41
C PRO B 114 5.54 12.22 -37.71
N ALA B 115 5.46 12.59 -38.98
CA ALA B 115 5.55 14.00 -39.40
C ALA B 115 4.18 14.69 -39.62
N SER B 116 3.10 14.00 -39.26
CA SER B 116 1.74 14.51 -39.43
C SER B 116 1.44 15.59 -38.44
N TYR B 117 0.64 16.56 -38.85
CA TYR B 117 0.07 17.47 -37.88
C TYR B 117 -1.42 17.27 -37.91
N ALA B 118 -2.08 17.85 -36.93
CA ALA B 118 -3.53 17.81 -36.89
C ALA B 118 -4.07 19.09 -37.51
N GLU B 119 -5.33 19.04 -37.92
CA GLU B 119 -5.99 20.19 -38.54
C GLU B 119 -6.49 21.11 -37.46
N ARG B 120 -5.57 21.56 -36.60
CA ARG B 120 -5.88 22.53 -35.57
C ARG B 120 -6.37 23.82 -36.21
N ALA B 121 -6.94 24.70 -35.40
CA ALA B 121 -7.41 25.98 -35.92
C ALA B 121 -6.22 26.84 -36.32
N GLU B 122 -6.36 27.60 -37.40
CA GLU B 122 -5.35 28.60 -37.73
C GLU B 122 -5.57 29.85 -36.90
N VAL B 123 -5.58 29.70 -35.59
CA VAL B 123 -5.67 30.85 -34.71
C VAL B 123 -4.52 30.86 -33.73
N VAL B 124 -4.14 32.07 -33.34
CA VAL B 124 -3.11 32.31 -32.35
C VAL B 124 -3.70 32.03 -30.97
N ASP B 125 -3.10 31.08 -30.27
CA ASP B 125 -3.52 30.74 -28.92
C ASP B 125 -3.36 32.00 -28.07
N ALA B 126 -4.29 32.23 -27.15
CA ALA B 126 -4.31 33.48 -26.43
C ALA B 126 -4.12 33.32 -24.94
N THR B 127 -3.68 34.39 -24.30
CA THR B 127 -3.65 34.43 -22.86
C THR B 127 -5.08 34.70 -22.39
N VAL B 128 -5.27 34.70 -21.08
CA VAL B 128 -6.61 34.83 -20.51
C VAL B 128 -7.18 36.22 -20.79
N ASP B 129 -6.28 37.17 -21.01
CA ASP B 129 -6.68 38.54 -21.28
C ASP B 129 -6.52 38.93 -22.74
N GLY B 130 -6.34 37.94 -23.61
CA GLY B 130 -6.56 38.16 -25.02
C GLY B 130 -5.32 38.39 -25.85
N LYS B 131 -4.15 38.28 -25.26
CA LYS B 131 -2.91 38.51 -26.00
C LYS B 131 -2.41 37.20 -26.64
N ALA B 132 -1.51 37.31 -27.61
CA ALA B 132 -0.88 36.13 -28.19
C ALA B 132 -0.14 35.44 -27.06
N LYS B 133 -0.34 34.13 -26.91
CA LYS B 133 0.26 33.43 -25.78
C LYS B 133 1.74 33.07 -25.97
N ILE B 134 2.09 32.48 -27.10
CA ILE B 134 3.47 32.07 -27.34
C ILE B 134 4.18 33.09 -28.27
N VAL B 135 5.12 33.85 -27.72
CA VAL B 135 5.76 34.96 -28.45
C VAL B 135 7.25 35.03 -28.14
N PRO B 136 8.05 35.56 -29.07
CA PRO B 136 9.49 35.67 -28.85
C PRO B 136 9.80 36.68 -27.75
N LEU B 137 10.94 36.54 -27.09
CA LEU B 137 11.31 37.49 -26.04
C LEU B 137 11.60 38.89 -26.59
N ARG B 138 11.95 38.99 -27.88
CA ARG B 138 11.98 40.29 -28.57
C ARG B 138 10.66 41.04 -28.34
N VAL B 139 9.59 40.29 -28.11
CA VAL B 139 8.26 40.87 -27.88
C VAL B 139 7.89 40.78 -26.40
N ALA B 140 8.06 39.61 -25.79
CA ALA B 140 7.69 39.41 -24.38
C ALA B 140 8.80 39.98 -23.53
N THR B 141 8.76 41.30 -23.41
CA THR B 141 9.91 42.06 -23.01
C THR B 141 10.09 42.13 -21.48
N ASP B 142 9.00 41.93 -20.78
CA ASP B 142 9.05 41.74 -19.35
C ASP B 142 9.32 40.30 -18.92
N PHE B 143 9.61 39.40 -19.86
CA PHE B 143 10.02 38.04 -19.51
C PHE B 143 11.53 37.90 -19.65
N SER B 144 12.12 37.00 -18.89
CA SER B 144 13.58 36.84 -18.94
C SER B 144 13.97 35.41 -18.67
N ILE B 145 15.25 35.08 -18.88
CA ILE B 145 15.79 33.78 -18.50
C ILE B 145 16.20 33.82 -17.03
N ALA B 146 15.79 32.82 -16.26
CA ALA B 146 16.10 32.78 -14.84
C ALA B 146 17.61 32.76 -14.64
N GLU B 147 18.06 33.45 -13.59
CA GLU B 147 19.48 33.55 -13.34
C GLU B 147 19.99 32.18 -12.93
N GLY B 148 20.93 31.68 -13.69
CA GLY B 148 21.45 30.35 -13.41
C GLY B 148 21.37 29.49 -14.65
N ASP B 149 20.48 29.85 -15.57
CA ASP B 149 20.26 29.03 -16.75
C ASP B 149 20.96 29.59 -17.96
N VAL B 150 21.33 28.69 -18.87
CA VAL B 150 21.94 29.06 -20.12
C VAL B 150 21.01 29.99 -20.91
N ASP B 151 21.57 31.11 -21.36
CA ASP B 151 20.97 31.96 -22.37
C ASP B 151 21.45 31.43 -23.72
N PRO B 152 20.55 30.83 -24.51
CA PRO B 152 21.03 30.15 -25.70
C PRO B 152 21.23 31.13 -26.85
N ARG B 153 20.78 32.38 -26.68
CA ARG B 153 20.90 33.38 -27.76
C ARG B 153 22.36 33.67 -28.15
N GLY B 154 22.68 33.48 -29.42
CA GLY B 154 24.06 33.44 -29.85
C GLY B 154 24.69 32.07 -30.05
N LEU B 155 24.18 31.02 -29.40
CA LEU B 155 24.78 29.68 -29.45
C LEU B 155 24.49 29.00 -30.78
N PRO B 156 25.43 28.20 -31.26
CA PRO B 156 25.21 27.39 -32.46
C PRO B 156 24.23 26.23 -32.18
N VAL B 157 23.44 25.86 -33.19
CA VAL B 157 22.63 24.66 -33.13
C VAL B 157 23.34 23.62 -33.95
N VAL B 158 23.59 22.47 -33.35
CA VAL B 158 24.29 21.40 -34.03
C VAL B 158 23.31 20.27 -34.34
N ALA B 159 23.15 19.91 -35.61
CA ALA B 159 22.17 18.91 -36.02
C ALA B 159 22.71 17.49 -35.85
N ALA B 160 21.93 16.49 -36.25
CA ALA B 160 22.26 15.10 -35.94
C ALA B 160 23.58 14.65 -36.57
N ASP B 161 23.88 15.23 -37.73
CA ASP B 161 25.10 14.94 -38.46
C ASP B 161 26.31 15.71 -37.92
N GLY B 162 26.16 16.31 -36.75
CA GLY B 162 27.30 16.98 -36.13
C GLY B 162 27.63 18.30 -36.78
N VAL B 163 26.89 18.67 -37.82
CA VAL B 163 27.13 19.92 -38.51
C VAL B 163 26.31 21.04 -37.89
N GLU B 164 26.90 22.22 -37.82
CA GLU B 164 26.21 23.39 -37.30
C GLU B 164 25.18 23.87 -38.32
N ALA B 165 23.98 24.16 -37.85
CA ALA B 165 22.85 24.41 -38.75
C ALA B 165 22.32 25.83 -38.66
N GLY B 166 22.75 26.57 -37.65
CA GLY B 166 22.29 27.94 -37.51
C GLY B 166 22.67 28.46 -36.15
N THR B 167 22.12 29.61 -35.79
CA THR B 167 22.51 30.32 -34.58
C THR B 167 21.22 30.73 -33.87
N VAL B 168 21.12 30.46 -32.58
CA VAL B 168 19.90 30.80 -31.84
C VAL B 168 19.81 32.31 -31.72
N THR B 169 18.69 32.89 -32.13
CA THR B 169 18.52 34.32 -32.00
C THR B 169 17.49 34.73 -30.96
N ASP B 170 16.62 33.80 -30.56
CA ASP B 170 15.56 34.13 -29.62
C ASP B 170 14.91 32.89 -28.97
N LEU B 171 14.16 33.11 -27.89
CA LEU B 171 13.37 32.10 -27.21
C LEU B 171 11.91 32.55 -27.25
N TRP B 172 10.99 31.62 -27.51
CA TRP B 172 9.56 31.91 -27.40
C TRP B 172 8.97 31.40 -26.09
N VAL B 173 8.34 32.30 -25.35
CA VAL B 173 7.85 32.01 -24.01
C VAL B 173 6.33 31.89 -24.06
N ASP B 174 5.81 31.00 -23.20
CA ASP B 174 4.38 30.84 -22.96
C ASP B 174 4.12 31.84 -21.86
N ARG B 175 3.37 32.89 -22.18
CA ARG B 175 3.09 33.95 -21.21
C ARG B 175 1.97 33.59 -20.27
N SER B 176 1.21 32.54 -20.61
CA SER B 176 0.18 32.03 -19.71
C SER B 176 0.77 31.15 -18.59
N GLU B 177 1.80 30.40 -18.93
CA GLU B 177 2.35 29.44 -17.98
C GLU B 177 3.76 29.76 -17.53
N HIS B 178 4.37 30.78 -18.14
CA HIS B 178 5.74 31.23 -17.81
C HIS B 178 6.73 30.11 -18.08
N TYR B 179 6.84 29.73 -19.34
CA TYR B 179 7.51 28.50 -19.68
C TYR B 179 7.95 28.63 -21.12
N PHE B 180 9.24 28.45 -21.37
CA PHE B 180 9.75 28.52 -22.73
C PHE B 180 9.30 27.29 -23.50
N ARG B 181 8.89 27.48 -24.74
CA ARG B 181 8.43 26.36 -25.55
C ARG B 181 9.18 26.14 -26.85
N TYR B 182 9.74 27.21 -27.43
CA TYR B 182 10.59 27.06 -28.63
C TYR B 182 11.87 27.89 -28.57
N LEU B 183 12.86 27.48 -29.35
CA LEU B 183 13.97 28.34 -29.68
C LEU B 183 13.79 28.76 -31.12
N GLU B 184 14.22 29.97 -31.43
CA GLU B 184 14.30 30.44 -32.80
C GLU B 184 15.76 30.58 -33.25
N LEU B 185 16.04 30.11 -34.45
CA LEU B 185 17.40 30.14 -34.95
C LEU B 185 17.43 30.70 -36.37
N SER B 186 18.54 31.33 -36.72
CA SER B 186 18.81 31.72 -38.08
C SER B 186 19.43 30.51 -38.75
N VAL B 187 18.84 30.07 -39.85
CA VAL B 187 19.29 28.87 -40.52
C VAL B 187 20.48 29.18 -41.42
N ALA B 188 21.60 28.55 -41.12
CA ALA B 188 22.85 28.83 -41.80
C ALA B 188 22.70 28.74 -43.30
N GLY B 189 23.06 29.82 -43.98
CA GLY B 189 23.17 29.78 -45.43
C GLY B 189 21.83 29.80 -46.14
N SER B 190 20.76 29.82 -45.35
CA SER B 190 19.44 30.16 -45.84
C SER B 190 19.12 31.56 -45.32
N ALA B 191 18.06 32.15 -45.82
CA ALA B 191 17.64 33.45 -45.31
C ALA B 191 16.30 33.26 -44.65
N ARG B 192 16.31 32.52 -43.55
CA ARG B 192 15.09 32.19 -42.85
C ARG B 192 15.44 31.83 -41.43
N THR B 193 14.50 32.08 -40.52
CA THR B 193 14.49 31.50 -39.18
C THR B 193 13.68 30.21 -39.18
N ALA B 194 13.88 29.43 -38.12
CA ALA B 194 13.11 28.23 -37.91
C ALA B 194 12.93 28.20 -36.41
N LEU B 195 11.75 27.79 -35.99
CA LEU B 195 11.51 27.49 -34.60
C LEU B 195 11.85 26.04 -34.36
N ILE B 196 12.22 25.72 -33.13
CA ILE B 196 12.40 24.35 -32.76
C ILE B 196 11.88 24.18 -31.34
N PRO B 197 11.01 23.18 -31.13
CA PRO B 197 10.41 23.01 -29.80
C PRO B 197 11.52 22.65 -28.83
N LEU B 198 11.41 23.13 -27.60
CA LEU B 198 12.48 22.91 -26.64
C LEU B 198 12.70 21.44 -26.30
N GLY B 199 11.67 20.63 -26.51
CA GLY B 199 11.80 19.20 -26.27
C GLY B 199 12.72 18.48 -27.22
N PHE B 200 13.06 19.10 -28.35
CA PHE B 200 13.99 18.52 -29.31
C PHE B 200 15.41 19.07 -29.17
N CYS B 201 15.62 19.85 -28.12
CA CYS B 201 16.87 20.55 -27.88
C CYS B 201 17.55 19.97 -26.67
N ASP B 202 18.79 19.56 -26.84
CA ASP B 202 19.68 19.33 -25.73
C ASP B 202 20.51 20.60 -25.48
N VAL B 203 20.18 21.33 -24.42
CA VAL B 203 20.74 22.67 -24.19
C VAL B 203 22.03 22.55 -23.42
N LYS B 204 23.15 22.77 -24.10
CA LYS B 204 24.44 22.77 -23.44
C LYS B 204 24.96 24.18 -23.26
N LYS B 205 26.02 24.33 -22.47
CA LYS B 205 26.61 25.65 -22.17
C LYS B 205 27.07 26.41 -23.42
N ASP B 206 27.43 25.66 -24.45
CA ASP B 206 28.16 26.19 -25.58
C ASP B 206 27.53 25.83 -26.92
N LYS B 207 26.42 25.09 -26.87
CA LYS B 207 25.70 24.72 -28.07
C LYS B 207 24.37 24.12 -27.70
N ILE B 208 23.49 24.09 -28.70
CA ILE B 208 22.21 23.41 -28.63
C ILE B 208 22.30 22.21 -29.57
N VAL B 209 22.20 21.02 -29.03
CA VAL B 209 22.30 19.84 -29.87
C VAL B 209 20.90 19.36 -30.22
N VAL B 210 20.70 18.98 -31.48
CA VAL B 210 19.40 18.57 -31.98
C VAL B 210 19.61 17.31 -32.76
N THR B 211 19.22 16.17 -32.20
CA THR B 211 19.45 14.91 -32.91
C THR B 211 18.31 14.40 -33.79
N SER B 212 17.16 15.07 -33.79
CA SER B 212 16.04 14.60 -34.58
C SER B 212 16.25 14.75 -36.07
N ILE B 213 16.92 15.82 -36.51
CA ILE B 213 17.17 16.03 -37.94
C ILE B 213 18.61 16.44 -38.25
N LEU B 214 19.00 16.18 -39.49
CA LEU B 214 20.32 16.55 -40.01
C LEU B 214 20.31 18.03 -40.35
N SER B 215 21.50 18.65 -40.38
CA SER B 215 21.63 20.08 -40.66
C SER B 215 20.88 20.46 -41.94
N GLU B 216 21.02 19.66 -42.98
CA GLU B 216 20.33 19.91 -44.26
C GLU B 216 18.80 20.08 -44.12
N GLN B 217 18.20 19.42 -43.14
CA GLN B 217 16.75 19.35 -43.08
C GLN B 217 16.12 20.55 -42.40
N PHE B 218 16.93 21.41 -41.81
CA PHE B 218 16.42 22.65 -41.20
C PHE B 218 15.89 23.61 -42.25
N ALA B 219 16.37 23.46 -43.47
CA ALA B 219 15.97 24.31 -44.57
C ALA B 219 14.46 24.26 -44.76
N ASN B 220 13.87 23.10 -44.45
CA ASN B 220 12.47 22.86 -44.77
C ASN B 220 11.54 22.84 -43.57
N VAL B 221 12.03 23.20 -42.39
CA VAL B 221 11.14 23.36 -41.25
C VAL B 221 10.02 24.28 -41.67
N PRO B 222 8.78 23.97 -41.28
CA PRO B 222 7.66 24.83 -41.62
C PRO B 222 7.88 26.29 -41.27
N ARG B 223 7.40 27.18 -42.14
CA ARG B 223 7.54 28.61 -41.93
C ARG B 223 6.27 29.18 -41.34
N LEU B 224 6.41 30.13 -40.43
CA LEU B 224 5.27 30.82 -39.86
C LEU B 224 4.79 31.90 -40.82
N GLN B 225 3.53 32.29 -40.69
CA GLN B 225 2.97 33.37 -41.50
C GLN B 225 3.44 34.73 -40.98
N SER B 226 3.53 34.86 -39.65
CA SER B 226 4.06 36.06 -39.02
C SER B 226 5.41 35.74 -38.40
N ARG B 227 6.13 36.77 -37.97
CA ARG B 227 7.43 36.56 -37.37
C ARG B 227 7.34 36.51 -35.85
N ASP B 228 6.28 37.11 -35.29
CA ASP B 228 6.18 37.29 -33.84
C ASP B 228 4.94 36.65 -33.25
N GLN B 229 4.30 35.80 -34.03
CA GLN B 229 3.12 35.08 -33.61
C GLN B 229 3.22 33.69 -34.17
N ILE B 230 2.43 32.78 -33.61
CA ILE B 230 2.31 31.43 -34.17
C ILE B 230 0.89 30.87 -33.90
N THR B 231 0.27 30.28 -34.92
CA THR B 231 -1.08 29.74 -34.76
C THR B 231 -1.03 28.30 -34.19
N LEU B 232 -2.15 27.83 -33.63
CA LEU B 232 -2.20 26.46 -33.17
C LEU B 232 -1.85 25.46 -34.25
N ARG B 233 -2.28 25.65 -35.48
CA ARG B 233 -1.89 24.67 -36.47
C ARG B 233 -0.41 24.73 -36.84
N GLU B 234 0.16 25.94 -36.82
CA GLU B 234 1.59 26.09 -37.08
C GLU B 234 2.44 25.39 -36.03
N GLU B 235 2.03 25.51 -34.76
CA GLU B 235 2.71 24.81 -33.68
C GLU B 235 2.73 23.30 -33.95
N ASP B 236 1.64 22.80 -34.53
CA ASP B 236 1.57 21.38 -34.83
C ASP B 236 2.50 21.05 -35.97
N LYS B 237 2.57 21.94 -36.96
CA LYS B 237 3.41 21.68 -38.13
C LYS B 237 4.88 21.65 -37.76
N VAL B 238 5.30 22.62 -36.96
CA VAL B 238 6.69 22.79 -36.56
C VAL B 238 7.14 21.61 -35.68
N SER B 239 6.31 21.24 -34.69
CA SER B 239 6.61 20.14 -33.78
C SER B 239 6.67 18.82 -34.52
N ALA B 240 5.66 18.58 -35.35
CA ALA B 240 5.60 17.36 -36.13
C ALA B 240 6.79 17.18 -37.06
N TYR B 241 7.34 18.28 -37.62
CA TYR B 241 8.48 18.17 -38.53
C TYR B 241 9.65 17.47 -37.88
N TYR B 242 10.00 17.87 -36.67
CA TYR B 242 11.13 17.25 -35.99
C TYR B 242 10.83 15.82 -35.55
N ALA B 243 9.61 15.58 -35.06
CA ALA B 243 9.18 14.24 -34.70
C ALA B 243 9.30 13.30 -35.89
N GLY B 244 8.99 13.79 -37.07
CA GLY B 244 9.17 12.98 -38.26
C GLY B 244 10.63 12.62 -38.50
N GLY B 245 11.57 13.50 -38.13
CA GLY B 245 12.98 13.18 -38.26
C GLY B 245 13.38 11.93 -37.49
N LEU B 246 12.73 11.69 -36.35
CA LEU B 246 13.05 10.54 -35.51
C LEU B 246 12.90 9.20 -36.26
N LEU B 247 11.97 9.15 -37.21
CA LEU B 247 11.78 7.95 -38.02
C LEU B 247 12.41 8.08 -39.41
N TYR B 248 12.54 9.32 -39.91
CA TYR B 248 12.83 9.54 -41.33
C TYR B 248 14.12 10.33 -41.68
N ALA B 249 14.85 10.84 -40.68
CA ALA B 249 16.00 11.68 -40.97
C ALA B 249 17.03 10.95 -41.80
N THR B 250 17.21 9.67 -41.56
CA THR B 250 18.01 8.82 -42.45
C THR B 250 17.27 7.54 -42.80
N PRO B 251 17.66 6.86 -43.91
CA PRO B 251 16.99 5.64 -44.36
C PRO B 251 16.95 4.58 -43.29
N GLU B 252 18.00 4.51 -42.50
CA GLU B 252 18.07 3.42 -41.57
C GLU B 252 17.23 3.61 -40.32
N ARG B 253 16.74 4.83 -40.09
CA ARG B 253 15.95 5.10 -38.89
C ARG B 253 14.58 4.38 -38.83
N ALA B 254 13.97 4.12 -39.99
CA ALA B 254 12.69 3.43 -40.05
C ALA B 254 12.80 1.90 -39.90
N GLU B 255 13.99 1.34 -40.07
CA GLU B 255 14.18 -0.11 -40.03
C GLU B 255 14.41 -0.59 -38.60
N SER B 256 14.42 -1.91 -38.40
CA SER B 256 14.58 -2.48 -37.08
C SER B 256 15.79 -1.91 -36.37
N LEU B 257 15.61 -1.56 -35.10
CA LEU B 257 16.72 -1.15 -34.25
C LEU B 257 17.79 -2.22 -34.11
N LEU B 258 17.37 -3.38 -33.67
CA LEU B 258 18.26 -4.50 -33.41
C LEU B 258 18.15 -5.48 -34.58
N ALA C 1 -13.32 1.17 -39.51
CA ALA C 1 -12.26 0.51 -38.69
C ALA C 1 -11.05 1.41 -38.33
N LEU C 2 -11.00 2.62 -38.88
CA LEU C 2 -9.94 3.57 -38.55
C LEU C 2 -10.56 4.79 -37.88
N LEU C 3 -9.95 5.34 -36.84
CA LEU C 3 -10.40 6.63 -36.34
C LEU C 3 -10.30 7.60 -37.50
N SER C 4 -11.10 8.66 -37.48
CA SER C 4 -11.13 9.58 -38.61
C SER C 4 -9.77 10.22 -38.92
N PHE C 5 -8.89 10.31 -37.91
CA PHE C 5 -7.59 10.98 -38.06
C PHE C 5 -6.44 10.00 -38.15
N GLU C 6 -6.76 8.71 -38.15
CA GLU C 6 -5.77 7.67 -37.94
C GLU C 6 -4.90 7.34 -39.15
N ARG C 7 -5.46 7.40 -40.36
CA ARG C 7 -4.77 6.85 -41.53
C ARG C 7 -3.38 7.44 -41.78
N LYS C 8 -3.24 8.74 -41.56
CA LYS C 8 -1.98 9.41 -41.83
C LYS C 8 -0.85 8.88 -40.95
N TYR C 9 -1.19 8.26 -39.83
CA TYR C 9 -0.21 7.77 -38.87
C TYR C 9 0.23 6.33 -39.13
N ARG C 10 -0.50 5.63 -39.97
CA ARG C 10 -0.31 4.19 -40.10
C ARG C 10 0.79 3.82 -41.09
N VAL C 11 2.01 4.26 -40.82
CA VAL C 11 3.12 4.07 -41.75
C VAL C 11 3.96 2.90 -41.29
N ARG C 12 4.76 2.35 -42.20
CA ARG C 12 5.70 1.28 -41.83
C ARG C 12 6.87 1.86 -41.05
N GLY C 13 7.44 1.04 -40.18
CA GLY C 13 8.70 1.40 -39.53
C GLY C 13 8.56 1.50 -38.03
N GLY C 14 9.69 1.52 -37.35
CA GLY C 14 9.67 1.73 -35.93
C GLY C 14 9.92 0.49 -35.10
N THR C 15 10.06 -0.66 -35.75
CA THR C 15 10.19 -1.91 -35.01
C THR C 15 11.56 -2.04 -34.32
N LEU C 16 11.57 -2.76 -33.21
CA LEU C 16 12.80 -3.12 -32.56
C LEU C 16 13.40 -4.32 -33.27
N ILE C 17 12.60 -5.35 -33.53
CA ILE C 17 13.07 -6.51 -34.28
C ILE C 17 11.96 -6.98 -35.23
N GLY C 18 12.36 -7.56 -36.36
CA GLY C 18 11.39 -8.13 -37.26
C GLY C 18 11.22 -7.32 -38.51
N GLY C 19 11.23 -6.01 -38.39
CA GLY C 19 11.04 -5.16 -39.55
C GLY C 19 9.67 -5.36 -40.16
N ASP C 20 9.65 -5.50 -41.48
CA ASP C 20 8.40 -5.53 -42.24
C ASP C 20 7.58 -6.79 -42.01
N LEU C 21 8.22 -7.82 -41.50
CA LEU C 21 7.59 -9.13 -41.37
C LEU C 21 6.28 -9.10 -40.54
N PHE C 22 6.29 -8.45 -39.37
CA PHE C 22 5.10 -8.36 -38.51
C PHE C 22 4.62 -6.94 -38.34
N ASP C 23 5.09 -6.05 -39.20
CA ASP C 23 4.71 -4.65 -39.14
C ASP C 23 3.36 -4.42 -39.80
N PHE C 24 2.29 -4.71 -39.06
CA PHE C 24 0.94 -4.49 -39.56
C PHE C 24 -0.07 -4.55 -38.41
N TRP C 25 -1.32 -4.21 -38.72
CA TRP C 25 -2.39 -4.19 -37.74
C TRP C 25 -3.37 -5.31 -38.03
N VAL C 26 -3.99 -5.78 -36.95
CA VAL C 26 -5.14 -6.65 -37.00
C VAL C 26 -6.24 -5.91 -36.28
N GLY C 27 -7.17 -5.38 -37.05
CA GLY C 27 -8.14 -4.50 -36.45
C GLY C 27 -7.46 -3.24 -35.94
N PRO C 28 -7.72 -2.85 -34.69
CA PRO C 28 -7.08 -1.69 -34.08
C PRO C 28 -5.68 -2.01 -33.55
N TYR C 29 -5.37 -3.29 -33.42
CA TYR C 29 -4.15 -3.72 -32.73
C TYR C 29 -2.97 -3.70 -33.66
N PHE C 30 -1.89 -3.07 -33.23
CA PHE C 30 -0.62 -3.27 -33.88
C PHE C 30 -0.15 -4.68 -33.51
N VAL C 31 0.48 -5.39 -34.43
CA VAL C 31 1.07 -6.68 -34.12
C VAL C 31 2.55 -6.57 -33.76
N GLY C 32 3.43 -6.60 -34.74
CA GLY C 32 4.86 -6.58 -34.45
C GLY C 32 5.33 -7.92 -33.92
N PHE C 33 6.63 -8.12 -33.90
CA PHE C 33 7.17 -9.35 -33.42
C PHE C 33 6.73 -9.62 -31.96
N PHE C 34 6.62 -8.57 -31.15
CA PHE C 34 6.28 -8.73 -29.73
C PHE C 34 4.79 -8.93 -29.48
N GLY C 35 3.96 -8.57 -30.46
CA GLY C 35 2.57 -8.98 -30.44
C GLY C 35 2.43 -10.48 -30.67
N VAL C 36 3.22 -11.01 -31.59
CA VAL C 36 3.30 -12.44 -31.86
C VAL C 36 3.80 -13.19 -30.63
N SER C 37 4.88 -12.72 -30.00
CA SER C 37 5.34 -13.41 -28.81
C SER C 37 4.41 -13.22 -27.59
N ALA C 38 3.76 -12.06 -27.49
CA ALA C 38 2.78 -11.85 -26.41
C ALA C 38 1.67 -12.87 -26.55
N ILE C 39 1.14 -13.01 -27.75
CA ILE C 39 0.04 -13.91 -27.99
C ILE C 39 0.44 -15.37 -27.74
N PHE C 40 1.64 -15.73 -28.18
CA PHE C 40 2.16 -17.04 -27.91
C PHE C 40 2.17 -17.34 -26.40
N PHE C 41 2.68 -16.42 -25.60
CA PHE C 41 2.80 -16.64 -24.15
C PHE C 41 1.46 -16.60 -23.44
N ILE C 42 0.56 -15.73 -23.87
CA ILE C 42 -0.76 -15.66 -23.27
C ILE C 42 -1.44 -16.99 -23.52
N PHE C 43 -1.38 -17.45 -24.75
CA PHE C 43 -2.05 -18.65 -25.15
C PHE C 43 -1.53 -19.85 -24.38
N LEU C 44 -0.21 -19.97 -24.30
CA LEU C 44 0.39 -20.98 -23.47
C LEU C 44 -0.02 -20.87 -21.99
N GLY C 45 0.14 -19.68 -21.42
CA GLY C 45 -0.09 -19.53 -20.00
C GLY C 45 -1.52 -19.85 -19.69
N VAL C 46 -2.43 -19.40 -20.55
CA VAL C 46 -3.84 -19.61 -20.33
C VAL C 46 -4.22 -21.09 -20.54
N SER C 47 -3.54 -21.78 -21.44
CA SER C 47 -3.72 -23.22 -21.57
C SER C 47 -3.27 -23.97 -20.33
N LEU C 48 -2.12 -23.59 -19.80
CA LEU C 48 -1.59 -24.23 -18.60
C LEU C 48 -2.50 -24.01 -17.41
N ILE C 49 -3.08 -22.83 -17.31
CA ILE C 49 -4.02 -22.53 -16.27
C ILE C 49 -5.25 -23.43 -16.36
N GLY C 50 -5.80 -23.58 -17.57
CA GLY C 50 -6.98 -24.40 -17.75
C GLY C 50 -6.73 -25.87 -17.42
N TYR C 51 -5.63 -26.39 -17.95
CA TYR C 51 -5.22 -27.74 -17.65
C TYR C 51 -4.99 -27.95 -16.15
N ALA C 52 -4.21 -27.07 -15.53
CA ALA C 52 -4.01 -27.16 -14.09
C ALA C 52 -5.33 -27.11 -13.35
N ALA C 53 -6.20 -26.17 -13.69
CA ALA C 53 -7.43 -25.96 -12.96
C ALA C 53 -8.34 -27.17 -13.11
N SER C 54 -8.26 -27.82 -14.26
CA SER C 54 -9.09 -28.99 -14.53
C SER C 54 -8.68 -30.15 -13.66
N GLN C 55 -7.38 -30.23 -13.36
CA GLN C 55 -6.83 -31.25 -12.47
C GLN C 55 -7.19 -31.00 -11.00
N GLY C 56 -7.83 -29.87 -10.72
CA GLY C 56 -8.12 -29.51 -9.34
C GLY C 56 -9.57 -29.73 -8.97
N PRO C 57 -9.97 -29.39 -7.74
CA PRO C 57 -11.25 -29.80 -7.12
C PRO C 57 -12.45 -28.93 -7.51
N THR C 58 -12.18 -27.81 -8.16
CA THR C 58 -13.17 -26.77 -8.30
C THR C 58 -13.13 -26.14 -9.67
N TRP C 59 -14.29 -25.63 -10.08
CA TRP C 59 -14.36 -24.76 -11.24
C TRP C 59 -14.97 -23.42 -10.87
N ASP C 60 -15.27 -23.23 -9.59
CA ASP C 60 -15.64 -21.90 -9.10
C ASP C 60 -14.44 -20.98 -9.24
N PRO C 61 -14.63 -19.86 -9.94
CA PRO C 61 -13.55 -18.93 -10.29
C PRO C 61 -12.95 -18.24 -9.05
N PHE C 62 -13.74 -18.08 -7.99
CA PHE C 62 -13.24 -17.52 -6.74
C PHE C 62 -12.37 -18.50 -6.00
N ALA C 63 -12.59 -19.78 -6.25
CA ALA C 63 -11.94 -20.83 -5.47
C ALA C 63 -10.74 -21.48 -6.15
N ILE C 64 -10.67 -21.45 -7.48
CA ILE C 64 -9.54 -22.06 -8.20
C ILE C 64 -8.22 -21.45 -7.73
N SER C 65 -7.18 -22.27 -7.63
CA SER C 65 -5.90 -21.81 -7.12
C SER C 65 -4.81 -22.72 -7.62
N ILE C 66 -3.83 -22.13 -8.29
CA ILE C 66 -2.64 -22.84 -8.77
C ILE C 66 -1.40 -22.38 -7.95
N ASN C 67 -0.86 -23.28 -7.13
CA ASN C 67 0.04 -22.90 -6.05
C ASN C 67 1.48 -23.31 -6.33
N PRO C 68 2.46 -22.60 -5.77
CA PRO C 68 3.87 -22.94 -5.94
C PRO C 68 4.16 -24.25 -5.21
N PRO C 69 5.39 -24.78 -5.34
CA PRO C 69 5.73 -26.04 -4.64
C PRO C 69 5.91 -25.86 -3.15
N ASP C 70 5.93 -26.97 -2.42
CA ASP C 70 6.37 -26.96 -1.04
C ASP C 70 7.77 -26.37 -0.96
N LEU C 71 8.12 -25.83 0.20
CA LEU C 71 9.46 -25.24 0.39
C LEU C 71 10.57 -26.23 0.12
N LYS C 72 10.35 -27.50 0.48
CA LYS C 72 11.37 -28.54 0.38
C LYS C 72 11.95 -28.71 -1.01
N TYR C 73 11.21 -28.34 -2.05
CA TYR C 73 11.73 -28.42 -3.41
C TYR C 73 12.75 -27.36 -3.70
N GLY C 74 12.94 -26.41 -2.79
CA GLY C 74 13.94 -25.40 -2.98
C GLY C 74 13.72 -24.66 -4.27
N LEU C 75 14.80 -24.46 -5.02
CA LEU C 75 14.71 -23.72 -6.27
C LEU C 75 14.75 -24.64 -7.48
N GLY C 76 14.39 -25.91 -7.24
CA GLY C 76 14.39 -26.91 -8.29
C GLY C 76 13.02 -27.06 -8.92
N ALA C 77 12.92 -27.94 -9.92
CA ALA C 77 11.66 -28.23 -10.58
C ALA C 77 10.84 -29.12 -9.69
N ALA C 78 9.53 -28.82 -9.64
CA ALA C 78 8.58 -29.57 -8.84
C ALA C 78 7.73 -30.39 -9.80
N PRO C 79 7.10 -31.46 -9.32
CA PRO C 79 6.08 -32.15 -10.13
C PRO C 79 4.98 -31.20 -10.59
N LEU C 80 4.51 -31.42 -11.81
CA LEU C 80 3.55 -30.55 -12.47
C LEU C 80 2.40 -30.16 -11.55
N LEU C 81 1.79 -31.16 -10.93
CA LEU C 81 0.61 -30.92 -10.16
C LEU C 81 0.93 -30.28 -8.83
N GLU C 82 2.17 -30.44 -8.37
CA GLU C 82 2.57 -29.94 -7.05
C GLU C 82 3.52 -28.76 -7.11
N GLY C 83 3.26 -27.84 -8.03
CA GLY C 83 4.10 -26.67 -8.12
C GLY C 83 4.63 -26.45 -9.51
N GLY C 84 4.71 -27.51 -10.30
CA GLY C 84 5.30 -27.42 -11.61
C GLY C 84 4.48 -26.60 -12.56
N PHE C 85 3.16 -26.73 -12.51
CA PHE C 85 2.28 -25.88 -13.30
C PHE C 85 2.53 -24.40 -12.98
N TRP C 86 2.59 -24.10 -11.68
CA TRP C 86 2.80 -22.75 -11.21
C TRP C 86 4.09 -22.22 -11.78
N GLN C 87 5.13 -23.03 -11.79
CA GLN C 87 6.43 -22.60 -12.29
C GLN C 87 6.37 -22.25 -13.78
N ALA C 88 5.65 -23.07 -14.53
CA ALA C 88 5.51 -22.83 -15.95
C ALA C 88 4.68 -21.59 -16.24
N ILE C 89 3.56 -21.44 -15.54
CA ILE C 89 2.71 -20.25 -15.71
C ILE C 89 3.48 -18.95 -15.40
N THR C 90 4.36 -18.97 -14.40
CA THR C 90 5.14 -17.80 -14.04
C THR C 90 6.03 -17.36 -15.18
N VAL C 91 6.64 -18.34 -15.84
CA VAL C 91 7.45 -18.09 -17.02
C VAL C 91 6.62 -17.52 -18.18
N CYS C 92 5.45 -18.06 -18.42
CA CYS C 92 4.60 -17.50 -19.46
C CYS C 92 4.14 -16.10 -19.12
N ALA C 93 3.85 -15.86 -17.84
CA ALA C 93 3.46 -14.52 -17.37
C ALA C 93 4.58 -13.51 -17.63
N LEU C 94 5.79 -13.81 -17.20
CA LEU C 94 6.92 -12.94 -17.47
C LEU C 94 7.11 -12.68 -18.96
N GLY C 95 7.01 -13.75 -19.75
CA GLY C 95 7.14 -13.64 -21.19
C GLY C 95 6.09 -12.74 -21.80
N ALA C 96 4.84 -12.89 -21.38
CA ALA C 96 3.76 -12.04 -21.84
C ALA C 96 3.96 -10.58 -21.46
N PHE C 97 4.33 -10.32 -20.21
CA PHE C 97 4.49 -8.94 -19.72
C PHE C 97 5.60 -8.19 -20.45
N ILE C 98 6.75 -8.82 -20.56
CA ILE C 98 7.88 -8.21 -21.24
C ILE C 98 7.63 -7.99 -22.74
N SER C 99 7.00 -8.95 -23.41
CA SER C 99 6.57 -8.73 -24.79
C SER C 99 5.64 -7.55 -24.88
N TRP C 100 4.69 -7.45 -23.94
CA TRP C 100 3.73 -6.36 -23.94
C TRP C 100 4.46 -5.01 -23.82
N MET C 101 5.47 -4.99 -22.97
CA MET C 101 6.28 -3.79 -22.75
C MET C 101 7.06 -3.39 -24.02
N LEU C 102 7.68 -4.38 -24.67
CA LEU C 102 8.45 -4.11 -25.88
C LEU C 102 7.60 -3.76 -27.08
N ARG C 103 6.40 -4.34 -27.16
CA ARG C 103 5.43 -3.94 -28.17
C ARG C 103 5.09 -2.47 -28.02
N GLU C 104 4.94 -2.00 -26.78
CA GLU C 104 4.67 -0.58 -26.54
C GLU C 104 5.78 0.35 -27.05
N VAL C 105 7.03 -0.10 -26.98
CA VAL C 105 8.15 0.67 -27.50
C VAL C 105 8.07 0.84 -29.02
N GLU C 106 7.78 -0.25 -29.72
CA GLU C 106 7.60 -0.21 -31.17
C GLU C 106 6.45 0.70 -31.58
N ILE C 107 5.34 0.65 -30.85
CA ILE C 107 4.21 1.55 -31.11
C ILE C 107 4.62 3.02 -30.88
N SER C 108 5.31 3.30 -29.76
CA SER C 108 5.87 4.63 -29.49
C SER C 108 6.75 5.13 -30.62
N ARG C 109 7.71 4.32 -31.05
CA ARG C 109 8.65 4.69 -32.09
C ARG C 109 7.90 5.05 -33.36
N LYS C 110 6.94 4.24 -33.77
CA LYS C 110 6.21 4.48 -35.03
C LYS C 110 5.46 5.81 -35.01
N LEU C 111 5.05 6.24 -33.82
CA LEU C 111 4.24 7.44 -33.65
C LEU C 111 5.11 8.68 -33.42
N GLY C 112 6.40 8.47 -33.24
CA GLY C 112 7.30 9.58 -32.97
C GLY C 112 7.16 10.18 -31.58
N ILE C 113 6.71 9.39 -30.61
CA ILE C 113 6.51 9.89 -29.26
C ILE C 113 7.50 9.25 -28.29
N GLY C 114 7.62 9.83 -27.10
CA GLY C 114 8.52 9.28 -26.11
C GLY C 114 8.17 7.87 -25.67
N TRP C 115 9.12 7.19 -25.05
CA TRP C 115 8.92 5.81 -24.63
C TRP C 115 8.48 5.74 -23.17
N HIS C 116 7.84 6.80 -22.69
CA HIS C 116 7.57 6.91 -21.26
C HIS C 116 6.61 5.86 -20.75
N VAL C 117 5.64 5.45 -21.58
CA VAL C 117 4.66 4.49 -21.11
C VAL C 117 5.29 3.10 -20.92
N PRO C 118 6.03 2.56 -21.91
CA PRO C 118 6.62 1.24 -21.64
C PRO C 118 7.58 1.26 -20.46
N LEU C 119 8.27 2.38 -20.30
CA LEU C 119 9.11 2.61 -19.14
C LEU C 119 8.35 2.56 -17.83
N ALA C 120 7.24 3.31 -17.75
CA ALA C 120 6.40 3.28 -16.57
C ALA C 120 5.90 1.85 -16.30
N PHE C 121 5.64 1.09 -17.35
CA PHE C 121 5.10 -0.26 -17.25
C PHE C 121 6.15 -1.27 -16.75
N CYS C 122 7.44 -0.94 -16.85
CA CYS C 122 8.49 -1.76 -16.25
C CYS C 122 8.35 -1.84 -14.74
N VAL C 123 7.77 -0.83 -14.10
CA VAL C 123 7.68 -0.79 -12.64
C VAL C 123 6.80 -1.90 -12.08
N PRO C 124 5.57 -2.08 -12.62
CA PRO C 124 4.79 -3.24 -12.16
C PRO C 124 5.43 -4.59 -12.53
N ILE C 125 6.11 -4.66 -13.66
CA ILE C 125 6.79 -5.89 -14.03
C ILE C 125 7.91 -6.21 -13.04
N PHE C 126 8.64 -5.18 -12.63
CA PHE C 126 9.69 -5.31 -11.62
C PHE C 126 9.13 -5.84 -10.30
N MET C 127 8.05 -5.23 -9.82
CA MET C 127 7.39 -5.64 -8.58
C MET C 127 6.95 -7.10 -8.65
N PHE C 128 6.40 -7.53 -9.80
CA PHE C 128 6.06 -8.93 -9.97
C PHE C 128 7.30 -9.79 -9.78
N CYS C 129 8.43 -9.35 -10.33
CA CYS C 129 9.68 -10.08 -10.16
C CYS C 129 10.18 -10.08 -8.73
N VAL C 130 9.97 -8.98 -8.01
CA VAL C 130 10.37 -8.96 -6.60
C VAL C 130 9.62 -10.04 -5.82
N LEU C 131 8.31 -10.14 -6.04
CA LEU C 131 7.48 -11.06 -5.26
C LEU C 131 7.74 -12.51 -5.65
N GLN C 132 7.85 -12.76 -6.95
CA GLN C 132 7.82 -14.11 -7.50
C GLN C 132 9.20 -14.69 -7.78
N VAL C 133 10.19 -13.82 -8.04
CA VAL C 133 11.53 -14.27 -8.43
C VAL C 133 12.63 -13.93 -7.43
N PHE C 134 12.84 -12.64 -7.17
CA PHE C 134 13.95 -12.19 -6.35
C PHE C 134 13.83 -12.60 -4.90
N ARG C 135 12.69 -12.34 -4.27
CA ARG C 135 12.55 -12.72 -2.87
C ARG C 135 12.60 -14.24 -2.64
N PRO C 136 11.91 -15.05 -3.48
CA PRO C 136 12.09 -16.52 -3.41
C PRO C 136 13.53 -16.98 -3.60
N LEU C 137 14.25 -16.38 -4.56
CA LEU C 137 15.68 -16.66 -4.72
C LEU C 137 16.47 -16.36 -3.45
N LEU C 138 16.26 -15.19 -2.84
CA LEU C 138 16.95 -14.83 -1.59
C LEU C 138 16.65 -15.77 -0.42
N LEU C 139 15.43 -16.30 -0.39
CA LEU C 139 15.03 -17.21 0.68
C LEU C 139 15.32 -18.67 0.31
N GLY C 140 15.60 -18.93 -0.96
CA GLY C 140 16.06 -20.25 -1.34
C GLY C 140 14.98 -21.22 -1.76
N SER C 141 13.80 -20.73 -2.11
CA SER C 141 12.74 -21.65 -2.49
C SER C 141 11.65 -20.93 -3.27
N TRP C 142 11.25 -21.50 -4.40
CA TRP C 142 10.08 -21.02 -5.14
C TRP C 142 8.81 -20.99 -4.27
N GLY C 143 8.77 -21.85 -3.25
CA GLY C 143 7.59 -21.98 -2.42
C GLY C 143 7.19 -20.75 -1.62
N HIS C 144 8.02 -19.71 -1.64
CA HIS C 144 7.73 -18.43 -0.96
C HIS C 144 6.90 -17.46 -1.81
N ALA C 145 6.73 -17.77 -3.09
CA ALA C 145 5.99 -16.93 -4.04
C ALA C 145 4.47 -17.10 -3.87
N PHE C 146 3.70 -16.18 -4.44
CA PHE C 146 2.25 -16.21 -4.22
C PHE C 146 1.53 -17.10 -5.24
N PRO C 147 0.39 -17.69 -4.85
CA PRO C 147 -0.39 -18.59 -5.71
C PRO C 147 -1.26 -17.81 -6.69
N TYR C 148 -1.61 -18.45 -7.80
CA TYR C 148 -2.48 -17.85 -8.79
C TYR C 148 -3.91 -18.28 -8.53
N GLY C 149 -4.64 -17.45 -7.80
CA GLY C 149 -6.04 -17.68 -7.56
C GLY C 149 -6.60 -16.35 -7.11
N ILE C 150 -7.80 -16.03 -7.58
CA ILE C 150 -8.40 -14.74 -7.32
C ILE C 150 -8.48 -14.43 -5.84
N LEU C 151 -8.91 -15.40 -5.02
CA LEU C 151 -8.97 -15.18 -3.58
C LEU C 151 -7.79 -15.77 -2.85
N SER C 152 -7.22 -16.87 -3.36
CA SER C 152 -6.11 -17.48 -2.66
C SER C 152 -4.89 -16.57 -2.57
N HIS C 153 -4.63 -15.74 -3.59
CA HIS C 153 -3.49 -14.82 -3.51
C HIS C 153 -3.64 -13.78 -2.39
N LEU C 154 -4.88 -13.51 -1.98
CA LEU C 154 -5.15 -12.66 -0.82
C LEU C 154 -4.78 -13.37 0.47
N ASP C 155 -5.00 -14.69 0.53
CA ASP C 155 -4.65 -15.46 1.73
C ASP C 155 -3.12 -15.54 1.94
N TRP C 156 -2.38 -15.62 0.83
CA TRP C 156 -0.93 -15.49 0.86
C TRP C 156 -0.46 -14.12 1.36
N VAL C 157 -1.01 -13.03 0.82
CA VAL C 157 -0.66 -11.67 1.29
C VAL C 157 -0.92 -11.51 2.80
N ASN C 158 -2.04 -12.06 3.23
CA ASN C 158 -2.47 -12.05 4.61
C ASN C 158 -1.46 -12.74 5.52
N ASN C 159 -1.15 -13.99 5.22
CA ASN C 159 -0.22 -14.76 6.04
C ASN C 159 1.21 -14.19 5.99
N PHE C 160 1.66 -13.80 4.80
CA PHE C 160 2.94 -13.12 4.63
C PHE C 160 3.02 -11.91 5.59
N GLY C 161 1.99 -11.07 5.60
CA GLY C 161 2.02 -9.91 6.45
C GLY C 161 2.11 -10.30 7.90
N TYR C 162 1.29 -11.27 8.31
CA TYR C 162 1.24 -11.67 9.71
C TYR C 162 2.42 -12.53 10.16
N GLN C 163 3.24 -12.99 9.22
CA GLN C 163 4.50 -13.63 9.60
C GLN C 163 5.44 -12.62 10.29
N TYR C 164 5.20 -11.33 10.07
CA TYR C 164 6.01 -10.30 10.67
C TYR C 164 5.17 -9.52 11.65
N LEU C 165 4.24 -10.23 12.27
CA LEU C 165 3.39 -9.76 13.36
C LEU C 165 2.44 -8.61 13.02
N ASN C 166 2.98 -7.46 12.63
CA ASN C 166 2.12 -6.39 12.12
C ASN C 166 2.84 -5.69 10.98
N TRP C 167 2.46 -6.07 9.76
CA TRP C 167 3.06 -5.56 8.55
C TRP C 167 2.91 -4.04 8.37
N PHE C 168 1.94 -3.44 9.06
CA PHE C 168 1.69 -1.99 8.96
C PHE C 168 2.88 -1.15 9.44
N TYR C 169 3.70 -1.73 10.32
CA TYR C 169 4.84 -1.04 10.86
C TYR C 169 6.09 -1.18 9.96
N ASN C 170 5.95 -1.88 8.83
CA ASN C 170 7.06 -2.09 7.90
C ASN C 170 7.32 -0.73 7.24
N PRO C 171 8.54 -0.16 7.44
CA PRO C 171 8.84 1.16 6.88
C PRO C 171 8.72 1.27 5.35
N GLY C 172 9.03 0.20 4.62
CA GLY C 172 8.80 0.21 3.17
C GLY C 172 7.32 0.19 2.80
N HIS C 173 6.51 -0.47 3.63
CA HIS C 173 5.06 -0.48 3.48
C HIS C 173 4.44 0.89 3.79
N MET C 174 4.91 1.54 4.85
CA MET C 174 4.45 2.88 5.18
C MET C 174 4.67 3.85 4.04
N SER C 175 5.81 3.74 3.40
CA SER C 175 6.10 4.57 2.27
C SER C 175 5.22 4.19 1.08
N SER C 176 5.12 2.90 0.82
CA SER C 176 4.28 2.39 -0.26
C SER C 176 2.83 2.89 -0.17
N VAL C 177 2.21 2.68 0.98
CA VAL C 177 0.84 3.10 1.27
C VAL C 177 0.66 4.60 1.08
N SER C 178 1.62 5.37 1.59
CA SER C 178 1.56 6.80 1.48
C SER C 178 1.53 7.25 0.02
N PHE C 179 2.33 6.63 -0.83
CA PHE C 179 2.28 6.95 -2.24
C PHE C 179 0.99 6.51 -2.90
N LEU C 180 0.49 5.33 -2.54
CA LEU C 180 -0.82 4.86 -3.03
C LEU C 180 -1.92 5.90 -2.73
N PHE C 181 -1.96 6.38 -1.49
CA PHE C 181 -2.94 7.38 -1.04
C PHE C 181 -2.76 8.76 -1.72
N VAL C 182 -1.53 9.29 -1.76
CA VAL C 182 -1.32 10.58 -2.43
C VAL C 182 -1.65 10.48 -3.90
N ASN C 183 -1.23 9.38 -4.52
CA ASN C 183 -1.48 9.24 -5.94
C ASN C 183 -2.97 9.22 -6.26
N ALA C 184 -3.77 8.49 -5.48
CA ALA C 184 -5.24 8.45 -5.68
C ALA C 184 -5.86 9.82 -5.48
N MET C 185 -5.46 10.53 -4.43
CA MET C 185 -5.91 11.91 -4.21
C MET C 185 -5.53 12.82 -5.36
N ALA C 186 -4.27 12.74 -5.78
CA ALA C 186 -3.75 13.60 -6.85
C ALA C 186 -4.45 13.37 -8.19
N LEU C 187 -4.77 12.11 -8.49
CA LEU C 187 -5.47 11.81 -9.74
C LEU C 187 -6.89 12.39 -9.71
N GLY C 188 -7.54 12.36 -8.56
CA GLY C 188 -8.86 12.96 -8.46
C GLY C 188 -8.79 14.46 -8.59
N LEU C 189 -7.79 15.06 -7.94
CA LEU C 189 -7.53 16.49 -8.05
C LEU C 189 -7.18 16.91 -9.48
N HIS C 190 -6.23 16.22 -10.12
CA HIS C 190 -5.87 16.54 -11.50
C HIS C 190 -7.05 16.37 -12.47
N GLY C 191 -7.72 15.22 -12.41
CA GLY C 191 -8.87 14.98 -13.28
C GLY C 191 -9.98 15.98 -13.02
N GLY C 192 -10.28 16.23 -11.76
CA GLY C 192 -11.29 17.22 -11.42
C GLY C 192 -10.98 18.63 -11.89
N LEU C 193 -9.71 19.02 -11.84
CA LEU C 193 -9.33 20.37 -12.23
C LEU C 193 -9.55 20.55 -13.72
N ILE C 194 -9.08 19.60 -14.53
CA ILE C 194 -9.22 19.70 -15.99
C ILE C 194 -10.69 19.72 -16.41
N LEU C 195 -11.52 18.93 -15.73
CA LEU C 195 -12.94 18.86 -16.05
C LEU C 195 -13.62 20.15 -15.63
N SER C 196 -13.22 20.68 -14.48
CA SER C 196 -13.82 21.92 -13.95
C SER C 196 -13.53 23.12 -14.86
N VAL C 197 -12.42 23.06 -15.58
CA VAL C 197 -12.01 24.14 -16.47
C VAL C 197 -12.72 24.01 -17.82
N ALA C 198 -12.81 22.78 -18.34
CA ALA C 198 -13.44 22.56 -19.62
C ALA C 198 -14.97 22.51 -19.50
N ASN C 199 -15.49 22.33 -18.29
CA ASN C 199 -16.92 22.18 -18.08
C ASN C 199 -17.40 23.02 -16.91
N PRO C 200 -17.42 24.36 -17.06
CA PRO C 200 -17.76 25.24 -15.94
C PRO C 200 -19.25 25.21 -15.59
N GLY C 201 -20.07 24.73 -16.51
CA GLY C 201 -21.48 24.61 -16.22
C GLY C 201 -22.24 25.75 -16.85
N ASP C 202 -23.57 25.75 -16.67
CA ASP C 202 -24.48 26.68 -17.36
C ASP C 202 -24.04 26.82 -18.81
N GLY C 203 -23.96 28.04 -19.32
CA GLY C 203 -23.31 28.21 -20.61
C GLY C 203 -22.05 29.03 -20.44
N ASP C 204 -21.36 28.84 -19.32
CA ASP C 204 -20.18 29.61 -19.05
C ASP C 204 -19.08 29.20 -20.00
N LYS C 205 -18.14 30.11 -20.22
CA LYS C 205 -17.06 29.87 -21.14
C LYS C 205 -16.03 28.95 -20.51
N VAL C 206 -15.51 28.08 -21.33
CA VAL C 206 -14.32 27.31 -20.99
C VAL C 206 -13.25 28.27 -20.46
N LYS C 207 -12.58 27.88 -19.38
CA LYS C 207 -11.53 28.70 -18.82
C LYS C 207 -10.11 28.38 -19.36
N THR C 208 -9.08 28.75 -18.62
CA THR C 208 -7.76 28.93 -19.22
C THR C 208 -6.67 28.27 -18.39
N ALA C 209 -5.46 28.22 -18.96
CA ALA C 209 -4.26 27.79 -18.24
C ALA C 209 -4.06 28.62 -16.98
N GLU C 210 -4.36 29.92 -17.05
CA GLU C 210 -4.18 30.81 -15.90
C GLU C 210 -5.13 30.49 -14.76
N HIS C 211 -6.35 30.06 -15.09
CA HIS C 211 -7.33 29.67 -14.08
C HIS C 211 -6.89 28.46 -13.28
N GLU C 212 -6.26 27.50 -13.94
CA GLU C 212 -5.78 26.29 -13.27
C GLU C 212 -4.77 26.68 -12.21
N ASN C 213 -3.83 27.53 -12.59
CA ASN C 213 -2.77 27.98 -11.69
C ASN C 213 -3.36 28.78 -10.56
N GLN C 214 -4.35 29.63 -10.87
CA GLN C 214 -4.99 30.44 -9.85
C GLN C 214 -5.74 29.61 -8.83
N TYR C 215 -6.49 28.61 -9.28
CA TYR C 215 -7.25 27.75 -8.36
C TYR C 215 -6.38 27.13 -7.27
N PHE C 216 -5.29 26.47 -7.64
CA PHE C 216 -4.47 25.84 -6.60
C PHE C 216 -3.60 26.80 -5.79
N ARG C 217 -3.15 27.88 -6.42
CA ARG C 217 -2.51 29.02 -5.75
C ARG C 217 -3.42 29.57 -4.68
N ASP C 218 -4.71 29.68 -4.99
CA ASP C 218 -5.70 30.11 -4.00
C ASP C 218 -5.93 29.08 -2.91
N VAL C 219 -6.21 27.84 -3.30
CA VAL C 219 -6.60 26.84 -2.33
C VAL C 219 -5.45 26.39 -1.43
N VAL C 220 -4.27 26.13 -2.00
CA VAL C 220 -3.16 25.64 -1.18
C VAL C 220 -1.87 26.48 -1.23
N GLY C 221 -1.85 27.54 -2.02
CA GLY C 221 -0.68 28.40 -2.04
C GLY C 221 0.37 27.98 -3.05
N TYR C 222 0.13 26.89 -3.77
CA TYR C 222 1.06 26.45 -4.80
C TYR C 222 0.37 25.70 -5.94
N SER C 223 0.71 26.09 -7.16
CA SER C 223 0.34 25.32 -8.34
C SER C 223 1.59 24.77 -9.04
N ILE C 224 1.61 23.45 -9.26
CA ILE C 224 2.83 22.82 -9.79
C ILE C 224 2.98 23.03 -11.29
N GLY C 225 1.89 23.40 -11.95
CA GLY C 225 1.94 23.62 -13.38
C GLY C 225 1.45 22.43 -14.20
N ALA C 226 1.07 22.70 -15.45
CA ALA C 226 0.37 21.74 -16.29
C ALA C 226 1.25 20.58 -16.75
N LEU C 227 2.46 20.82 -17.23
CA LEU C 227 3.35 19.71 -17.56
C LEU C 227 3.80 18.98 -16.32
N SER C 228 4.09 19.73 -15.25
CA SER C 228 4.70 19.13 -14.08
C SER C 228 3.78 18.21 -13.29
N ILE C 229 2.46 18.43 -13.35
CA ILE C 229 1.52 17.54 -12.65
C ILE C 229 1.52 16.12 -13.26
N HIS C 230 1.86 16.02 -14.54
CA HIS C 230 1.98 14.72 -15.20
C HIS C 230 3.27 13.98 -14.86
N ARG C 231 4.37 14.71 -14.78
CA ARG C 231 5.61 14.19 -14.23
C ARG C 231 5.41 13.75 -12.78
N LEU C 232 4.73 14.55 -11.98
CA LEU C 232 4.49 14.19 -10.61
C LEU C 232 3.63 12.92 -10.49
N GLY C 233 2.59 12.81 -11.29
CA GLY C 233 1.70 11.66 -11.19
C GLY C 233 2.44 10.39 -11.53
N LEU C 234 3.33 10.46 -12.51
CA LEU C 234 4.15 9.31 -12.88
C LEU C 234 5.11 8.93 -11.77
N PHE C 235 5.61 9.96 -11.08
CA PHE C 235 6.52 9.76 -9.97
C PHE C 235 5.80 9.15 -8.78
N LEU C 236 4.68 9.72 -8.38
CA LEU C 236 3.93 9.22 -7.22
C LEU C 236 3.53 7.75 -7.42
N ALA C 237 2.96 7.46 -8.58
CA ALA C 237 2.48 6.13 -8.89
C ALA C 237 3.62 5.15 -8.91
N SER C 238 4.68 5.47 -9.63
CA SER C 238 5.83 4.57 -9.72
C SER C 238 6.39 4.26 -8.35
N ASN C 239 6.41 5.23 -7.44
CA ASN C 239 7.02 5.01 -6.14
C ASN C 239 6.17 4.20 -5.19
N ILE C 240 4.91 3.98 -5.52
CA ILE C 240 4.15 2.96 -4.82
C ILE C 240 4.93 1.62 -4.81
N PHE C 241 5.42 1.18 -5.96
CA PHE C 241 6.14 -0.08 -6.05
C PHE C 241 7.64 0.07 -5.82
N LEU C 242 8.22 1.17 -6.25
CA LEU C 242 9.66 1.31 -6.11
C LEU C 242 10.08 1.36 -4.65
N THR C 243 9.30 2.02 -3.81
CA THR C 243 9.58 1.99 -2.37
C THR C 243 9.05 0.74 -1.69
N GLY C 244 7.87 0.30 -2.10
CA GLY C 244 7.32 -0.95 -1.58
C GLY C 244 8.26 -2.13 -1.74
N ALA C 245 8.93 -2.21 -2.89
CA ALA C 245 9.86 -3.30 -3.20
C ALA C 245 10.90 -3.52 -2.10
N PHE C 246 11.32 -2.43 -1.45
CA PHE C 246 12.30 -2.53 -0.38
C PHE C 246 11.72 -3.19 0.84
N GLY C 247 10.49 -2.81 1.19
CA GLY C 247 9.82 -3.42 2.34
C GLY C 247 9.51 -4.90 2.14
N THR C 248 9.21 -5.30 0.91
CA THR C 248 8.96 -6.67 0.58
C THR C 248 10.23 -7.50 0.66
N ILE C 249 11.27 -7.04 -0.01
CA ILE C 249 12.54 -7.75 -0.05
C ILE C 249 13.23 -7.85 1.31
N ALA C 250 12.99 -6.87 2.18
CA ALA C 250 13.60 -6.87 3.49
C ALA C 250 13.06 -7.95 4.38
N SER C 251 11.80 -8.30 4.19
CA SER C 251 11.08 -9.20 5.10
C SER C 251 11.46 -10.64 4.83
N GLY C 252 12.25 -11.21 5.73
CA GLY C 252 12.80 -12.53 5.50
C GLY C 252 14.29 -12.43 5.28
N PRO C 253 14.72 -12.01 4.07
CA PRO C 253 16.16 -11.99 3.77
C PRO C 253 16.94 -11.03 4.65
N PHE C 254 16.32 -9.93 5.10
CA PHE C 254 17.01 -8.93 5.92
C PHE C 254 16.40 -8.58 7.26
N TRP C 255 15.31 -9.24 7.62
CA TRP C 255 14.65 -8.96 8.89
C TRP C 255 13.72 -10.13 9.15
N THR C 256 13.87 -10.76 10.31
CA THR C 256 13.11 -11.98 10.59
C THR C 256 12.13 -11.79 11.76
N ARG C 257 12.17 -10.62 12.38
CA ARG C 257 11.33 -10.39 13.55
C ARG C 257 10.05 -9.67 13.13
N GLY C 258 9.21 -9.35 14.11
CA GLY C 258 8.08 -8.48 13.82
C GLY C 258 8.54 -7.12 13.34
N TRP C 259 7.75 -6.47 12.50
CA TRP C 259 8.10 -5.15 12.07
C TRP C 259 8.02 -4.04 13.15
N PRO C 260 7.11 -4.16 14.14
CA PRO C 260 7.12 -3.12 15.17
C PRO C 260 8.46 -3.02 15.90
N GLU C 261 9.10 -4.15 16.12
CA GLU C 261 10.36 -4.19 16.86
C GLU C 261 11.50 -3.53 16.10
N TRP C 262 11.41 -3.49 14.79
CA TRP C 262 12.42 -2.88 14.00
C TRP C 262 12.62 -1.44 14.45
N TRP C 263 11.56 -0.79 14.90
CA TRP C 263 11.63 0.60 15.32
C TRP C 263 12.35 0.77 16.64
N GLY C 264 12.81 -0.35 17.19
CA GLY C 264 13.69 -0.32 18.33
C GLY C 264 14.92 0.54 18.08
N TRP C 265 15.36 0.65 16.82
CA TRP C 265 16.52 1.47 16.49
C TRP C 265 16.31 2.90 16.98
N TRP C 266 15.05 3.31 17.03
CA TRP C 266 14.70 4.63 17.48
C TRP C 266 14.38 4.61 18.96
N LEU C 267 13.42 3.76 19.32
CA LEU C 267 12.87 3.77 20.65
C LEU C 267 13.98 3.55 21.66
N ASP C 268 14.95 2.72 21.30
CA ASP C 268 15.92 2.25 22.27
C ASP C 268 17.27 2.97 22.22
N ILE C 269 17.31 4.14 21.58
CA ILE C 269 18.47 5.01 21.72
C ILE C 269 18.68 5.26 23.21
N PRO C 270 19.89 4.97 23.72
CA PRO C 270 20.12 4.99 25.18
C PRO C 270 19.97 6.38 25.81
N PHE C 271 20.25 7.43 25.02
CA PHE C 271 19.97 8.81 25.43
C PHE C 271 18.60 8.99 26.11
N TRP C 272 17.56 8.35 25.58
CA TRP C 272 16.23 8.54 26.13
C TRP C 272 15.56 7.29 26.65
N SER C 273 16.33 6.20 26.76
CA SER C 273 15.80 4.95 27.29
C SER C 273 15.72 4.95 28.81
N ALA D 1 16.51 11.88 -26.13
CA ALA D 1 15.52 11.99 -25.03
C ALA D 1 14.96 13.40 -25.08
N ASP D 2 13.75 13.55 -24.57
CA ASP D 2 13.22 14.86 -24.35
C ASP D 2 13.59 15.22 -22.92
N TYR D 3 14.53 16.13 -22.75
CA TYR D 3 14.98 16.49 -21.40
C TYR D 3 13.98 17.30 -20.64
N GLN D 4 13.09 17.98 -21.37
CA GLN D 4 12.05 18.78 -20.75
C GLN D 4 11.13 17.93 -19.88
N THR D 5 10.95 16.67 -20.24
CA THR D 5 10.03 15.82 -19.51
C THR D 5 10.67 15.40 -18.20
N ILE D 6 11.98 15.60 -18.09
CA ILE D 6 12.71 15.34 -16.83
C ILE D 6 12.80 16.59 -15.96
N TYR D 7 13.18 17.71 -16.57
CA TYR D 7 13.26 18.97 -15.85
C TYR D 7 13.27 20.10 -16.86
N THR D 8 13.03 21.30 -16.37
CA THR D 8 13.03 22.48 -17.20
C THR D 8 14.46 22.97 -17.42
N GLN D 9 14.97 22.83 -18.65
CA GLN D 9 16.33 23.25 -18.95
C GLN D 9 16.61 24.74 -18.78
N ILE D 10 15.75 25.60 -19.34
CA ILE D 10 15.87 27.07 -19.19
C ILE D 10 14.57 27.56 -18.58
N GLN D 11 14.65 28.09 -17.37
CA GLN D 11 13.47 28.64 -16.70
C GLN D 11 13.18 30.07 -17.17
N ALA D 12 11.89 30.41 -17.22
CA ALA D 12 11.46 31.76 -17.57
C ALA D 12 10.97 32.43 -16.31
N ARG D 13 11.16 33.73 -16.27
CA ARG D 13 10.62 34.54 -15.20
C ARG D 13 9.85 35.66 -15.87
N GLY D 14 8.74 36.03 -15.27
CA GLY D 14 7.92 37.05 -15.88
C GLY D 14 7.08 37.66 -14.81
N PRO D 15 6.29 38.68 -15.15
CA PRO D 15 5.38 39.30 -14.20
C PRO D 15 4.36 38.29 -13.68
N HIS D 16 4.02 38.38 -12.40
CA HIS D 16 3.12 37.41 -11.80
C HIS D 16 1.66 37.68 -12.16
N ILE D 17 0.96 36.63 -12.60
CA ILE D 17 -0.42 36.72 -13.10
C ILE D 17 -1.40 36.56 -11.95
N THR D 18 -2.50 37.29 -12.01
CA THR D 18 -3.61 37.09 -11.07
C THR D 18 -4.93 36.98 -11.83
N VAL D 19 -5.66 35.89 -11.60
CA VAL D 19 -6.96 35.72 -12.23
C VAL D 19 -7.99 36.07 -11.19
N SER D 20 -8.79 37.06 -11.51
CA SER D 20 -9.70 37.67 -10.56
C SER D 20 -10.91 36.77 -10.31
N GLY D 21 -11.28 36.64 -9.04
CA GLY D 21 -12.46 35.90 -8.71
C GLY D 21 -13.66 36.82 -8.59
N GLU D 22 -14.85 36.23 -8.60
CA GLU D 22 -16.09 36.96 -8.38
C GLU D 22 -16.13 37.60 -6.99
N TRP D 23 -15.39 37.04 -6.04
CA TRP D 23 -15.20 37.69 -4.75
C TRP D 23 -13.89 37.25 -4.15
N GLY D 24 -13.44 37.98 -3.12
CA GLY D 24 -12.34 37.52 -2.30
C GLY D 24 -10.96 37.91 -2.80
N ASP D 25 -10.86 38.67 -3.87
CA ASP D 25 -9.55 39.05 -4.41
C ASP D 25 -8.69 39.77 -3.38
N ASN D 26 -9.33 40.43 -2.44
CA ASN D 26 -8.61 41.20 -1.45
C ASN D 26 -8.17 40.35 -0.29
N ASP D 27 -8.52 39.08 -0.34
CA ASP D 27 -8.10 38.13 0.67
C ASP D 27 -6.92 37.31 0.28
N ARG D 28 -6.30 37.64 -0.84
CA ARG D 28 -5.04 37.03 -1.17
C ARG D 28 -3.94 37.76 -0.43
N VAL D 29 -3.26 37.05 0.46
CA VAL D 29 -2.19 37.64 1.25
C VAL D 29 -0.86 37.00 0.88
N GLY D 30 0.19 37.80 0.91
CA GLY D 30 1.50 37.28 0.60
C GLY D 30 2.02 37.82 -0.73
N LYS D 31 3.34 37.82 -0.87
CA LYS D 31 3.99 38.22 -2.10
C LYS D 31 4.53 36.93 -2.67
N PRO D 32 4.25 36.66 -3.95
CA PRO D 32 4.88 35.52 -4.61
C PRO D 32 6.38 35.54 -4.37
N PHE D 33 6.98 34.39 -4.13
CA PHE D 33 8.40 34.30 -4.33
C PHE D 33 8.77 33.07 -5.14
N TYR D 34 9.98 33.06 -5.65
CA TYR D 34 10.34 32.10 -6.67
C TYR D 34 11.48 31.25 -6.15
N SER D 35 11.31 29.95 -6.31
CA SER D 35 12.37 29.01 -5.99
C SER D 35 12.95 28.48 -7.30
N TYR D 36 14.26 28.65 -7.47
CA TYR D 36 14.94 28.21 -8.68
C TYR D 36 15.00 26.68 -8.79
N TRP D 37 15.22 26.00 -7.66
CA TRP D 37 15.28 24.55 -7.69
C TRP D 37 13.91 23.91 -7.82
N LEU D 38 12.91 24.55 -7.21
CA LEU D 38 11.53 24.17 -7.44
C LEU D 38 11.22 24.33 -8.93
N GLY D 39 11.66 25.45 -9.50
CA GLY D 39 11.38 25.73 -10.89
C GLY D 39 11.95 24.72 -11.86
N LYS D 40 12.79 23.83 -11.38
CA LYS D 40 13.35 22.83 -12.26
C LYS D 40 12.38 21.67 -12.56
N ILE D 41 11.48 21.39 -11.62
CA ILE D 41 10.54 20.29 -11.78
C ILE D 41 9.08 20.70 -11.57
N GLY D 42 8.84 22.00 -11.43
CA GLY D 42 7.49 22.50 -11.26
C GLY D 42 7.50 24.00 -11.52
N ASP D 43 6.37 24.65 -11.32
CA ASP D 43 6.34 26.09 -11.40
C ASP D 43 7.18 26.64 -10.22
N ALA D 44 7.96 27.69 -10.45
CA ALA D 44 8.86 28.25 -9.43
C ALA D 44 8.17 29.17 -8.40
N GLN D 45 7.01 29.72 -8.74
CA GLN D 45 6.34 30.65 -7.86
C GLN D 45 5.64 29.95 -6.71
N ILE D 46 5.93 30.40 -5.49
CA ILE D 46 5.20 29.95 -4.33
C ILE D 46 4.40 31.11 -3.76
N GLY D 47 3.13 30.87 -3.47
CA GLY D 47 2.25 31.93 -3.02
C GLY D 47 1.77 32.79 -4.17
N PRO D 48 0.96 33.83 -3.92
CA PRO D 48 0.26 34.14 -2.66
C PRO D 48 -0.76 33.07 -2.31
N ILE D 49 -1.34 33.16 -1.12
CA ILE D 49 -2.45 32.30 -0.75
C ILE D 49 -3.73 33.08 -0.40
N TYR D 50 -4.87 32.52 -0.77
CA TYR D 50 -6.16 33.11 -0.45
C TYR D 50 -6.51 32.78 0.99
N LEU D 51 -7.05 33.75 1.70
CA LEU D 51 -7.44 33.55 3.08
C LEU D 51 -8.90 33.13 3.15
N GLY D 52 -9.78 34.11 3.34
CA GLY D 52 -11.20 33.82 3.33
C GLY D 52 -11.68 33.25 4.63
N ALA D 53 -13.00 33.28 4.81
CA ALA D 53 -13.65 32.86 6.05
C ALA D 53 -13.63 31.35 6.26
N SER D 54 -14.00 30.60 5.22
CA SER D 54 -14.08 29.15 5.33
C SER D 54 -12.68 28.57 5.58
N GLY D 55 -11.66 29.16 4.95
CA GLY D 55 -10.29 28.73 5.19
C GLY D 55 -9.83 29.03 6.61
N ILE D 56 -10.14 30.22 7.09
CA ILE D 56 -9.77 30.60 8.44
C ILE D 56 -10.52 29.77 9.48
N ALA D 57 -11.81 29.54 9.23
CA ALA D 57 -12.63 28.65 10.04
C ALA D 57 -12.02 27.27 10.11
N ALA D 58 -11.59 26.74 8.97
CA ALA D 58 -10.97 25.43 8.90
C ALA D 58 -9.76 25.37 9.81
N PHE D 59 -8.92 26.39 9.75
CA PHE D 59 -7.71 26.42 10.57
C PHE D 59 -7.99 26.50 12.05
N ALA D 60 -9.02 27.23 12.41
CA ALA D 60 -9.41 27.38 13.80
C ALA D 60 -9.90 26.06 14.38
N PHE D 61 -10.83 25.40 13.69
CA PHE D 61 -11.34 24.09 14.12
C PHE D 61 -10.26 23.02 14.11
N GLY D 62 -9.46 23.00 13.05
CA GLY D 62 -8.41 22.01 12.92
C GLY D 62 -7.41 22.13 14.05
N SER D 63 -6.96 23.35 14.31
CA SER D 63 -6.01 23.62 15.39
C SER D 63 -6.53 23.20 16.76
N THR D 64 -7.80 23.46 17.04
CA THR D 64 -8.44 22.99 18.27
C THR D 64 -8.39 21.49 18.42
N ALA D 65 -8.75 20.79 17.35
CA ALA D 65 -8.71 19.33 17.32
C ALA D 65 -7.30 18.88 17.64
N ILE D 66 -6.33 19.50 16.97
CA ILE D 66 -4.95 19.12 17.17
C ILE D 66 -4.48 19.36 18.60
N LEU D 67 -4.94 20.43 19.23
CA LEU D 67 -4.55 20.72 20.60
C LEU D 67 -5.12 19.74 21.62
N ILE D 68 -6.36 19.31 21.39
CA ILE D 68 -6.96 18.29 22.24
C ILE D 68 -6.17 16.99 22.13
N ILE D 69 -5.76 16.64 20.91
CA ILE D 69 -5.01 15.41 20.69
C ILE D 69 -3.64 15.51 21.38
N LEU D 70 -2.90 16.58 21.08
CA LEU D 70 -1.55 16.73 21.57
C LEU D 70 -1.50 16.84 23.09
N PHE D 71 -2.49 17.47 23.68
CA PHE D 71 -2.53 17.58 25.13
C PHE D 71 -2.78 16.23 25.77
N ASN D 72 -3.65 15.45 25.16
CA ASN D 72 -3.92 14.13 25.67
C ASN D 72 -2.72 13.22 25.49
N MET D 73 -1.98 13.39 24.40
CA MET D 73 -0.78 12.60 24.16
C MET D 73 0.30 12.96 25.18
N ALA D 74 0.44 14.25 25.47
CA ALA D 74 1.40 14.74 26.44
C ALA D 74 1.08 14.18 27.82
N ALA D 75 -0.21 14.07 28.13
CA ALA D 75 -0.61 13.54 29.41
C ALA D 75 -0.17 12.10 29.52
N GLU D 76 -0.12 11.41 28.38
CA GLU D 76 0.23 10.00 28.32
C GLU D 76 1.68 9.72 28.74
N VAL D 77 2.59 10.64 28.43
CA VAL D 77 3.96 10.51 28.92
C VAL D 77 4.16 11.42 30.11
N HIS D 78 3.03 11.86 30.67
CA HIS D 78 3.06 12.63 31.88
C HIS D 78 3.92 13.89 31.69
N PHE D 79 3.76 14.50 30.52
CA PHE D 79 4.29 15.82 30.25
C PHE D 79 5.80 15.88 30.32
N ASP D 80 6.44 14.71 30.28
CA ASP D 80 7.86 14.66 30.01
C ASP D 80 8.13 14.91 28.53
N PRO D 81 8.85 15.99 28.23
CA PRO D 81 9.14 16.44 26.87
C PRO D 81 9.95 15.44 26.06
N LEU D 82 11.00 14.90 26.65
CA LEU D 82 11.89 14.02 25.90
C LEU D 82 11.21 12.69 25.62
N GLN D 83 10.48 12.17 26.59
CA GLN D 83 9.71 10.95 26.40
C GLN D 83 8.60 11.19 25.40
N PHE D 84 8.01 12.38 25.45
CA PHE D 84 6.99 12.77 24.49
C PHE D 84 7.53 12.65 23.07
N PHE D 85 8.70 13.23 22.84
CA PHE D 85 9.32 13.20 21.53
C PHE D 85 9.76 11.76 21.16
N ARG D 86 10.28 11.03 22.15
CA ARG D 86 10.70 9.63 21.98
C ARG D 86 9.52 8.79 21.49
N GLN D 87 8.43 8.86 22.25
CA GLN D 87 7.36 7.90 22.17
C GLN D 87 6.23 8.37 21.27
N PHE D 88 6.39 9.51 20.59
CA PHE D 88 5.29 10.19 19.91
C PHE D 88 4.41 9.24 19.07
N PHE D 89 5.03 8.42 18.24
CA PHE D 89 4.30 7.51 17.36
C PHE D 89 3.35 6.60 18.09
N TRP D 90 3.76 6.19 19.28
CA TRP D 90 3.04 5.22 20.09
C TRP D 90 1.88 5.86 20.84
N LEU D 91 1.86 7.18 20.88
CA LEU D 91 0.92 7.90 21.73
C LEU D 91 -0.36 8.08 20.95
N GLY D 92 -1.50 8.08 21.65
CA GLY D 92 -2.76 8.30 20.97
C GLY D 92 -3.87 8.82 21.86
N LEU D 93 -4.93 9.32 21.24
CA LEU D 93 -6.16 9.67 21.92
C LEU D 93 -7.25 8.67 21.50
N TYR D 94 -7.74 7.89 22.45
CA TYR D 94 -8.57 6.72 22.15
C TYR D 94 -10.07 6.94 22.38
N PRO D 95 -10.91 6.26 21.59
CA PRO D 95 -12.35 6.10 21.81
C PRO D 95 -12.59 5.40 23.15
N PRO D 96 -13.85 5.35 23.62
CA PRO D 96 -14.11 4.58 24.85
C PRO D 96 -13.67 3.12 24.77
N LYS D 97 -12.97 2.68 25.80
CA LYS D 97 -12.58 1.30 25.92
C LYS D 97 -13.72 0.49 26.47
N ALA D 98 -14.48 1.10 27.38
CA ALA D 98 -15.68 0.47 27.92
C ALA D 98 -16.86 0.65 26.97
N GLN D 99 -17.82 -0.26 27.08
CA GLN D 99 -19.04 -0.21 26.28
C GLN D 99 -20.01 0.73 26.96
N TYR D 100 -20.19 1.92 26.40
CA TYR D 100 -21.22 2.84 26.87
C TYR D 100 -22.39 2.90 25.87
N GLY D 101 -22.39 2.01 24.87
CA GLY D 101 -23.35 2.12 23.79
C GLY D 101 -23.13 3.46 23.11
N MET D 102 -24.21 4.20 22.93
CA MET D 102 -24.12 5.50 22.30
C MET D 102 -24.05 6.62 23.34
N GLY D 103 -23.88 6.21 24.58
CA GLY D 103 -23.69 7.17 25.65
C GLY D 103 -22.41 7.97 25.43
N ILE D 104 -22.54 9.28 25.63
CA ILE D 104 -21.39 10.19 25.61
C ILE D 104 -20.42 9.72 26.71
N PRO D 105 -19.20 9.31 26.30
CA PRO D 105 -18.28 8.69 27.26
C PRO D 105 -17.64 9.72 28.19
N PRO D 106 -17.24 9.29 29.40
CA PRO D 106 -16.47 10.17 30.27
C PRO D 106 -15.25 10.74 29.56
N LEU D 107 -14.86 11.96 29.92
CA LEU D 107 -13.70 12.60 29.30
C LEU D 107 -12.49 11.69 29.31
N HIS D 108 -12.33 10.99 30.43
CA HIS D 108 -11.20 10.10 30.63
C HIS D 108 -11.33 8.77 29.87
N ASP D 109 -12.53 8.43 29.41
CA ASP D 109 -12.69 7.23 28.61
C ASP D 109 -13.43 7.50 27.32
N GLY D 110 -12.87 8.38 26.50
CA GLY D 110 -13.41 8.60 25.18
C GLY D 110 -14.02 9.97 24.95
N GLY D 111 -14.23 10.72 26.03
CA GLY D 111 -14.81 12.06 25.91
C GLY D 111 -13.98 13.01 25.07
N TRP D 112 -12.68 13.07 25.32
CA TRP D 112 -11.82 13.96 24.54
C TRP D 112 -11.74 13.53 23.08
N TRP D 113 -11.70 12.21 22.87
CA TRP D 113 -11.66 11.65 21.53
C TRP D 113 -12.86 12.15 20.73
N LEU D 114 -14.03 12.09 21.37
CA LEU D 114 -15.24 12.58 20.74
C LEU D 114 -15.19 14.08 20.43
N MET D 115 -14.58 14.85 21.33
N MET D 115 -14.61 14.86 21.35
CA MET D 115 -14.44 16.29 21.15
CA MET D 115 -14.45 16.29 21.14
C MET D 115 -13.52 16.60 19.98
C MET D 115 -13.53 16.60 19.97
N ALA D 116 -12.38 15.88 19.92
CA ALA D 116 -11.45 16.08 18.83
C ALA D 116 -12.09 15.66 17.50
N GLY D 117 -12.90 14.61 17.49
CA GLY D 117 -13.56 14.18 16.27
C GLY D 117 -14.56 15.21 15.76
N LEU D 118 -15.27 15.85 16.66
CA LEU D 118 -16.20 16.91 16.30
C LEU D 118 -15.52 18.10 15.64
N PHE D 119 -14.45 18.59 16.27
CA PHE D 119 -13.70 19.69 15.70
C PHE D 119 -13.00 19.37 14.39
N MET D 120 -12.46 18.16 14.28
CA MET D 120 -11.93 17.69 13.01
C MET D 120 -13.01 17.75 11.92
N THR D 121 -14.22 17.31 12.25
CA THR D 121 -15.35 17.30 11.32
C THR D 121 -15.74 18.70 10.86
N LEU D 122 -15.75 19.66 11.78
CA LEU D 122 -16.04 21.04 11.42
C LEU D 122 -14.92 21.60 10.55
N SER D 123 -13.71 21.20 10.88
CA SER D 123 -12.54 21.55 10.10
C SER D 123 -12.68 21.08 8.65
N LEU D 124 -13.07 19.82 8.47
CA LEU D 124 -13.23 19.24 7.13
C LEU D 124 -14.38 19.89 6.37
N GLY D 125 -15.48 20.15 7.06
CA GLY D 125 -16.56 20.92 6.45
C GLY D 125 -16.17 22.31 5.96
N SER D 126 -15.48 23.08 6.79
CA SER D 126 -15.08 24.41 6.41
C SER D 126 -14.19 24.37 5.18
N TRP D 127 -13.26 23.41 5.16
CA TRP D 127 -12.35 23.27 4.04
C TRP D 127 -13.05 22.87 2.73
N TRP D 128 -14.09 22.04 2.85
CA TRP D 128 -14.88 21.67 1.69
C TRP D 128 -15.55 22.90 1.09
N ILE D 129 -16.05 23.79 1.94
CA ILE D 129 -16.62 25.06 1.46
C ILE D 129 -15.60 25.90 0.70
N ARG D 130 -14.38 25.98 1.22
CA ARG D 130 -13.29 26.68 0.53
C ARG D 130 -13.01 26.07 -0.83
N VAL D 131 -12.97 24.74 -0.89
CA VAL D 131 -12.66 24.00 -2.11
C VAL D 131 -13.76 24.18 -3.15
N TYR D 132 -14.99 24.24 -2.67
CA TYR D 132 -16.14 24.45 -3.51
C TYR D 132 -16.25 25.90 -3.97
N SER D 133 -16.20 26.84 -3.01
CA SER D 133 -16.28 28.27 -3.29
C SER D 133 -15.24 28.78 -4.27
N ARG D 134 -13.97 28.40 -4.09
CA ARG D 134 -12.92 28.92 -4.96
C ARG D 134 -13.17 28.54 -6.41
N ALA D 135 -13.80 27.39 -6.64
CA ALA D 135 -14.10 26.96 -8.00
C ALA D 135 -15.15 27.89 -8.55
N ARG D 136 -16.17 28.14 -7.75
CA ARG D 136 -17.27 29.01 -8.18
C ARG D 136 -16.78 30.45 -8.38
N ALA D 137 -15.93 30.93 -7.49
CA ALA D 137 -15.37 32.28 -7.58
C ALA D 137 -14.58 32.47 -8.87
N LEU D 138 -13.91 31.42 -9.32
CA LEU D 138 -13.11 31.49 -10.52
C LEU D 138 -13.84 31.03 -11.78
N GLY D 139 -15.13 30.72 -11.66
CA GLY D 139 -15.91 30.36 -12.82
C GLY D 139 -15.61 28.95 -13.34
N LEU D 140 -15.34 28.05 -12.40
CA LEU D 140 -14.94 26.68 -12.72
C LEU D 140 -16.06 25.76 -12.25
N GLY D 141 -16.14 24.57 -12.83
CA GLY D 141 -17.08 23.57 -12.33
C GLY D 141 -16.64 23.06 -10.97
N THR D 142 -17.50 22.28 -10.31
CA THR D 142 -17.24 21.85 -8.95
C THR D 142 -16.79 20.39 -8.82
N HIS D 143 -16.17 19.86 -9.86
CA HIS D 143 -15.76 18.45 -9.84
C HIS D 143 -14.82 18.12 -8.69
N ILE D 144 -13.90 19.03 -8.34
CA ILE D 144 -13.00 18.75 -7.22
C ILE D 144 -13.75 18.63 -5.89
N ALA D 145 -14.72 19.52 -5.65
CA ALA D 145 -15.46 19.49 -4.39
C ALA D 145 -16.23 18.18 -4.25
N TRP D 146 -16.76 17.67 -5.35
CA TRP D 146 -17.49 16.42 -5.31
C TRP D 146 -16.62 15.19 -5.11
N ASN D 147 -15.39 15.23 -5.58
CA ASN D 147 -14.44 14.18 -5.26
C ASN D 147 -14.05 14.25 -3.78
N PHE D 148 -13.79 15.47 -3.29
CA PHE D 148 -13.42 15.72 -1.89
C PHE D 148 -14.53 15.28 -0.93
N ALA D 149 -15.79 15.52 -1.33
CA ALA D 149 -16.94 15.15 -0.51
C ALA D 149 -17.02 13.64 -0.22
N ALA D 150 -16.64 12.81 -1.19
CA ALA D 150 -16.62 11.35 -0.99
C ALA D 150 -15.54 10.92 -0.02
N ALA D 151 -14.41 11.62 -0.04
CA ALA D 151 -13.33 11.35 0.90
C ALA D 151 -13.76 11.75 2.31
N ILE D 152 -14.39 12.90 2.45
CA ILE D 152 -14.89 13.32 3.75
C ILE D 152 -15.94 12.32 4.24
N PHE D 153 -16.81 11.87 3.35
CA PHE D 153 -17.84 10.94 3.76
C PHE D 153 -17.23 9.64 4.29
N PHE D 154 -16.15 9.18 3.66
CA PHE D 154 -15.50 7.99 4.15
C PHE D 154 -14.97 8.19 5.57
N VAL D 155 -14.37 9.33 5.84
CA VAL D 155 -13.85 9.62 7.17
C VAL D 155 -15.00 9.60 8.15
N LEU D 156 -16.16 10.09 7.75
CA LEU D 156 -17.32 10.08 8.62
C LEU D 156 -17.80 8.66 8.86
N CYS D 157 -17.76 7.81 7.84
CA CYS D 157 -18.17 6.42 8.01
C CYS D 157 -17.36 5.71 9.08
N ILE D 158 -16.03 5.83 9.02
CA ILE D 158 -15.19 5.16 10.02
C ILE D 158 -15.09 5.89 11.35
N GLY D 159 -15.33 7.20 11.34
CA GLY D 159 -15.22 7.97 12.56
C GLY D 159 -16.49 8.00 13.39
N CYS D 160 -17.63 7.96 12.71
N CYS D 160 -17.65 8.12 12.74
CA CYS D 160 -18.87 8.39 13.31
CA CYS D 160 -18.89 8.22 13.48
C CYS D 160 -20.08 7.55 12.92
C CYS D 160 -20.13 7.52 12.94
N ILE D 161 -20.27 7.33 11.63
CA ILE D 161 -21.48 6.70 11.14
C ILE D 161 -21.54 5.22 11.44
N HIS D 162 -20.45 4.50 11.21
CA HIS D 162 -20.44 3.10 11.60
C HIS D 162 -20.61 2.90 13.11
N PRO D 163 -19.90 3.67 13.97
CA PRO D 163 -20.17 3.53 15.41
C PRO D 163 -21.62 3.76 15.78
N THR D 164 -22.24 4.78 15.19
CA THR D 164 -23.65 5.04 15.39
C THR D 164 -24.55 3.90 14.93
N LEU D 165 -24.26 3.32 13.77
CA LEU D 165 -25.06 2.23 13.22
C LEU D 165 -25.07 0.95 14.07
N VAL D 166 -23.93 0.59 14.66
CA VAL D 166 -23.92 -0.55 15.57
C VAL D 166 -24.15 -0.15 17.02
N GLY D 167 -24.13 1.16 17.28
CA GLY D 167 -24.47 1.67 18.59
C GLY D 167 -23.32 1.69 19.59
N SER D 168 -22.09 1.88 19.15
CA SER D 168 -20.98 1.94 20.10
C SER D 168 -19.86 2.86 19.64
N TRP D 169 -19.57 3.86 20.46
CA TRP D 169 -18.46 4.77 20.21
C TRP D 169 -17.11 4.07 20.29
N SER D 170 -17.08 2.89 20.89
CA SER D 170 -15.85 2.14 21.07
C SER D 170 -15.21 1.72 19.74
N GLU D 171 -15.96 1.82 18.65
CA GLU D 171 -15.52 1.31 17.35
C GLU D 171 -14.79 2.37 16.51
N GLY D 172 -14.74 3.60 16.99
CA GLY D 172 -14.14 4.69 16.22
C GLY D 172 -12.63 4.58 16.08
N VAL D 173 -12.05 5.36 15.18
CA VAL D 173 -10.62 5.34 14.92
C VAL D 173 -9.88 6.25 15.93
N PRO D 174 -8.90 5.70 16.66
CA PRO D 174 -8.07 6.54 17.55
C PRO D 174 -7.28 7.56 16.76
N PHE D 175 -6.92 8.68 17.42
CA PHE D 175 -5.97 9.63 16.83
C PHE D 175 -4.56 9.26 17.30
N GLY D 176 -3.63 9.12 16.37
CA GLY D 176 -2.27 8.76 16.73
C GLY D 176 -1.64 8.05 15.56
N ILE D 177 -0.31 8.07 15.47
CA ILE D 177 0.37 7.45 14.35
C ILE D 177 0.23 5.94 14.33
N TRP D 178 0.82 5.23 15.30
CA TRP D 178 0.61 3.79 15.39
C TRP D 178 -0.82 3.47 15.80
N PRO D 179 -1.41 4.25 16.75
CA PRO D 179 -2.77 3.89 17.17
C PRO D 179 -3.86 3.82 16.07
N HIS D 180 -3.86 4.74 15.12
CA HIS D 180 -4.84 4.68 14.04
C HIS D 180 -4.60 3.48 13.11
N ILE D 181 -3.36 2.98 13.12
CA ILE D 181 -2.93 1.83 12.32
C ILE D 181 -3.38 0.54 13.02
N ASP D 182 -3.31 0.49 14.34
CA ASP D 182 -3.70 -0.70 15.10
C ASP D 182 -5.19 -0.98 14.96
N TRP D 183 -5.96 0.11 14.85
CA TRP D 183 -7.39 0.04 14.58
C TRP D 183 -7.69 -0.81 13.33
N LEU D 184 -6.88 -0.68 12.27
CA LEU D 184 -7.13 -1.38 11.02
C LEU D 184 -7.13 -2.89 11.25
N THR D 185 -6.22 -3.36 12.07
CA THR D 185 -6.13 -4.77 12.39
C THR D 185 -7.22 -5.21 13.34
N ALA D 186 -7.46 -4.43 14.38
CA ALA D 186 -8.52 -4.76 15.33
C ALA D 186 -9.90 -4.86 14.62
N PHE D 187 -10.17 -3.95 13.69
CA PHE D 187 -11.44 -3.88 13.00
C PHE D 187 -11.60 -5.06 12.05
N SER D 188 -10.54 -5.39 11.34
CA SER D 188 -10.51 -6.53 10.45
C SER D 188 -10.67 -7.86 11.21
N ILE D 189 -9.99 -7.98 12.33
CA ILE D 189 -10.13 -9.15 13.17
C ILE D 189 -11.57 -9.28 13.69
N ARG D 190 -12.12 -8.21 14.25
CA ARG D 190 -13.48 -8.23 14.78
C ARG D 190 -14.50 -8.67 13.71
N TYR D 191 -14.28 -8.27 12.45
CA TYR D 191 -15.26 -8.49 11.42
C TYR D 191 -14.88 -9.57 10.44
N GLY D 192 -14.03 -10.48 10.88
CA GLY D 192 -13.82 -11.72 10.15
C GLY D 192 -13.05 -11.56 8.85
N ASN D 193 -12.05 -10.69 8.84
CA ASN D 193 -11.04 -10.63 7.78
C ASN D 193 -11.50 -9.79 6.61
N PHE D 194 -11.00 -8.56 6.56
CA PHE D 194 -11.38 -7.62 5.52
C PHE D 194 -10.95 -7.99 4.10
N TYR D 195 -10.07 -8.97 3.95
CA TYR D 195 -9.79 -9.46 2.61
C TYR D 195 -11.05 -10.03 1.96
N TYR D 196 -11.96 -10.54 2.79
CA TYR D 196 -13.18 -11.16 2.30
C TYR D 196 -14.37 -10.21 2.24
N CYS D 197 -14.12 -8.91 2.44
CA CYS D 197 -15.15 -7.91 2.21
C CYS D 197 -15.10 -7.49 0.75
N PRO D 198 -16.19 -7.73 -0.01
CA PRO D 198 -16.15 -7.39 -1.43
C PRO D 198 -15.83 -5.90 -1.70
N TRP D 199 -16.27 -5.02 -0.81
CA TRP D 199 -16.08 -3.58 -0.99
C TRP D 199 -14.67 -3.13 -0.62
N HIS D 200 -13.98 -3.92 0.18
CA HIS D 200 -12.55 -3.75 0.36
C HIS D 200 -11.81 -4.11 -0.93
N GLY D 201 -12.22 -5.21 -1.56
CA GLY D 201 -11.76 -5.56 -2.89
C GLY D 201 -12.02 -4.52 -3.97
N PHE D 202 -13.23 -3.99 -4.06
CA PHE D 202 -13.52 -2.90 -4.99
C PHE D 202 -12.62 -1.69 -4.76
N SER D 203 -12.53 -1.25 -3.51
CA SER D 203 -11.71 -0.11 -3.16
C SER D 203 -10.26 -0.30 -3.61
N ILE D 204 -9.71 -1.48 -3.35
CA ILE D 204 -8.34 -1.81 -3.72
C ILE D 204 -8.19 -1.79 -5.24
N GLY D 205 -9.18 -2.33 -5.92
CA GLY D 205 -9.12 -2.37 -7.36
C GLY D 205 -9.09 -0.98 -7.90
N PHE D 206 -9.89 -0.09 -7.35
CA PHE D 206 -9.90 1.28 -7.81
C PHE D 206 -8.64 2.05 -7.38
N ALA D 207 -8.06 1.70 -6.23
CA ALA D 207 -6.84 2.35 -5.75
C ALA D 207 -5.60 1.92 -6.54
N TYR D 208 -5.46 0.63 -6.79
CA TYR D 208 -4.47 0.13 -7.73
C TYR D 208 -4.70 0.73 -9.11
N GLY D 209 -5.96 0.83 -9.51
CA GLY D 209 -6.29 1.37 -10.82
C GLY D 209 -5.93 2.84 -10.97
N CYS D 210 -6.05 3.60 -9.88
CA CYS D 210 -5.56 4.98 -9.85
C CYS D 210 -4.04 5.02 -10.09
N GLY D 211 -3.34 4.06 -9.49
CA GLY D 211 -1.92 3.90 -9.73
C GLY D 211 -1.66 3.58 -11.18
N LEU D 212 -2.42 2.66 -11.73
CA LEU D 212 -2.26 2.33 -13.14
C LEU D 212 -2.54 3.56 -14.00
N LEU D 213 -3.67 4.20 -13.77
CA LEU D 213 -4.11 5.30 -14.62
C LEU D 213 -3.21 6.52 -14.57
N PHE D 214 -2.76 6.94 -13.39
CA PHE D 214 -1.88 8.12 -13.31
C PHE D 214 -0.46 7.88 -13.85
N ALA D 215 0.06 6.66 -13.67
CA ALA D 215 1.29 6.25 -14.33
C ALA D 215 1.13 6.26 -15.86
N ALA D 216 0.01 5.70 -16.35
CA ALA D 216 -0.25 5.68 -17.78
C ALA D 216 -0.52 7.07 -18.36
N HIS D 217 -1.38 7.85 -17.69
CA HIS D 217 -1.71 9.18 -18.16
C HIS D 217 -0.53 10.14 -18.01
N GLY D 218 0.10 10.14 -16.85
CA GLY D 218 1.30 10.95 -16.67
C GLY D 218 2.35 10.66 -17.74
N ALA D 219 2.63 9.39 -17.97
CA ALA D 219 3.62 8.98 -18.94
C ALA D 219 3.19 9.33 -20.35
N THR D 220 1.89 9.23 -20.60
CA THR D 220 1.36 9.53 -21.92
C THR D 220 1.53 11.02 -22.23
N ILE D 221 1.25 11.90 -21.27
CA ILE D 221 1.42 13.32 -21.54
C ILE D 221 2.89 13.74 -21.66
N LEU D 222 3.78 13.13 -20.88
CA LEU D 222 5.20 13.35 -21.08
C LEU D 222 5.67 12.86 -22.44
N ALA D 223 5.16 11.73 -22.92
CA ALA D 223 5.55 11.21 -24.22
C ALA D 223 5.18 12.12 -25.38
N VAL D 224 4.12 12.90 -25.23
CA VAL D 224 3.70 13.86 -26.27
C VAL D 224 3.88 15.32 -25.85
N ALA D 225 4.75 15.58 -24.89
CA ALA D 225 5.05 16.96 -24.49
C ALA D 225 5.71 17.74 -25.63
N ARG D 226 6.40 17.04 -26.52
CA ARG D 226 7.00 17.69 -27.68
C ARG D 226 5.97 18.32 -28.60
N PHE D 227 4.72 17.90 -28.45
CA PHE D 227 3.64 18.38 -29.30
C PHE D 227 2.68 19.21 -28.47
N GLY D 228 3.07 19.56 -27.25
CA GLY D 228 2.25 20.41 -26.43
C GLY D 228 1.07 19.72 -25.77
N GLY D 229 1.22 18.42 -25.50
CA GLY D 229 0.13 17.65 -24.92
C GLY D 229 -0.25 18.07 -23.51
N ASP D 230 0.66 18.79 -22.85
CA ASP D 230 0.42 19.32 -21.51
C ASP D 230 -0.65 20.40 -21.46
N ARG D 231 -0.87 21.08 -22.59
CA ARG D 231 -1.86 22.14 -22.65
C ARG D 231 -3.22 21.51 -22.93
N GLU D 232 -3.73 20.82 -21.91
CA GLU D 232 -4.79 19.86 -22.10
C GLU D 232 -6.12 20.54 -22.43
N ILE D 233 -6.32 21.76 -21.95
CA ILE D 233 -7.59 22.44 -22.17
C ILE D 233 -7.85 22.72 -23.63
N GLU D 234 -6.84 23.22 -24.34
CA GLU D 234 -6.99 23.53 -25.75
C GLU D 234 -6.85 22.31 -26.65
N GLN D 235 -6.24 21.24 -26.12
CA GLN D 235 -6.29 19.93 -26.79
C GLN D 235 -7.73 19.33 -26.72
N ILE D 236 -8.47 19.69 -25.67
CA ILE D 236 -9.88 19.35 -25.56
C ILE D 236 -10.74 20.12 -26.58
N THR D 237 -10.60 21.44 -26.63
CA THR D 237 -11.43 22.24 -27.53
C THR D 237 -10.94 22.27 -28.95
N ASP D 238 -9.70 21.87 -29.17
CA ASP D 238 -9.19 21.79 -30.52
C ASP D 238 -8.12 20.72 -30.64
N ARG D 239 -8.57 19.48 -30.82
CA ARG D 239 -7.71 18.32 -30.91
C ARG D 239 -6.43 18.57 -31.74
N GLY D 240 -5.27 18.29 -31.12
CA GLY D 240 -4.02 18.43 -31.83
C GLY D 240 -3.31 17.10 -32.01
N THR D 241 -2.15 17.11 -32.68
CA THR D 241 -1.44 15.87 -32.96
C THR D 241 -0.97 15.19 -31.68
N ALA D 242 -0.80 15.98 -30.61
CA ALA D 242 -0.44 15.43 -29.30
C ALA D 242 -1.40 14.34 -28.88
N VAL D 243 -2.69 14.65 -28.90
CA VAL D 243 -3.68 13.73 -28.38
C VAL D 243 -4.26 12.79 -29.45
N GLU D 244 -3.98 13.07 -30.73
CA GLU D 244 -4.20 12.08 -31.76
C GLU D 244 -3.22 10.96 -31.55
N ARG D 245 -1.95 11.30 -31.32
CA ARG D 245 -0.93 10.30 -31.14
C ARG D 245 -1.13 9.57 -29.83
N ALA D 246 -1.52 10.29 -28.78
CA ALA D 246 -1.82 9.66 -27.51
C ALA D 246 -2.96 8.64 -27.63
N ALA D 247 -4.05 9.04 -28.29
CA ALA D 247 -5.17 8.14 -28.50
C ALA D 247 -4.74 6.90 -29.29
N LEU D 248 -3.92 7.09 -30.32
CA LEU D 248 -3.51 5.99 -31.18
C LEU D 248 -2.50 5.03 -30.55
N PHE D 249 -1.63 5.57 -29.68
CA PHE D 249 -0.76 4.72 -28.89
C PHE D 249 -1.63 3.69 -28.16
N TRP D 250 -2.68 4.17 -27.50
CA TRP D 250 -3.53 3.28 -26.70
C TRP D 250 -4.45 2.37 -27.53
N ARG D 251 -5.00 2.91 -28.61
CA ARG D 251 -5.81 2.09 -29.50
C ARG D 251 -4.98 0.95 -30.08
N TRP D 252 -3.74 1.24 -30.48
CA TRP D 252 -2.91 0.21 -31.08
C TRP D 252 -2.44 -0.81 -30.06
N THR D 253 -2.35 -0.38 -28.81
CA THR D 253 -1.86 -1.25 -27.76
C THR D 253 -2.98 -2.12 -27.20
N ILE D 254 -4.04 -1.48 -26.70
CA ILE D 254 -5.11 -2.22 -26.05
C ILE D 254 -6.40 -2.32 -26.85
N GLY D 255 -6.45 -1.71 -28.02
CA GLY D 255 -7.60 -1.90 -28.89
C GLY D 255 -8.73 -0.90 -28.79
N PHE D 256 -8.67 -0.02 -27.80
CA PHE D 256 -9.68 1.04 -27.66
C PHE D 256 -8.95 2.21 -27.01
N ASN D 257 -9.59 3.37 -26.97
CA ASN D 257 -8.92 4.57 -26.47
C ASN D 257 -9.91 5.59 -25.91
N ALA D 258 -9.37 6.52 -25.13
CA ALA D 258 -10.13 7.63 -24.57
C ALA D 258 -9.87 8.87 -25.43
N THR D 259 -10.44 9.99 -25.03
CA THR D 259 -10.03 11.29 -25.55
C THR D 259 -9.24 11.97 -24.45
N ILE D 260 -8.66 13.13 -24.75
CA ILE D 260 -7.93 13.82 -23.70
C ILE D 260 -8.85 14.37 -22.62
N GLU D 261 -10.12 14.65 -22.94
CA GLU D 261 -11.05 15.03 -21.87
C GLU D 261 -11.48 13.80 -21.07
N SER D 262 -11.87 12.73 -21.76
CA SER D 262 -12.49 11.61 -21.10
C SER D 262 -11.52 10.83 -20.21
N VAL D 263 -10.24 10.80 -20.54
CA VAL D 263 -9.30 10.12 -19.65
C VAL D 263 -9.26 10.77 -18.26
N HIS D 264 -9.58 12.06 -18.18
CA HIS D 264 -9.68 12.73 -16.89
C HIS D 264 -10.96 12.37 -16.16
N ARG D 265 -12.01 12.04 -16.92
CA ARG D 265 -13.23 11.49 -16.33
C ARG D 265 -12.99 10.08 -15.80
N TRP D 266 -12.29 9.24 -16.54
CA TRP D 266 -11.90 7.92 -16.03
C TRP D 266 -11.09 8.07 -14.74
N GLY D 267 -10.16 9.03 -14.72
CA GLY D 267 -9.33 9.21 -13.54
C GLY D 267 -10.12 9.71 -12.36
N TRP D 268 -10.98 10.70 -12.61
CA TRP D 268 -11.83 11.24 -11.56
C TRP D 268 -12.77 10.15 -10.99
N PHE D 269 -13.33 9.34 -11.87
CA PHE D 269 -14.25 8.27 -11.49
C PHE D 269 -13.52 7.21 -10.67
N PHE D 270 -12.35 6.76 -11.11
CA PHE D 270 -11.58 5.76 -10.36
C PHE D 270 -11.25 6.25 -8.94
N SER D 271 -10.89 7.54 -8.86
CA SER D 271 -10.54 8.17 -7.59
C SER D 271 -11.74 8.21 -6.64
N LEU D 272 -12.84 8.76 -7.12
CA LEU D 272 -14.10 8.75 -6.42
C LEU D 272 -14.47 7.35 -5.89
N MET D 273 -14.34 6.34 -6.74
CA MET D 273 -14.79 5.01 -6.40
C MET D 273 -13.95 4.32 -5.33
N VAL D 274 -12.71 4.76 -5.17
CA VAL D 274 -11.94 4.29 -4.04
C VAL D 274 -12.68 4.60 -2.74
N MET D 275 -13.20 5.81 -2.65
CA MET D 275 -13.84 6.29 -1.43
C MET D 275 -15.31 5.85 -1.32
N VAL D 276 -16.01 5.85 -2.45
CA VAL D 276 -17.37 5.33 -2.48
C VAL D 276 -17.42 3.84 -2.09
N SER D 277 -16.54 3.00 -2.67
CA SER D 277 -16.53 1.57 -2.35
C SER D 277 -16.18 1.33 -0.90
N ALA D 278 -15.19 2.06 -0.39
CA ALA D 278 -14.76 1.93 1.00
C ALA D 278 -15.92 2.25 1.96
N SER D 279 -16.63 3.35 1.69
CA SER D 279 -17.78 3.73 2.52
C SER D 279 -18.86 2.66 2.58
N VAL D 280 -19.25 2.13 1.42
CA VAL D 280 -20.26 1.09 1.35
C VAL D 280 -19.83 -0.13 2.15
N GLY D 281 -18.56 -0.50 2.02
CA GLY D 281 -18.04 -1.62 2.78
C GLY D 281 -18.16 -1.37 4.27
N ILE D 282 -17.84 -0.15 4.70
CA ILE D 282 -17.93 0.18 6.12
C ILE D 282 -19.39 0.23 6.60
N LEU D 283 -20.28 0.75 5.77
CA LEU D 283 -21.69 0.83 6.14
C LEU D 283 -22.34 -0.55 6.30
N LEU D 284 -21.94 -1.52 5.49
CA LEU D 284 -22.44 -2.88 5.62
C LEU D 284 -21.83 -3.64 6.82
N THR D 285 -20.60 -3.31 7.20
CA THR D 285 -19.86 -4.05 8.24
C THR D 285 -20.46 -3.82 9.61
N GLY D 286 -20.81 -4.89 10.30
CA GLY D 286 -21.38 -4.75 11.62
C GLY D 286 -22.88 -4.56 11.60
N THR D 287 -23.36 -3.72 10.69
CA THR D 287 -24.78 -3.53 10.48
C THR D 287 -25.42 -4.82 9.98
N PHE D 288 -24.87 -5.36 8.89
CA PHE D 288 -25.50 -6.47 8.19
C PHE D 288 -24.63 -7.67 7.98
N VAL D 289 -23.34 -7.52 8.22
CA VAL D 289 -22.39 -8.65 8.12
C VAL D 289 -21.52 -8.63 9.36
N ASP D 290 -21.36 -9.79 10.00
CA ASP D 290 -20.54 -9.85 11.20
C ASP D 290 -19.17 -10.46 10.93
N ASN D 291 -19.10 -11.39 9.99
CA ASN D 291 -17.86 -12.08 9.71
C ASN D 291 -17.74 -12.28 8.21
N TRP D 292 -16.93 -11.43 7.58
CA TRP D 292 -16.86 -11.39 6.13
C TRP D 292 -16.40 -12.70 5.53
N TYR D 293 -15.48 -13.39 6.18
CA TYR D 293 -15.04 -14.68 5.67
C TYR D 293 -16.22 -15.67 5.65
N LEU D 294 -16.98 -15.71 6.75
CA LEU D 294 -18.10 -16.64 6.85
C LEU D 294 -19.21 -16.26 5.88
N TRP D 295 -19.38 -14.96 5.65
CA TRP D 295 -20.30 -14.50 4.64
C TRP D 295 -19.91 -15.03 3.27
N CYS D 296 -18.61 -15.03 2.95
CA CYS D 296 -18.16 -15.59 1.69
C CYS D 296 -18.32 -17.09 1.65
N VAL D 297 -18.03 -17.75 2.76
CA VAL D 297 -18.25 -19.19 2.83
C VAL D 297 -19.73 -19.50 2.62
N LYS D 298 -20.59 -18.68 3.21
CA LYS D 298 -22.05 -18.86 3.07
C LYS D 298 -22.45 -18.76 1.61
N HIS D 299 -21.80 -17.88 0.86
CA HIS D 299 -22.17 -17.66 -0.53
C HIS D 299 -21.29 -18.40 -1.50
N GLY D 300 -20.50 -19.33 -0.98
CA GLY D 300 -19.68 -20.20 -1.82
C GLY D 300 -18.39 -19.65 -2.43
N ALA D 301 -17.98 -18.45 -2.05
CA ALA D 301 -16.84 -17.83 -2.71
C ALA D 301 -15.46 -18.23 -2.16
N ALA D 302 -15.36 -18.56 -0.86
CA ALA D 302 -14.07 -18.80 -0.21
C ALA D 302 -13.28 -20.02 -0.70
N PRO D 303 -11.96 -19.85 -0.89
CA PRO D 303 -11.12 -21.00 -1.24
C PRO D 303 -10.83 -21.86 -0.01
N ASP D 304 -10.46 -23.10 -0.26
CA ASP D 304 -10.12 -24.02 0.81
C ASP D 304 -8.91 -24.83 0.38
N TYR D 305 -8.13 -25.30 1.35
CA TYR D 305 -6.87 -25.95 1.07
C TYR D 305 -6.80 -27.22 1.90
N PRO D 306 -6.03 -28.20 1.44
CA PRO D 306 -5.69 -29.38 2.25
C PRO D 306 -5.02 -28.99 3.55
N ALA D 307 -5.10 -29.86 4.54
CA ALA D 307 -4.30 -29.65 5.73
C ALA D 307 -2.85 -30.02 5.37
N TYR D 308 -1.90 -29.35 5.99
CA TYR D 308 -0.52 -29.65 5.72
C TYR D 308 0.01 -30.31 6.98
N LEU D 309 -0.06 -29.62 8.11
CA LEU D 309 0.04 -30.27 9.39
C LEU D 309 -1.36 -30.79 9.71
N PRO D 310 -1.47 -31.76 10.63
CA PRO D 310 -2.79 -32.32 10.96
C PRO D 310 -3.85 -31.28 11.31
N ALA D 311 -5.04 -31.50 10.79
CA ALA D 311 -6.19 -30.70 11.14
C ALA D 311 -6.35 -30.77 12.65
N THR D 312 -6.67 -29.65 13.27
CA THR D 312 -6.64 -29.53 14.72
C THR D 312 -8.00 -29.12 15.25
N PRO D 313 -8.73 -30.07 15.82
CA PRO D 313 -10.02 -29.84 16.49
C PRO D 313 -9.88 -28.81 17.57
N ASP D 314 -10.91 -27.98 17.71
CA ASP D 314 -10.99 -27.01 18.77
C ASP D 314 -10.98 -27.74 20.12
N PRO D 315 -9.97 -27.51 20.97
CA PRO D 315 -9.89 -28.26 22.23
C PRO D 315 -11.04 -27.88 23.12
N ALA D 316 -11.50 -26.65 22.95
CA ALA D 316 -12.55 -26.12 23.78
C ALA D 316 -13.83 -26.93 23.59
N SER D 317 -13.95 -27.60 22.44
CA SER D 317 -15.15 -28.39 22.14
C SER D 317 -14.97 -29.86 22.57
N LEU D 318 -13.77 -30.22 23.00
CA LEU D 318 -13.51 -31.59 23.40
C LEU D 318 -14.39 -31.94 24.60
N PRO D 319 -14.74 -33.23 24.69
CA PRO D 319 -15.31 -33.83 25.89
C PRO D 319 -14.47 -33.53 27.12
N GLY D 320 -15.01 -32.68 27.99
CA GLY D 320 -14.39 -32.44 29.28
C GLY D 320 -13.26 -31.42 29.25
N ALA D 321 -13.11 -30.68 28.15
CA ALA D 321 -12.19 -29.56 28.10
C ALA D 321 -12.65 -28.56 29.16
N PRO D 322 -11.71 -28.03 29.95
CA PRO D 322 -12.02 -26.90 30.83
C PRO D 322 -12.56 -25.74 30.01
N LYS D 323 -13.00 -24.69 30.69
CA LYS D 323 -13.50 -23.52 30.00
C LYS D 323 -12.34 -22.64 29.47
FE HEC E . 16.37 -29.40 51.45
CHA HEC E . 13.92 -31.09 53.19
CHB HEC E . 18.74 -31.54 52.70
CHC HEC E . 18.85 -27.83 49.61
CHD HEC E . 14.06 -27.15 50.37
NA HEC E . 16.33 -30.98 52.69
C1A HEC E . 15.25 -31.52 53.35
C2A HEC E . 15.69 -32.57 54.25
C3A HEC E . 17.00 -32.76 54.02
C4A HEC E . 17.43 -31.74 53.10
CMA HEC E . 17.81 -33.89 54.67
CAA HEC E . 14.91 -33.37 55.29
CBA HEC E . 14.96 -32.72 56.67
CGA HEC E . 13.88 -33.22 57.59
O1A HEC E . 12.73 -32.79 57.41
O2A HEC E . 14.16 -34.07 58.46
NB HEC E . 18.40 -29.60 51.21
C1B HEC E . 19.19 -30.54 51.82
C2B HEC E . 20.56 -30.38 51.39
C3B HEC E . 20.57 -29.43 50.42
C4B HEC E . 19.24 -28.90 50.36
CMB HEC E . 21.73 -31.18 51.90
CAB HEC E . 21.66 -28.94 49.49
CBB HEC E . 22.34 -30.11 48.78
NC HEC E . 16.46 -27.81 50.28
C1C HEC E . 17.56 -27.31 49.59
C2C HEC E . 17.20 -26.08 48.93
C3C HEC E . 15.90 -25.83 49.23
C4C HEC E . 15.40 -26.97 49.99
CMC HEC E . 18.18 -25.25 48.07
CAC HEC E . 14.96 -24.67 48.92
CBC HEC E . 14.91 -24.24 47.44
ND HEC E . 14.36 -29.23 51.65
C1D HEC E . 13.58 -28.21 51.13
C2D HEC E . 12.18 -28.49 51.41
C3D HEC E . 12.13 -29.65 52.12
C4D HEC E . 13.51 -30.03 52.38
CMD HEC E . 10.96 -27.68 50.97
CAD HEC E . 10.90 -30.42 52.50
CBD HEC E . 10.60 -31.47 51.44
CGD HEC E . 9.23 -32.08 51.62
O1D HEC E . 8.98 -33.15 51.03
O2D HEC E . 8.39 -31.54 52.35
FE HEC F . 9.88 -21.57 41.83
CHA HEC F . 9.76 -18.59 43.60
CHB HEC F . 11.70 -22.98 44.37
CHC HEC F . 9.74 -24.65 40.22
CHD HEC F . 8.26 -20.13 39.21
NA HEC F . 10.60 -20.89 43.63
C1A HEC F . 10.45 -19.65 44.19
C2A HEC F . 11.22 -19.57 45.42
C3A HEC F . 11.84 -20.74 45.58
C4A HEC F . 11.38 -21.62 44.51
CMA HEC F . 12.86 -21.03 46.69
CAA HEC F . 11.36 -18.38 46.32
CBA HEC F . 12.36 -17.44 45.68
CGA HEC F . 12.58 -16.20 46.50
O1A HEC F . 13.67 -16.07 47.09
O2A HEC F . 11.65 -15.41 46.67
NB HEC F . 10.61 -23.44 42.19
C1B HEC F . 11.33 -23.82 43.30
C2B HEC F . 11.57 -25.25 43.27
C3B HEC F . 11.04 -25.71 42.11
C4B HEC F . 10.41 -24.59 41.44
CMB HEC F . 12.27 -26.08 44.36
CAB HEC F . 11.04 -27.07 41.44
CBB HEC F . 10.50 -28.13 42.39
NC HEC F . 9.20 -22.25 40.03
C1C HEC F . 9.19 -23.55 39.56
C2C HEC F . 8.62 -23.57 38.24
C3C HEC F . 8.31 -22.31 37.92
C4C HEC F . 8.58 -21.48 39.07
CMC HEC F . 8.46 -24.81 37.39
CAC HEC F . 7.78 -21.63 36.67
CBC HEC F . 6.47 -22.24 36.17
ND HEC F . 9.12 -19.73 41.50
C1D HEC F . 8.49 -19.31 40.34
C2D HEC F . 8.01 -17.96 40.51
C3D HEC F . 8.32 -17.57 41.79
C4D HEC F . 9.12 -18.65 42.36
CMD HEC F . 7.23 -17.10 39.50
CAD HEC F . 7.85 -16.27 42.49
CBD HEC F . 8.85 -15.13 42.46
CGD HEC F . 9.92 -15.30 43.52
O1D HEC F . 9.55 -15.36 44.72
O2D HEC F . 11.11 -15.45 43.15
FE HEC G . -3.84 -16.49 18.01
CHA HEC G . -7.01 -16.93 19.25
CHB HEC G . -4.93 -13.70 16.29
CHC HEC G . -0.64 -15.78 17.09
CHD HEC G . -2.83 -19.40 19.51
NA HEC G . -5.59 -15.53 17.81
C1A HEC G . -6.79 -15.85 18.42
C2A HEC G . -7.82 -14.96 17.96
C3A HEC G . -7.25 -14.10 17.08
C4A HEC G . -5.86 -14.42 17.01
CMA HEC G . -7.87 -12.96 16.31
CAA HEC G . -9.30 -15.06 18.39
CBA HEC G . -10.06 -16.07 17.55
CGA HEC G . -11.54 -16.10 17.86
O1A HEC G . -12.13 -15.04 18.18
O2A HEC G . -12.11 -17.20 17.85
NB HEC G . -2.98 -15.03 16.89
C1B HEC G . -3.57 -13.97 16.24
C2B HEC G . -2.59 -13.15 15.57
C3B HEC G . -1.38 -13.65 15.92
C4B HEC G . -1.62 -14.87 16.68
CMB HEC G . -2.96 -11.94 14.73
CAB HEC G . 0.09 -13.21 15.69
CBB HEC G . 0.33 -11.77 16.19
NC HEC G . -2.10 -17.45 18.18
C1C HEC G . -0.87 -16.97 17.77
C2C HEC G . 0.13 -17.95 18.05
C3C HEC G . -0.49 -19.03 18.60
C4C HEC G . -1.88 -18.66 18.80
CMC HEC G . 1.61 -17.78 17.73
CAC HEC G . -0.04 -20.46 18.99
CBC HEC G . 1.27 -20.55 19.87
ND HEC G . -4.75 -17.86 19.17
C1D HEC G . -4.17 -19.02 19.69
C2D HEC G . -5.14 -19.70 20.53
C3D HEC G . -6.30 -18.99 20.48
C4D HEC G . -6.06 -17.86 19.61
CMD HEC G . -4.85 -20.98 21.32
CAD HEC G . -7.65 -19.22 21.21
CBD HEC G . -7.59 -18.77 22.68
CGD HEC G . -8.72 -19.31 23.56
O1D HEC G . -8.67 -19.13 24.79
O2D HEC G . -9.67 -19.91 23.04
FE HEC H . 4.30 -23.97 26.52
CHA HEC H . 5.29 -26.57 24.44
CHB HEC H . 2.63 -22.54 23.90
CHC HEC H . 3.18 -21.43 28.60
CHD HEC H . 6.00 -25.32 29.10
NA HEC H . 4.03 -24.45 24.54
C1A HEC H . 4.51 -25.57 23.87
C2A HEC H . 4.04 -25.55 22.50
C3A HEC H . 3.36 -24.40 22.32
C4A HEC H . 3.31 -23.73 23.61
CMA HEC H . 2.69 -23.92 21.03
CAA HEC H . 4.27 -26.65 21.53
CBA HEC H . 5.37 -26.25 20.57
CGA HEC H . 5.58 -27.25 19.45
O1A HEC H . 4.89 -28.28 19.41
O2A HEC H . 6.43 -27.01 18.58
NB HEC H . 3.14 -22.33 26.33
C1B HEC H . 2.55 -21.90 25.14
C2B HEC H . 1.85 -20.66 25.38
C3B HEC H . 1.93 -20.39 26.70
C4B HEC H . 2.76 -21.41 27.27
CMB HEC H . 1.21 -19.86 24.27
CAB HEC H . 1.39 -19.24 27.60
CBB HEC H . -0.14 -19.09 27.58
NC HEC H . 4.57 -23.43 28.44
C1C HEC H . 4.03 -22.36 29.14
C2C HEC H . 4.58 -22.30 30.47
C3C HEC H . 5.41 -23.36 30.60
C4C HEC H . 5.35 -24.11 29.35
CMC HEC H . 4.25 -21.25 31.52
CAC HEC H . 6.30 -23.85 31.77
CBC HEC H . 5.53 -24.17 33.08
ND HEC H . 5.40 -25.62 26.72
C1D HEC H . 6.02 -26.02 27.90
C2D HEC H . 6.67 -27.29 27.68
C3D HEC H . 6.52 -27.60 26.38
C4D HEC H . 5.70 -26.58 25.78
CMD HEC H . 7.45 -28.12 28.67
CAD HEC H . 7.09 -28.74 25.58
CBD HEC H . 6.03 -29.79 25.41
CGD HEC H . 6.31 -30.72 24.25
O1D HEC H . 5.35 -31.06 23.53
O2D HEC H . 7.49 -31.06 24.01
N1 LDA I . -14.51 -2.05 -23.62
O1 LDA I . -15.42 -1.25 -23.37
CM1 LDA I . -15.03 -3.39 -23.64
CM2 LDA I . -13.92 -1.79 -24.92
C1 LDA I . -13.48 -1.98 -22.59
C2 LDA I . -13.83 -1.99 -21.10
C3 LDA I . -12.59 -1.86 -20.19
C4 LDA I . -12.95 -1.17 -18.88
C5 LDA I . -12.17 -1.70 -17.68
C6 LDA I . -12.85 -1.24 -16.40
C7 LDA I . -12.47 -2.05 -15.17
C8 LDA I . -13.61 -2.07 -14.17
C9 LDA I . -13.14 -1.78 -12.76
C10 LDA I . -12.93 -3.06 -11.98
C11 LDA I . -12.65 -2.77 -10.51
C12 LDA I . -12.36 -4.10 -9.83
N1 LDA J . -27.38 8.11 -27.91
O1 LDA J . -28.59 8.04 -27.69
CM1 LDA J . -26.69 8.23 -26.65
CM2 LDA J . -26.92 6.91 -28.58
C1 LDA J . -27.08 9.27 -28.72
C2 LDA J . -27.55 9.29 -30.15
C3 LDA J . -27.28 10.64 -30.77
C4 LDA J . -25.92 10.69 -31.39
C5 LDA J . -25.71 12.01 -32.12
C6 LDA J . -24.27 12.13 -32.53
C7 LDA J . -23.85 13.59 -32.71
C8 LDA J . -24.00 14.06 -34.15
C9 LDA J . -23.08 13.29 -35.11
C10 LDA J . -21.72 13.98 -35.31
C11 LDA J . -20.65 13.02 -35.83
C12 LDA J . -20.85 12.62 -37.28
S SO4 K . -14.65 0.94 -30.88
O1 SO4 K . -13.35 1.22 -30.31
O2 SO4 K . -14.51 0.51 -32.23
O3 SO4 K . -15.40 -0.08 -30.16
O4 SO4 K . -15.42 2.12 -30.88
MG BCB L . -0.17 -3.87 2.16
CHA BCB L . 2.23 -4.55 -0.24
CHB BCB L . -1.27 -1.15 0.27
CHC BCB L . -2.65 -3.31 4.43
CHD BCB L . 0.38 -7.05 3.45
NA BCB L . 0.39 -2.97 0.28
C1A BCB L . 1.50 -3.35 -0.49
C2A BCB L . 1.69 -2.32 -1.61
C3A BCB L . 0.39 -1.58 -1.63
C4A BCB L . -0.23 -1.87 -0.29
CMA BCB L . 0.61 -0.08 -1.82
CAA BCB L . 2.01 -2.87 -3.02
CBA BCB L . 1.05 -3.95 -3.52
CGA BCB L . 1.65 -4.82 -4.58
O1A BCB L . 2.73 -5.37 -4.43
O2A BCB L . 1.02 -5.05 -5.73
NB BCB L . -1.66 -2.49 2.33
C1B BCB L . -1.90 -1.42 1.49
C2B BCB L . -2.91 -0.57 2.08
C3B BCB L . -3.33 -1.18 3.21
C4B BCB L . -2.54 -2.38 3.39
CMB BCB L . -3.38 0.73 1.39
CAB BCB L . -4.38 -0.82 4.17
OBB BCB L . -4.82 -1.58 5.02
CBB BCB L . -4.94 0.59 4.13
NC BCB L . -0.97 -5.00 3.69
C1C BCB L . -1.92 -4.51 4.57
C2C BCB L . -2.09 -5.54 5.65
C3C BCB L . -1.32 -6.73 5.21
C4C BCB L . -0.62 -6.30 4.08
CMC BCB L . -1.49 -5.00 6.95
CAC BCB L . -1.26 -8.00 5.74
CBC BCB L . -2.15 -8.48 6.83
ND BCB L . 0.95 -5.49 1.71
C1D BCB L . 1.13 -6.68 2.35
C2D BCB L . 2.26 -7.41 1.80
C3D BCB L . 2.74 -6.61 0.82
C4D BCB L . 1.89 -5.46 0.73
CMD BCB L . 2.83 -8.73 2.33
CAD BCB L . 3.79 -6.42 -0.16
OBD BCB L . 4.74 -7.13 -0.48
CBD BCB L . 3.53 -5.08 -0.89
CGD BCB L . 4.63 -4.12 -0.41
O1D BCB L . 5.10 -3.32 -1.26
O2D BCB L . 5.00 -4.09 0.93
CED BCB L . 5.98 -3.24 1.38
C1 BCB L . 1.63 -6.00 -6.63
C2 BCB L . 1.05 -5.83 -7.88
C3 BCB L . 1.63 -6.28 -9.04
C4 BCB L . 3.00 -7.00 -8.98
C5 BCB L . 0.93 -6.08 -10.38
C6 BCB L . 1.54 -6.72 -11.59
C7 BCB L . 0.75 -6.39 -12.82
C8 BCB L . 1.30 -7.09 -14.05
C9 BCB L . 2.62 -6.46 -14.46
C10 BCB L . 0.31 -7.15 -15.19
C11 BCB L . -0.86 -8.04 -14.88
C12 BCB L . -1.63 -8.32 -16.13
C13 BCB L . -2.81 -9.26 -15.92
C14 BCB L . -2.33 -10.69 -15.74
C15 BCB L . -3.49 -9.10 -17.27
C16 BCB L . -4.98 -9.10 -17.21
C17 BCB L . -5.53 -9.00 -18.60
C18 BCB L . -6.90 -8.36 -18.66
C19 BCB L . -7.14 -8.01 -20.09
C20 BCB L . -6.98 -7.13 -17.79
MG BCB M . -4.03 -8.82 -6.55
CHA BCB M . -7.17 -7.53 -5.85
CHB BCB M . -5.04 -9.19 -9.86
CHC BCB M . -0.75 -9.36 -7.49
CHD BCB M . -2.95 -7.74 -3.47
NA BCB M . -5.86 -8.47 -7.66
C1A BCB M . -7.04 -7.94 -7.16
C2A BCB M . -8.09 -7.89 -8.25
C3A BCB M . -7.52 -8.75 -9.33
C4A BCB M . -6.04 -8.83 -8.98
CMA BCB M . -8.06 -10.17 -9.25
CAA BCB M . -8.28 -6.44 -8.74
CBA BCB M . -6.99 -5.84 -9.28
CGA BCB M . -7.13 -4.45 -9.82
O1A BCB M . -8.21 -3.98 -10.13
O2A BCB M . -5.94 -3.80 -10.10
NB BCB M . -3.08 -9.17 -8.34
C1B BCB M . -3.69 -9.32 -9.58
C2B BCB M . -2.70 -9.65 -10.56
C3B BCB M . -1.49 -9.73 -9.93
C4B BCB M . -1.73 -9.43 -8.51
CMB BCB M . -3.06 -9.90 -12.04
CAB BCB M . -0.15 -10.02 -10.42
OBB BCB M . 0.85 -9.75 -9.76
CBB BCB M . 0.03 -10.47 -11.86
NC BCB M . -2.14 -8.55 -5.61
C1C BCB M . -0.95 -8.98 -6.17
C2C BCB M . 0.10 -8.97 -5.07
C3C BCB M . -0.56 -8.29 -3.92
C4C BCB M . -1.90 -8.16 -4.31
CMC BCB M . 0.46 -10.40 -4.68
CAC BCB M . 0.01 -7.82 -2.77
CBC BCB M . 1.54 -7.99 -2.50
ND BCB M . -4.79 -7.77 -5.06
C1D BCB M . -4.29 -7.58 -3.79
C2D BCB M . -5.37 -7.32 -2.86
C3D BCB M . -6.50 -7.25 -3.60
C4D BCB M . -6.13 -7.53 -4.96
CMD BCB M . -5.25 -7.23 -1.32
CAD BCB M . -7.95 -7.09 -3.59
OBD BCB M . -8.75 -7.05 -2.65
CBD BCB M . -8.43 -7.12 -5.04
CGD BCB M . -9.42 -8.31 -5.14
O1D BCB M . -10.61 -7.98 -5.27
O2D BCB M . -9.06 -9.65 -5.15
CED BCB M . -10.04 -10.60 -5.35
C1 BCB M . -6.03 -2.55 -10.85
C2 BCB M . -6.15 -2.89 -12.26
C3 BCB M . -7.18 -2.50 -13.11
C4 BCB M . -8.37 -1.64 -12.68
C5 BCB M . -7.22 -2.99 -14.55
C6 BCB M . -8.05 -4.26 -14.67
C7 BCB M . -7.28 -5.47 -14.20
C8 BCB M . -8.10 -6.76 -14.20
C9 BCB M . -9.29 -6.66 -13.29
C10 BCB M . -7.27 -7.94 -13.75
C11 BCB M . -7.97 -9.25 -13.91
C12 BCB M . -7.02 -10.35 -13.62
C13 BCB M . -7.50 -11.74 -14.03
C14 BCB M . -8.48 -12.24 -12.99
C15 BCB M . -6.21 -12.53 -13.91
C16 BCB M . -6.17 -13.76 -14.75
C17 BCB M . -6.44 -13.41 -16.19
C18 BCB M . -5.73 -14.30 -17.19
C19 BCB M . -5.89 -15.79 -16.86
C20 BCB M . -6.26 -13.96 -18.60
C1 BPB N . -0.18 -9.00 -21.74
C2 BPB N . -0.81 -10.12 -21.07
C3 BPB N . -2.11 -10.61 -21.00
C4 BPB N . -3.26 -9.94 -21.72
C5 BPB N . -2.46 -11.89 -20.22
C6 BPB N . -1.32 -12.66 -19.57
C7 BPB N . -1.83 -13.89 -18.86
C8 BPB N . -0.72 -14.74 -18.23
C9 BPB N . 0.15 -15.34 -19.31
NA BPB N . -1.57 -3.32 -16.14
NB BPB N . -1.67 -3.46 -13.32
NC BPB N . 0.12 -1.00 -13.05
ND BPB N . 0.26 -0.85 -15.74
C10 BPB N . -1.29 -15.83 -17.32
C11 BPB N . -1.82 -15.33 -15.98
C12 BPB N . -0.72 -15.21 -14.96
C13 BPB N . -1.05 -14.31 -13.79
C14 BPB N . 0.21 -14.09 -12.98
C15 BPB N . -2.18 -14.80 -12.89
C16 BPB N . -2.47 -13.89 -11.73
C17 BPB N . -3.70 -14.28 -10.98
C18 BPB N . -4.12 -13.25 -9.93
C19 BPB N . -5.54 -13.41 -9.49
C1A BPB N . -1.29 -3.04 -17.48
O1A BPB N . 0.37 -7.48 -19.64
C1B BPB N . -2.60 -4.46 -13.59
C1C BPB N . -0.09 -1.36 -11.72
C1D BPB N . 1.01 0.28 -15.57
O1D BPB N . -1.46 -1.81 -21.24
C20 BPB N . -3.19 -13.23 -8.76
C2A BPB N . -1.97 -4.09 -18.35
O2A BPB N . -0.93 -7.80 -21.44
C2B BPB N . -2.99 -5.12 -12.37
C2C BPB N . 0.72 -0.44 -10.86
C2D BPB N . 1.33 0.91 -16.83
O2D BPB N . -2.49 -0.59 -19.57
C3A BPB N . -2.99 -4.71 -17.44
C3B BPB N . -2.41 -4.43 -11.34
C3C BPB N . 1.39 0.53 -11.81
C3D BPB N . 0.78 0.08 -17.77
C4A BPB N . -2.52 -4.32 -16.05
C4B BPB N . -1.59 -3.38 -11.94
C4C BPB N . 0.96 0.13 -13.10
C4D BPB N . 0.12 -0.99 -17.07
CAA BPB N . -0.96 -5.15 -18.81
CAB BPB N . -2.46 -4.56 -9.88
CAC BPB N . 2.47 1.35 -11.56
CAD BPB N . 0.61 -0.19 -19.18
CBA BPB N . -1.48 -5.99 -19.96
CBB BPB N . -2.89 -5.90 -9.31
OBB BPB N . -2.28 -3.64 -9.08
CBC BPB N . 3.11 1.47 -10.17
CBD BPB N . -0.08 -1.55 -19.34
OBD BPB N . 1.05 0.39 -20.16
CED BPB N . -3.72 -0.35 -20.22
CGA BPB N . -0.60 -7.16 -20.32
CGD BPB N . -1.41 -1.28 -20.11
CHA BPB N . -0.49 -1.95 -17.91
CHB BPB N . -2.99 -4.86 -14.86
CHC BPB N . -0.86 -2.43 -11.23
CHD BPB N . 1.34 0.74 -14.30
CMA BPB N . -4.36 -4.12 -17.71
CMB BPB N . -3.87 -6.39 -12.41
CMC BPB N . -0.22 0.29 -9.88
CMD BPB N . 2.11 2.23 -17.04
FE FE2 O . -3.93 15.39 -17.61
C5 MQ9 P . -4.57 7.38 -21.57
C5M MQ9 P . -3.94 6.80 -20.31
C4 MQ9 P . -4.29 8.78 -21.87
O4 MQ9 P . -3.61 9.47 -21.10
C3 MQ9 P . -4.85 9.37 -23.07
C2 MQ9 P . -5.61 8.63 -23.91
C1 MQ9 P . -5.90 7.24 -23.60
O1 MQ9 P . -6.56 6.55 -24.37
C6 MQ9 P . -5.36 6.64 -22.40
C3A MQ9 P . -4.62 10.73 -23.34
C3B MQ9 P . -5.17 11.30 -24.47
C3C MQ9 P . -5.95 10.52 -25.34
C3D MQ9 P . -6.18 9.19 -25.06
C7 MQ9 P . -5.72 5.22 -22.03
C8 MQ9 P . -6.85 5.16 -21.08
C9 MQ9 P . -8.10 4.59 -21.30
C10 MQ9 P . -8.57 3.93 -22.59
C11 MQ9 P . -9.16 4.58 -20.21
C12 MQ9 P . -9.46 3.15 -19.80
C13 MQ9 P . -8.33 2.49 -19.32
C14 MQ9 P . -8.21 1.74 -18.17
C15 MQ9 P . -9.33 1.47 -17.18
C16 MQ9 P . -6.92 1.06 -17.76
C17 MQ9 P . -7.00 -0.46 -17.75
C18 MQ9 P . -7.03 -0.94 -19.10
C19 MQ9 P . -7.64 -2.13 -19.44
C20 MQ9 P . -8.31 -3.04 -18.38
C21 MQ9 P . -7.67 -2.64 -20.84
C22 MQ9 P . -6.78 -3.85 -20.77
C23 MQ9 P . -6.65 -4.45 -22.07
C24 MQ9 P . -5.65 -5.22 -22.65
C25 MQ9 P . -4.35 -5.62 -21.95
C26 MQ9 P . -5.85 -5.71 -24.09
C27 MQ9 P . -5.81 -7.22 -24.25
C28 MQ9 P . -5.81 -7.54 -25.70
C29 MQ9 P . -5.02 -8.46 -26.38
C30 MQ9 P . -3.97 -9.32 -25.68
C31 MQ9 P . -5.09 -8.68 -27.89
C32 MQ9 P . -3.80 -8.12 -28.47
C33 MQ9 P . -3.78 -8.27 -29.88
C34 MQ9 P . -2.65 -8.45 -30.68
C35 MQ9 P . -1.23 -8.56 -30.15
C36 MQ9 P . -2.70 -8.60 -32.18
C37 MQ9 P . -3.05 -10.05 -32.41
C38 MQ9 P . -4.48 -10.10 -32.44
C39 MQ9 P . -5.53 -10.95 -32.04
C40 MQ9 P . -7.03 -10.55 -32.28
C41 MQ9 P . -5.42 -12.32 -31.35
C42 MQ9 P . -6.04 -12.15 -29.95
C43 MQ9 P . -5.69 -13.23 -29.03
C44 MQ9 P . -5.73 -13.39 -27.64
C45 MQ9 P . -6.18 -12.28 -26.62
C46 MQ9 P . -5.26 -14.73 -26.98
C47 MQ9 P . -5.60 -16.04 -27.72
C48 MQ9 P . -5.38 -17.28 -26.94
C49 MQ9 P . -5.89 -17.68 -25.70
C50 MQ9 P . -6.84 -16.85 -24.76
C51 MQ9 P . -5.59 -19.06 -25.04
N1 MST Q . -2.45 20.78 -10.26
C2 MST Q . -2.52 20.00 -9.20
S7 MST Q . -3.44 18.51 -9.46
C8 MST Q . -3.21 17.61 -7.92
N3 MST Q . -2.04 20.18 -7.98
C4 MST Q . -1.29 21.35 -7.90
N9 MST Q . -0.74 21.63 -6.70
C10 MST Q . -0.53 20.74 -5.57
C11 MST Q . 0.36 21.45 -4.54
C12 MST Q . 0.17 19.46 -6.05
C13 MST Q . -1.90 20.40 -4.94
N5 MST Q . -1.19 22.25 -8.84
C6 MST Q . -1.78 21.95 -9.99
N14 MST Q . -1.68 22.83 -11.02
C15 MST Q . -2.24 22.66 -12.35
C16 MST Q . -1.74 23.73 -13.23
N1 LDA R . -19.61 -17.54 -6.70
O1 LDA R . -20.07 -18.66 -6.96
CM1 LDA R . -18.62 -17.67 -5.65
CM2 LDA R . -18.96 -16.99 -7.90
C1 LDA R . -20.72 -16.61 -6.23
C2 LDA R . -20.75 -15.15 -5.73
C3 LDA R . -22.05 -14.80 -4.96
C4 LDA R . -21.90 -13.50 -4.13
C5 LDA R . -20.69 -13.52 -3.20
C6 LDA R . -19.52 -12.78 -3.81
C7 LDA R . -18.20 -13.12 -3.15
C8 LDA R . -17.07 -12.21 -3.64
C9 LDA R . -15.93 -12.10 -2.63
C10 LDA R . -14.90 -11.05 -3.03
C11 LDA R . -13.90 -10.82 -1.92
C12 LDA R . -12.90 -9.74 -2.25
MG BCB S . -3.57 7.09 7.93
CHA BCB S . -0.27 6.40 6.96
CHB BCB S . -2.68 10.41 8.39
CHC BCB S . -6.89 7.93 8.22
CHD BCB S . -4.49 3.95 6.79
NA BCB S . -1.70 8.22 7.79
C1A BCB S . -0.46 7.74 7.37
C2A BCB S . 0.55 8.86 7.37
C3A BCB S . -0.14 9.96 8.16
C4A BCB S . -1.61 9.57 8.14
CMA BCB S . 0.33 9.94 9.61
CAA BCB S . 0.81 9.33 5.94
CBA BCB S . -0.47 9.64 5.18
CGA BCB S . -0.26 10.07 3.76
O1A BCB S . 0.88 10.21 3.30
O2A BCB S . -1.41 10.35 2.92
NB BCB S . -4.61 8.86 8.13
C1B BCB S . -4.05 10.10 8.37
C2B BCB S . -5.11 11.05 8.59
C3B BCB S . -6.30 10.38 8.52
C4B BCB S . -5.98 8.97 8.30
CMB BCB S . -4.91 12.53 8.87
CAB BCB S . -7.69 10.82 8.69
OBB BCB S . -7.92 11.88 9.27
CBB BCB S . -8.86 10.11 8.05
NC BCB S . -5.40 6.10 7.53
C1C BCB S . -6.63 6.61 7.88
C2C BCB S . -7.65 5.51 7.80
C3C BCB S . -6.93 4.38 7.11
C4C BCB S . -5.55 4.78 7.10
CMC BCB S . -8.07 5.06 9.22
CAC BCB S . -7.50 3.33 6.37
CBC BCB S . -9.00 3.02 6.28
ND BCB S . -2.66 5.54 7.03
C1D BCB S . -3.12 4.26 6.78
C2D BCB S . -2.00 3.33 6.58
C3D BCB S . -0.88 4.12 6.64
C4D BCB S . -1.30 5.46 6.90
CMD BCB S . -2.10 1.81 6.35
CAD BCB S . 0.56 4.15 6.52
OBD BCB S . 1.37 3.25 6.31
CBD BCB S . 1.02 5.61 6.67
CGD BCB S . 1.82 5.66 7.98
O1D BCB S . 3.00 5.99 7.85
O2D BCB S . 1.31 5.32 9.21
CED BCB S . 2.16 5.08 10.26
C1 BCB S . -1.16 10.97 1.64
C2 BCB S . -0.86 12.35 1.87
C3 BCB S . -1.51 13.49 1.43
C4 BCB S . -2.74 13.27 0.58
C5 BCB S . -0.97 14.88 1.82
C6 BCB S . -1.21 16.01 0.85
C7 BCB S . -0.23 16.00 -0.35
C8 BCB S . -0.70 16.77 -1.60
C9 BCB S . 0.22 16.59 -2.83
C10 BCB S . -1.23 18.20 -1.43
C11 BCB S . -0.30 19.15 -0.69
C12 BCB S . -1.09 20.04 0.27
C13 BCB S . -0.26 21.14 0.96
C14 BCB S . -1.11 21.95 1.99
C15 BCB S . 0.37 22.02 -0.14
C16 BCB S . 1.70 22.70 0.22
C17 BCB S . 1.47 24.15 0.70
C18 BCB S . 2.71 25.05 0.62
C19 BCB S . 2.39 26.52 1.00
C20 BCB S . 3.40 24.97 -0.75
MG BCB T . -7.30 -2.57 3.69
CHA BCB T . -9.60 0.02 3.90
CHB BCB T . -6.13 -1.26 0.70
CHC BCB T . -5.19 -5.21 3.40
CHD BCB T . -7.95 -3.35 7.00
NA BCB T . -7.78 -0.83 2.49
C1A BCB T . -8.83 0.05 2.73
C2A BCB T . -8.87 1.09 1.64
C3A BCB T . -7.66 0.80 0.80
C4A BCB T . -7.13 -0.50 1.31
CMA BCB T . -8.03 0.73 -0.68
CAA BCB T . -8.74 2.41 2.35
CBA BCB T . -9.08 3.55 1.50
CGA BCB T . -8.17 4.71 1.73
O1A BCB T . -7.64 5.25 0.77
O2A BCB T . -7.92 5.28 2.98
NB BCB T . -5.90 -3.13 2.30
C1B BCB T . -5.58 -2.46 1.15
C2B BCB T . -4.62 -3.23 0.41
C3B BCB T . -4.33 -4.33 1.13
C4B BCB T . -5.17 -4.29 2.33
CMB BCB T . -4.12 -2.68 -0.93
CAB BCB T . -3.35 -5.39 0.96
OBB BCB T . -3.23 -6.38 1.65
CBB BCB T . -2.36 -5.24 -0.18
NC BCB T . -6.64 -3.99 5.01
C1C BCB T . -5.88 -5.08 4.61
C2C BCB T . -5.90 -6.06 5.74
C3C BCB T . -6.41 -5.29 6.92
C4C BCB T . -7.00 -4.15 6.36
CMC BCB T . -6.91 -7.19 5.38
CAC BCB T . -6.16 -5.49 8.26
CBC BCB T . -5.41 -6.70 8.83
ND BCB T . -8.41 -1.79 5.18
C1D BCB T . -8.64 -2.25 6.45
C2D BCB T . -9.75 -1.54 7.06
C3D BCB T . -10.17 -0.65 6.10
C4D BCB T . -9.31 -0.80 4.97
CMD BCB T . -10.28 -1.81 8.47
CAD BCB T . -11.16 0.35 5.73
OBD BCB T . -11.92 1.00 6.42
CBD BCB T . -10.92 0.73 4.26
CGD BCB T . -12.02 0.00 3.43
O1D BCB T . -12.05 0.26 2.22
O2D BCB T . -12.92 -0.89 3.95
CED BCB T . -13.98 -1.28 3.11
C1 BCB T . -7.10 6.49 2.99
C2 BCB T . -7.94 7.64 2.71
C3 BCB T . -8.55 8.39 3.70
C4 BCB T . -8.41 8.05 5.20
C5 BCB T . -9.39 9.60 3.40
C6 BCB T . -9.04 10.85 4.15
C7 BCB T . -9.83 12.03 3.61
C8 BCB T . -9.81 13.27 4.51
C9 BCB T . -10.65 14.40 3.92
C10 BCB T . -8.41 13.79 4.84
C11 BCB T . -8.42 14.85 5.91
C12 BCB T . -7.04 15.18 6.36
C13 BCB T . -7.00 16.34 7.35
C14 BCB T . -5.77 17.16 7.12
C15 BCB T . -6.96 15.85 8.78
C16 BCB T . -6.68 16.95 9.77
C17 BCB T . -6.17 16.39 11.08
C18 BCB T . -6.99 16.81 12.30
C19 BCB T . -6.39 16.22 13.56
C20 BCB T . -7.16 18.31 12.41
C1 BPB U . -8.71 21.01 7.22
C2 BPB U . -8.00 21.97 8.03
C3 BPB U . -7.17 21.75 9.12
C4 BPB U . -6.90 20.37 9.69
C5 BPB U . -6.39 22.81 9.86
C6 BPB U . -4.94 22.47 9.81
C7 BPB U . -4.20 23.19 10.90
C8 BPB U . -2.71 22.81 10.99
C9 BPB U . -1.91 23.35 9.81
NA BPB U . -6.66 15.99 1.43
NB BPB U . -6.12 13.14 1.89
NC BPB U . -7.88 12.27 -0.38
ND BPB U . -8.37 14.98 -0.84
C10 BPB U . -1.92 22.84 12.31
C11 BPB U . -1.66 24.23 12.90
C12 BPB U . -1.22 24.17 14.37
C13 BPB U . -0.79 25.51 14.95
C14 BPB U . 0.46 26.02 14.26
C15 BPB U . -0.69 25.71 16.47
C16 BPB U . -0.64 27.18 16.88
C17 BPB U . 0.02 27.35 18.24
C18 BPB U . 0.30 28.82 18.60
C19 BPB U . 1.35 29.41 17.66
C1A BPB U . -7.16 17.23 1.07
O1A BPB U . -9.45 19.38 5.16
C1B BPB U . -5.30 13.70 2.85
C1C BPB U . -7.53 11.05 0.15
C1D BPB U . -9.05 14.53 -1.92
O1D BPB U . -7.67 20.81 -0.55
C20 BPB U . 0.74 28.94 20.04
C2A BPB U . -6.65 18.28 2.03
O2A BPB U . -7.80 20.57 6.18
C2B BPB U . -4.75 12.65 3.66
C2C BPB U . -8.07 9.98 -0.74
C2D BPB U . -9.54 15.65 -2.71
O2D BPB U . -6.39 19.26 -1.70
C3A BPB U . -5.50 17.60 2.72
C3B BPB U . -5.21 11.48 3.17
C3C BPB U . -8.72 10.71 -1.89
C3D BPB U . -9.24 16.78 -1.99
C4A BPB U . -5.73 16.13 2.45
C4B BPB U . -6.07 11.79 2.04
C4C BPB U . -8.62 12.08 -1.53
C4D BPB U . -8.49 16.36 -0.85
CAA BPB U . -7.74 18.62 3.04
CAB BPB U . -5.01 10.10 3.59
CAC BPB U . -9.26 10.21 -3.06
CAD BPB U . -9.36 18.23 -1.90
CBA BPB U . -7.37 19.73 3.98
CBB BPB U . -4.65 9.17 2.47
OBB BPB U . -4.85 9.70 4.74
CBC BPB U . -9.45 8.76 -3.46
CBD BPB U . -8.68 18.69 -0.58
OBD BPB U . -9.96 19.04 -2.60
CED BPB U . -5.52 20.19 -2.22
CGA BPB U . -8.31 19.86 5.16
CGD BPB U . -7.53 19.63 -0.98
CHA BPB U . -8.03 17.41 -0.03
CHB BPB U . -5.11 15.06 3.10
CHC BPB U . -6.72 10.84 1.25
CHD BPB U . -9.17 13.16 -2.24
CMA BPB U . -4.18 18.05 2.11
CMB BPB U . -3.85 12.86 4.87
CMC BPB U . -6.96 9.06 -1.24
CMD BPB U . -10.18 15.53 -4.05
C1 NS5 V . 3.49 21.50 14.86
CM1 NS5 V . 4.45 21.12 13.74
CM2 NS5 V . 3.92 22.80 15.52
C2 NS5 V . 2.05 21.62 14.33
C3 NS5 V . 1.44 20.30 13.88
C4 NS5 V . 1.23 19.35 15.06
C5 NS5 V . 0.73 18.01 14.64
C6 NS5 V . 1.61 17.30 13.67
C7 NS5 V . -0.19 17.37 15.36
C8 NS5 V . -0.95 16.20 14.86
C9 NS5 V . -1.32 15.19 15.96
C10 NS5 V . -1.45 13.74 15.41
C11 NS5 V . -0.17 13.00 15.25
C12 NS5 V . -2.67 13.16 15.24
C13 NS5 V . -2.99 11.89 14.58
C14 NS5 V . -3.81 11.75 13.52
C15 NS5 V . -4.34 10.50 12.98
C16 NS5 V . -3.38 9.78 12.13
C17 NS5 V . -5.68 10.27 12.95
C18 NS5 V . -6.37 9.31 12.16
C19 NS5 V . -7.69 9.11 11.99
C20 NS5 V . -8.79 9.50 12.83
C21 NS5 V . -10.10 9.39 12.49
C22 NS5 V . -10.55 9.12 11.12
C23 NS5 V . -11.15 9.66 13.45
C24 NS5 V . -12.30 10.31 13.17
C25 NS5 V . -13.35 10.61 14.12
C26 NS5 V . -14.48 11.30 13.86
C27 NS5 V . -14.75 11.96 12.55
C28 NS5 V . -15.55 11.46 14.86
C29 NS5 V . -16.74 12.03 14.59
C30 NS5 V . -17.74 12.44 15.57
C31 NS5 V . -18.77 13.30 15.41
C32 NS5 V . -19.14 13.86 14.11
C33 NS5 V . -19.58 13.82 16.58
C34 NS5 V . -20.69 12.88 16.98
C35 NS5 V . -21.24 13.21 18.33
C36 NS5 V . -22.41 12.77 18.82
CM3 NS5 V . -23.51 12.29 17.95
CM4 NS5 V . -22.81 13.00 20.23
N1 LDA W . -18.86 32.51 0.33
O1 LDA W . -19.92 32.79 -0.31
CM1 LDA W . -18.19 31.37 -0.27
CM2 LDA W . -17.94 33.65 0.29
C1 LDA W . -19.17 32.18 1.75
C2 LDA W . -18.25 31.88 2.94
C3 LDA W . -18.94 31.07 4.02
C4 LDA W . -17.99 30.81 5.16
C5 LDA W . -18.51 29.74 6.10
C6 LDA W . -17.55 29.53 7.24
C7 LDA W . -17.57 28.08 7.71
C8 LDA W . -18.53 27.88 8.87
C9 LDA W . -18.53 26.43 9.33
C10 LDA W . -19.30 25.54 8.37
C11 LDA W . -19.65 24.20 8.99
C12 LDA W . -18.73 23.06 8.64
N1 LDA X . -10.92 -4.97 -25.54
O1 LDA X . -11.61 -4.04 -25.95
CM1 LDA X . -11.19 -6.19 -26.27
CM2 LDA X . -9.51 -4.69 -25.64
C1 LDA X . -11.25 -5.20 -24.11
C2 LDA X . -10.91 -6.03 -22.87
C3 LDA X . -11.85 -5.71 -21.70
C4 LDA X . -11.34 -6.31 -20.39
C5 LDA X . -12.12 -5.80 -19.18
C6 LDA X . -11.64 -6.38 -17.86
C7 LDA X . -12.40 -5.74 -16.68
C8 LDA X . -12.15 -6.45 -15.34
C9 LDA X . -13.29 -7.41 -14.96
C10 LDA X . -13.45 -7.57 -13.41
C11 LDA X . -12.72 -8.80 -12.81
C12 LDA X . -12.67 -9.16 -11.28
N1 LDA Y . -5.65 12.20 30.49
O1 LDA Y . -5.08 11.48 29.68
CM1 LDA Y . -6.95 11.64 30.84
CM2 LDA Y . -4.88 12.32 31.70
C1 LDA Y . -5.85 13.53 29.92
C2 LDA Y . -6.38 14.73 30.69
C3 LDA Y . -6.79 15.85 29.74
C4 LDA Y . -5.61 16.66 29.25
C5 LDA Y . -5.98 17.43 28.00
C6 LDA Y . -7.06 18.47 28.28
C7 LDA Y . -7.55 19.10 26.99
C8 LDA Y . -6.79 20.35 26.64
C9 LDA Y . -7.11 20.78 25.23
C10 LDA Y . -6.84 22.25 25.01
C11 LDA Y . -7.71 22.79 23.88
C12 LDA Y . -7.61 24.28 23.59
S SO4 Z . -19.75 17.50 -16.52
O1 SO4 Z . -18.36 17.68 -16.67
O2 SO4 Z . -19.97 16.30 -15.87
O3 SO4 Z . -20.30 18.48 -15.74
O4 SO4 Z . -20.30 17.50 -17.79
S SO4 AA . 14.67 11.03 -28.78
O1 SO4 AA . 15.57 10.39 -29.63
O2 SO4 AA . 13.47 11.14 -29.45
O3 SO4 AA . 14.38 10.31 -27.59
O4 SO4 AA . 15.15 12.30 -28.41
S SO4 BA . -14.58 31.67 1.30
O1 SO4 BA . -14.63 32.08 2.61
O2 SO4 BA . -14.88 32.67 0.43
O3 SO4 BA . -13.36 31.08 0.95
O4 SO4 BA . -15.53 30.68 1.30
#